data_9AY6
#
_entry.id   9AY6
#
_cell.length_a   1.00
_cell.length_b   1.00
_cell.length_c   1.00
_cell.angle_alpha   90.00
_cell.angle_beta   90.00
_cell.angle_gamma   90.00
#
_symmetry.space_group_name_H-M   'P 1'
#
loop_
_entity.id
_entity.type
_entity.pdbx_description
1 polymer 'Surface protein gp120'
2 polymer 'Transmembrane protein gp41'
3 polymer 'NHP Polyclonal Antibody V5 Epitope - Predicted Light Chain'
4 polymer 'NHP Polyclonal Antibody V5 Epitope - Predicted Heavy Chain'
5 branched 2-acetamido-2-deoxy-beta-D-glucopyranose-(1-4)-2-acetamido-2-deoxy-beta-D-glucopyranose
6 branched alpha-D-mannopyranose-(1-3)-beta-D-mannopyranose-(1-4)-2-acetamido-2-deoxy-beta-D-glucopyranose-(1-4)-2-acetamido-2-deoxy-beta-D-glucopyranose
7 branched beta-D-mannopyranose-(1-4)-2-acetamido-2-deoxy-beta-D-glucopyranose
8 branched alpha-D-mannopyranose-(1-3)-[alpha-D-mannopyranose-(1-6)]beta-D-mannopyranose-(1-4)-2-acetamido-2-deoxy-beta-D-glucopyranose-(1-4)-2-acetamido-2-deoxy-beta-D-glucopyranose
9 branched beta-D-mannopyranose-(1-4)-2-acetamido-2-deoxy-beta-D-glucopyranose-(1-4)-2-acetamido-2-deoxy-beta-D-glucopyranose
10 non-polymer 2-acetamido-2-deoxy-beta-D-glucopyranose
#
loop_
_entity_poly.entity_id
_entity_poly.type
_entity_poly.pdbx_seq_one_letter_code
_entity_poly.pdbx_strand_id
1 'polypeptide(L)'
;MDAMKRGLCCVLLLCGAVFVSPSQEIHARFRRGARAENLWVTVYYGVPVWKDAETTLFCASDAKAYETKKHNVWATHCCV
PTDPNPQEIHLENVTEEFNMWKNNMVEQMHTDIISLWDQSLKPCVKLTPLCVTLQCTNVTNNITDDMRGELKNCSFNMTT
ELRDKKQKVYSLFYRLDVVQINENQGNRSNNSNKEYRLINCNTSAITQACPKVSFEPIPIHYCAPAGFAILKCKDKKFNG
TGPCTNVSTVQCTHGIKPVVSTQLLLNGSLAEEEVIIRSENITNNAKNILVQLNESVQINCTRPNNNTRKSIRIGPGQWF
YATGDIIGDIRQAHCNVSKATWNETLGKVVKQLRKHFGNNTIIRFANSSGGDLEVTTHSFNCGGEFFYCNTSGLFNSTWI
SNTSVQGSNSTGSNDSITLPCRIKQIINMWQRIGQAMYAPPIQGVIRCVSNITGLILTRDGGSTNSTTETFRPGGGDMRD
NWRSELYKYKVVKIEPLGVAPTRCKRRVVGRRRR
;
A,C,E
2 'polypeptide(L)'
;RRAVGIGAVFLGFLGAAGSTMGAASMTLTVQARNLLSGIVQQQSNLLRAPECQQHLLKLTVWGIKQLQARVLAVERYLRD
QQLLGIWGCSGKLICCTNVPWNSTWSNRNLSEIWDNMTWLQWDKEISNYTQIIYGLLEESQNQQEKNEQDLLALD
;
B,D,F
3 'polypeptide(L)'
;(UNK)(UNK)(UNK)(UNK)(UNK)(UNK)(UNK)(UNK)(UNK)(UNK)(UNK)(UNK)(UNK)(UNK)(UNK)(UNK)
(UNK)(UNK)(UNK)(UNK)(UNK)(UNK)(UNK)(UNK)(UNK)(UNK)(UNK)(UNK)(UNK)(UNK)(UNK)(UNK)
(UNK)(UNK)(UNK)(UNK)(UNK)(UNK)(UNK)(UNK)(UNK)(UNK)(UNK)(UNK)(UNK)(UNK)(UNK)(UNK)
(UNK)(UNK)(UNK)(UNK)(UNK)(UNK)(UNK)(UNK)(UNK)(UNK)(UNK)(UNK)(UNK)(UNK)(UNK)(UNK)
(UNK)(UNK)(UNK)(UNK)(UNK)(UNK)(UNK)(UNK)(UNK)(UNK)(UNK)(UNK)(UNK)(UNK)(UNK)(UNK)
(UNK)(UNK)(UNK)(UNK)(UNK)(UNK)(UNK)(UNK)(UNK)(UNK)(UNK)(UNK)(UNK)(UNK)(UNK)(UNK)
(UNK)(UNK)(UNK)(UNK)(UNK)(UNK)
;
H
4 'polypeptide(L)'
;(UNK)(UNK)(UNK)(UNK)(UNK)(UNK)(UNK)(UNK)(UNK)(UNK)(UNK)(UNK)(UNK)(UNK)(UNK)(UNK)
(UNK)(UNK)(UNK)(UNK)(UNK)(UNK)(UNK)(UNK)(UNK)(UNK)(UNK)(UNK)(UNK)(UNK)(UNK)(UNK)
(UNK)(UNK)(UNK)(UNK)(UNK)(UNK)(UNK)(UNK)(UNK)(UNK)(UNK)(UNK)(UNK)(UNK)(UNK)(UNK)
(UNK)(UNK)(UNK)(UNK)(UNK)(UNK)(UNK)(UNK)(UNK)(UNK)(UNK)(UNK)(UNK)(UNK)(UNK)(UNK)
(UNK)(UNK)(UNK)(UNK)(UNK)(UNK)(UNK)(UNK)(UNK)(UNK)(UNK)(UNK)(UNK)(UNK)(UNK)(UNK)
(UNK)(UNK)(UNK)(UNK)(UNK)(UNK)(UNK)(UNK)(UNK)(UNK)(UNK)(UNK)(UNK)(UNK)(UNK)(UNK)
(UNK)(UNK)(UNK)(UNK)(UNK)(UNK)(UNK)(UNK)(UNK)(UNK)(UNK)(UNK)(UNK)(UNK)(UNK)(UNK)
(UNK)(UNK)(UNK)(UNK)(UNK)
;
L
#
# COMPACT_ATOMS: atom_id res chain seq x y z
N TRP A 40 0.77 24.20 -47.78
CA TRP A 40 1.99 23.42 -47.94
C TRP A 40 2.31 22.61 -46.68
N VAL A 41 1.99 23.15 -45.51
CA VAL A 41 2.37 22.50 -44.26
C VAL A 41 1.50 21.27 -44.03
N THR A 42 2.16 20.13 -43.86
CA THR A 42 1.53 18.89 -43.42
C THR A 42 2.01 18.60 -42.01
N VAL A 43 1.09 18.28 -41.12
CA VAL A 43 1.41 17.86 -39.77
C VAL A 43 1.32 16.35 -39.73
N TYR A 44 2.47 15.70 -39.56
CA TYR A 44 2.56 14.24 -39.49
C TYR A 44 2.65 13.82 -38.03
N TYR A 45 1.78 12.89 -37.65
CA TYR A 45 1.78 12.28 -36.33
C TYR A 45 2.20 10.82 -36.49
N GLY A 46 2.97 10.32 -35.55
CA GLY A 46 3.62 9.03 -35.69
C GLY A 46 4.95 9.08 -36.40
N VAL A 47 5.61 10.22 -36.43
CA VAL A 47 6.89 10.34 -37.14
C VAL A 47 7.96 9.65 -36.29
N PRO A 48 8.95 8.96 -36.91
CA PRO A 48 10.06 8.43 -36.11
C PRO A 48 11.13 9.48 -35.84
N VAL A 49 10.91 10.31 -34.81
CA VAL A 49 11.84 11.37 -34.43
C VAL A 49 12.43 11.01 -33.06
N TRP A 50 13.66 11.47 -32.82
CA TRP A 50 14.41 11.14 -31.61
C TRP A 50 14.81 12.41 -30.87
N LYS A 51 14.92 12.28 -29.55
CA LYS A 51 15.58 13.29 -28.73
C LYS A 51 16.36 12.59 -27.62
N ASP A 52 17.55 13.11 -27.33
CA ASP A 52 18.32 12.60 -26.21
C ASP A 52 17.71 13.12 -24.91
N ALA A 53 17.23 12.20 -24.07
CA ALA A 53 16.46 12.58 -22.90
C ALA A 53 16.72 11.58 -21.77
N GLU A 54 16.37 12.01 -20.57
CA GLU A 54 16.53 11.22 -19.36
C GLU A 54 15.17 10.91 -18.77
N THR A 55 15.00 9.67 -18.31
CA THR A 55 13.71 9.24 -17.80
C THR A 55 13.92 8.09 -16.82
N THR A 56 12.84 7.73 -16.13
CA THR A 56 12.90 6.63 -15.18
C THR A 56 12.60 5.31 -15.90
N LEU A 57 13.63 4.49 -16.06
CA LEU A 57 13.48 3.14 -16.56
C LEU A 57 12.95 2.25 -15.44
N PHE A 58 12.27 1.17 -15.82
CA PHE A 58 11.88 0.14 -14.88
C PHE A 58 12.62 -1.15 -15.22
N CYS A 59 12.61 -2.09 -14.29
CA CYS A 59 13.43 -3.28 -14.39
C CYS A 59 12.58 -4.54 -14.34
N ALA A 60 13.09 -5.59 -14.99
CA ALA A 60 12.39 -6.86 -15.13
C ALA A 60 13.38 -7.99 -14.90
N SER A 61 12.94 -9.02 -14.19
CA SER A 61 13.76 -10.19 -13.93
C SER A 61 13.46 -11.26 -14.97
N ASP A 62 14.52 -11.90 -15.47
CA ASP A 62 14.36 -12.85 -16.56
C ASP A 62 13.64 -14.11 -16.09
N ALA A 63 12.43 -14.32 -16.62
CA ALA A 63 11.66 -15.55 -16.49
C ALA A 63 11.00 -15.75 -15.13
N LYS A 64 11.37 -14.97 -14.12
CA LYS A 64 10.81 -15.11 -12.76
C LYS A 64 10.93 -16.54 -12.25
N ALA A 65 12.09 -17.14 -12.50
CA ALA A 65 12.30 -18.53 -12.07
C ALA A 65 12.30 -18.62 -10.55
N TYR A 66 11.60 -19.64 -10.04
CA TYR A 66 11.51 -19.90 -8.62
C TYR A 66 12.53 -20.94 -8.15
N GLU A 67 13.65 -21.07 -8.86
CA GLU A 67 14.72 -21.93 -8.37
C GLU A 67 15.30 -21.41 -7.07
N THR A 68 15.48 -20.10 -6.96
CA THR A 68 16.12 -19.46 -5.81
C THR A 68 15.17 -19.21 -4.66
N LYS A 69 14.07 -18.49 -4.90
CA LYS A 69 13.12 -18.06 -3.86
C LYS A 69 13.93 -17.34 -2.77
N LYS A 70 13.70 -17.61 -1.49
CA LYS A 70 14.48 -17.04 -0.39
C LYS A 70 14.45 -15.52 -0.40
N HIS A 71 13.37 -14.95 -0.94
CA HIS A 71 13.19 -13.50 -0.99
C HIS A 71 14.39 -12.81 -1.64
N ASN A 72 14.88 -13.40 -2.74
CA ASN A 72 16.01 -12.82 -3.45
C ASN A 72 15.71 -11.39 -3.85
N VAL A 73 16.56 -10.46 -3.41
CA VAL A 73 16.27 -9.04 -3.55
C VAL A 73 16.15 -8.66 -5.02
N TRP A 74 16.94 -9.29 -5.88
CA TRP A 74 16.84 -9.03 -7.31
C TRP A 74 15.67 -9.72 -7.97
N ALA A 75 15.10 -10.76 -7.34
CA ALA A 75 13.86 -11.35 -7.80
C ALA A 75 12.64 -10.67 -7.20
N THR A 76 12.69 -10.30 -5.92
CA THR A 76 11.60 -9.54 -5.33
C THR A 76 11.41 -8.21 -6.04
N HIS A 77 12.49 -7.47 -6.23
CA HIS A 77 12.46 -6.31 -7.09
C HIS A 77 12.45 -6.75 -8.56
N CYS A 78 12.04 -5.84 -9.43
CA CYS A 78 11.86 -6.16 -10.85
C CYS A 78 10.82 -7.24 -11.02
N CYS A 79 9.59 -6.96 -10.55
CA CYS A 79 8.55 -7.97 -10.54
C CYS A 79 8.10 -8.35 -11.95
N VAL A 80 8.02 -7.37 -12.84
CA VAL A 80 7.37 -7.58 -14.13
C VAL A 80 8.14 -8.62 -14.94
N PRO A 81 7.48 -9.63 -15.52
CA PRO A 81 8.23 -10.58 -16.35
C PRO A 81 8.85 -9.91 -17.56
N THR A 82 10.03 -10.40 -17.94
CA THR A 82 10.68 -9.93 -19.14
C THR A 82 9.95 -10.44 -20.37
N ASP A 83 10.33 -9.91 -21.53
CA ASP A 83 9.83 -10.45 -22.78
C ASP A 83 10.38 -11.86 -22.93
N PRO A 84 9.55 -12.90 -23.10
CA PRO A 84 10.12 -14.23 -23.34
C PRO A 84 10.88 -14.34 -24.65
N ASN A 85 10.63 -13.44 -25.60
CA ASN A 85 11.35 -13.42 -26.88
C ASN A 85 11.51 -11.96 -27.30
N PRO A 86 12.54 -11.27 -26.79
CA PRO A 86 12.75 -9.87 -27.18
C PRO A 86 12.98 -9.73 -28.67
N GLN A 87 12.46 -8.64 -29.24
CA GLN A 87 12.51 -8.38 -30.67
C GLN A 87 13.36 -7.13 -30.91
N GLU A 88 14.66 -7.32 -31.03
CA GLU A 88 15.57 -6.24 -31.42
C GLU A 88 15.28 -5.88 -32.87
N ILE A 89 15.32 -4.58 -33.15
CA ILE A 89 15.03 -4.05 -34.48
C ILE A 89 16.26 -3.31 -34.98
N HIS A 90 16.78 -3.74 -36.13
CA HIS A 90 17.89 -3.06 -36.76
C HIS A 90 17.40 -1.88 -37.59
N LEU A 91 18.14 -0.78 -37.52
CA LEU A 91 17.81 0.45 -38.24
C LEU A 91 18.81 0.65 -39.36
N GLU A 92 18.35 0.43 -40.60
CA GLU A 92 19.23 0.54 -41.75
C GLU A 92 19.63 1.99 -42.01
N ASN A 93 20.91 2.19 -42.32
CA ASN A 93 21.44 3.51 -42.68
C ASN A 93 21.21 4.53 -41.56
N VAL A 94 21.38 4.09 -40.32
CA VAL A 94 21.22 4.93 -39.14
C VAL A 94 22.54 4.98 -38.40
N THR A 95 23.22 6.12 -38.47
CA THR A 95 24.42 6.40 -37.70
C THR A 95 24.04 7.35 -36.59
N GLU A 96 24.37 6.98 -35.35
CA GLU A 96 23.91 7.74 -34.18
C GLU A 96 25.07 7.88 -33.20
N GLU A 97 25.03 8.98 -32.44
CA GLU A 97 26.08 9.28 -31.47
C GLU A 97 25.75 8.66 -30.13
N PHE A 98 26.77 8.15 -29.45
CA PHE A 98 26.66 7.59 -28.11
C PHE A 98 27.70 8.25 -27.21
N ASN A 99 27.43 8.22 -25.91
CA ASN A 99 28.34 8.77 -24.92
C ASN A 99 28.09 8.04 -23.61
N MET A 100 28.95 7.10 -23.27
CA MET A 100 28.76 6.31 -22.05
C MET A 100 29.08 7.11 -20.80
N TRP A 101 29.88 8.17 -20.89
CA TRP A 101 30.18 9.02 -19.74
C TRP A 101 29.21 10.17 -19.58
N LYS A 102 28.20 10.28 -20.46
CA LYS A 102 27.05 11.15 -20.24
C LYS A 102 25.76 10.34 -20.21
N ASN A 103 25.85 9.04 -19.89
CA ASN A 103 24.72 8.14 -19.93
C ASN A 103 24.02 8.17 -18.59
N ASN A 104 22.78 8.66 -18.56
CA ASN A 104 22.04 8.73 -17.31
C ASN A 104 21.49 7.38 -16.88
N MET A 105 21.59 6.34 -17.71
CA MET A 105 21.25 5.00 -17.26
C MET A 105 22.14 4.58 -16.11
N VAL A 106 23.43 4.93 -16.15
CA VAL A 106 24.35 4.52 -15.10
C VAL A 106 23.93 5.12 -13.77
N GLU A 107 23.58 6.41 -13.76
CA GLU A 107 23.11 7.03 -12.54
C GLU A 107 21.80 6.41 -12.08
N GLN A 108 20.92 6.08 -13.04
CA GLN A 108 19.66 5.44 -12.70
C GLN A 108 19.89 4.12 -11.98
N MET A 109 20.81 3.31 -12.48
CA MET A 109 21.05 2.01 -11.86
C MET A 109 21.78 2.14 -10.54
N HIS A 110 22.67 3.13 -10.41
CA HIS A 110 23.31 3.36 -9.12
C HIS A 110 22.29 3.74 -8.06
N THR A 111 21.39 4.67 -8.40
CA THR A 111 20.34 5.05 -7.45
C THR A 111 19.42 3.87 -7.17
N ASP A 112 19.07 3.09 -8.21
CA ASP A 112 18.18 1.97 -8.01
C ASP A 112 18.79 0.92 -7.10
N ILE A 113 20.06 0.57 -7.30
CA ILE A 113 20.65 -0.48 -6.48
C ILE A 113 20.85 0.02 -5.05
N ILE A 114 21.24 1.28 -4.86
CA ILE A 114 21.38 1.79 -3.50
C ILE A 114 20.03 1.79 -2.80
N SER A 115 18.99 2.27 -3.46
CA SER A 115 17.67 2.33 -2.84
C SER A 115 17.13 0.93 -2.55
N LEU A 116 17.33 0.00 -3.49
CA LEU A 116 16.87 -1.36 -3.28
C LEU A 116 17.60 -2.02 -2.12
N TRP A 117 18.91 -1.77 -2.02
CA TRP A 117 19.67 -2.32 -0.90
C TRP A 117 19.15 -1.77 0.42
N ASP A 118 18.90 -0.46 0.47
CA ASP A 118 18.37 0.12 1.70
C ASP A 118 17.00 -0.44 2.04
N GLN A 119 16.14 -0.60 1.03
CA GLN A 119 14.80 -1.14 1.28
C GLN A 119 14.87 -2.57 1.81
N SER A 120 15.74 -3.39 1.22
CA SER A 120 15.86 -4.77 1.67
C SER A 120 16.47 -4.84 3.07
N LEU A 121 17.46 -4.00 3.34
CA LEU A 121 18.19 -4.07 4.61
C LEU A 121 17.37 -3.47 5.75
N LYS A 122 16.49 -2.52 5.46
CA LYS A 122 15.80 -1.73 6.47
C LYS A 122 14.96 -2.59 7.42
N PRO A 123 14.08 -3.48 6.94
CA PRO A 123 13.30 -4.31 7.87
C PRO A 123 14.06 -5.54 8.33
N CYS A 124 15.19 -5.32 9.01
CA CYS A 124 16.00 -6.38 9.55
C CYS A 124 16.49 -5.95 10.93
N VAL A 125 17.09 -6.90 11.64
CA VAL A 125 17.46 -6.68 13.04
C VAL A 125 18.50 -5.58 13.13
N LYS A 126 18.34 -4.68 14.10
CA LYS A 126 19.34 -3.66 14.40
C LYS A 126 20.23 -4.14 15.53
N LEU A 127 21.54 -4.10 15.29
CA LEU A 127 22.53 -4.53 16.28
C LEU A 127 23.08 -3.37 17.09
N THR A 128 22.27 -2.35 17.33
CA THR A 128 22.66 -1.32 18.29
C THR A 128 22.98 -1.90 19.67
N PRO A 129 22.23 -2.87 20.20
CA PRO A 129 22.65 -3.48 21.48
C PRO A 129 24.00 -4.18 21.41
N LEU A 130 24.49 -4.54 20.23
CA LEU A 130 25.78 -5.19 20.12
C LEU A 130 26.95 -4.25 20.37
N CYS A 131 26.78 -2.95 20.16
CA CYS A 131 27.89 -2.02 20.29
C CYS A 131 28.18 -1.83 21.77
N VAL A 132 28.93 -2.79 22.33
CA VAL A 132 29.31 -2.81 23.73
C VAL A 132 30.77 -3.21 23.85
N THR A 133 31.33 -2.96 25.02
CA THR A 133 32.73 -3.32 25.26
C THR A 133 32.92 -4.83 25.14
N LEU A 134 33.94 -5.22 24.40
CA LEU A 134 34.22 -6.61 24.08
C LEU A 134 35.53 -7.05 24.72
N GLN A 135 35.49 -8.16 25.45
CA GLN A 135 36.68 -8.73 26.08
C GLN A 135 37.16 -9.85 25.16
N CYS A 136 38.31 -9.63 24.52
CA CYS A 136 38.78 -10.47 23.42
C CYS A 136 40.14 -11.09 23.72
N THR A 137 40.38 -12.22 23.06
CA THR A 137 41.65 -12.91 23.04
C THR A 137 41.95 -13.35 21.61
N ASN A 138 43.21 -13.70 21.36
CA ASN A 138 43.59 -14.22 20.06
C ASN A 138 43.11 -15.66 19.89
N VAL A 139 42.87 -16.04 18.65
CA VAL A 139 42.52 -17.42 18.31
C VAL A 139 43.82 -18.14 17.95
N THR A 140 44.13 -19.22 18.66
CA THR A 140 45.35 -20.00 18.47
C THR A 140 45.09 -21.48 18.27
N ASN A 141 43.83 -21.93 18.24
CA ASN A 141 43.51 -23.34 18.24
C ASN A 141 43.48 -23.85 16.80
N ASN A 142 44.52 -24.61 16.42
CA ASN A 142 44.58 -25.26 15.12
C ASN A 142 44.50 -24.24 13.98
N ILE A 143 45.38 -23.24 14.05
CA ILE A 143 45.37 -22.11 13.12
C ILE A 143 46.74 -22.04 12.45
N THR A 144 46.72 -21.80 11.13
CA THR A 144 47.95 -21.72 10.36
C THR A 144 48.68 -20.41 10.67
N ASP A 145 49.90 -20.30 10.13
CA ASP A 145 50.75 -19.15 10.44
C ASP A 145 50.14 -17.85 9.88
N ASP A 146 49.58 -17.91 8.68
CA ASP A 146 49.11 -16.69 8.03
C ASP A 146 47.91 -16.07 8.72
N MET A 147 47.11 -16.86 9.43
CA MET A 147 45.91 -16.38 10.10
C MET A 147 46.14 -16.02 11.56
N ARG A 148 47.38 -16.10 12.05
CA ARG A 148 47.66 -15.78 13.44
C ARG A 148 47.37 -14.30 13.70
N GLY A 149 46.46 -14.05 14.64
CA GLY A 149 46.01 -12.71 14.92
C GLY A 149 44.91 -12.19 14.01
N GLU A 150 44.52 -12.97 13.00
CA GLU A 150 43.46 -12.53 12.10
C GLU A 150 42.09 -12.61 12.76
N LEU A 151 41.84 -13.68 13.51
CA LEU A 151 40.59 -13.87 14.23
C LEU A 151 40.76 -13.41 15.67
N LYS A 152 39.64 -13.09 16.32
CA LYS A 152 39.62 -12.77 17.73
C LYS A 152 38.36 -13.34 18.35
N ASN A 153 38.55 -14.04 19.47
CA ASN A 153 37.46 -14.65 20.23
C ASN A 153 37.05 -13.63 21.28
N CYS A 154 35.86 -13.06 21.12
CA CYS A 154 35.40 -11.94 21.94
C CYS A 154 34.13 -12.34 22.69
N SER A 155 34.11 -12.07 23.98
CA SER A 155 32.93 -12.25 24.82
C SER A 155 32.37 -10.89 25.22
N PHE A 156 31.05 -10.84 25.39
CA PHE A 156 30.40 -9.59 25.77
C PHE A 156 29.05 -9.89 26.42
N ASN A 157 28.55 -8.88 27.13
CA ASN A 157 27.23 -8.92 27.77
C ASN A 157 26.21 -8.40 26.77
N MET A 158 25.10 -9.12 26.62
CA MET A 158 24.02 -8.74 25.72
C MET A 158 22.69 -8.79 26.48
N THR A 159 21.75 -7.95 26.07
CA THR A 159 20.40 -7.95 26.64
C THR A 159 19.52 -8.85 25.78
N THR A 160 18.98 -9.91 26.40
CA THR A 160 18.39 -11.02 25.67
C THR A 160 17.01 -11.35 26.22
N GLU A 161 15.97 -11.01 25.47
CA GLU A 161 14.60 -11.48 25.66
C GLU A 161 13.89 -10.87 26.87
N LEU A 162 14.62 -10.12 27.70
CA LEU A 162 14.07 -9.51 28.91
C LEU A 162 15.02 -8.41 29.37
N ARG A 163 14.46 -7.25 29.68
CA ARG A 163 15.30 -6.10 29.99
C ARG A 163 16.02 -6.24 31.33
N ASP A 164 15.65 -7.20 32.16
CA ASP A 164 16.31 -7.43 33.44
C ASP A 164 17.44 -8.45 33.38
N LYS A 165 17.59 -9.17 32.27
CA LYS A 165 18.56 -10.26 32.15
C LYS A 165 19.71 -9.82 31.28
N LYS A 166 20.93 -10.06 31.77
CA LYS A 166 22.16 -9.88 30.99
C LYS A 166 22.78 -11.24 30.74
N GLN A 167 23.01 -11.56 29.47
CA GLN A 167 23.53 -12.84 29.05
C GLN A 167 24.95 -12.65 28.53
N LYS A 168 25.89 -13.43 29.07
CA LYS A 168 27.24 -13.43 28.55
C LYS A 168 27.30 -14.36 27.34
N VAL A 169 27.69 -13.83 26.18
CA VAL A 169 27.81 -14.61 24.96
C VAL A 169 29.20 -14.34 24.37
N TYR A 170 29.54 -15.10 23.34
CA TYR A 170 30.84 -14.98 22.70
C TYR A 170 30.71 -15.23 21.20
N SER A 171 31.65 -14.68 20.46
CA SER A 171 31.65 -14.77 19.00
C SER A 171 33.06 -14.56 18.48
N LEU A 172 33.28 -14.96 17.24
CA LEU A 172 34.55 -14.77 16.56
C LEU A 172 34.45 -13.64 15.55
N PHE A 173 35.38 -12.70 15.63
CA PHE A 173 35.38 -11.53 14.77
C PHE A 173 36.73 -11.41 14.06
N TYR A 174 36.68 -10.98 12.80
CA TYR A 174 37.88 -10.67 12.06
C TYR A 174 38.41 -9.31 12.48
N ARG A 175 39.74 -9.20 12.54
CA ARG A 175 40.36 -8.01 13.14
C ARG A 175 40.01 -6.73 12.39
N LEU A 176 39.64 -6.83 11.11
CA LEU A 176 39.22 -5.64 10.38
C LEU A 176 37.95 -5.04 10.96
N ASP A 177 37.11 -5.83 11.62
CA ASP A 177 35.84 -5.37 12.17
C ASP A 177 35.93 -5.00 13.65
N VAL A 178 37.12 -5.06 14.25
CA VAL A 178 37.28 -4.87 15.69
C VAL A 178 38.52 -4.01 15.91
N VAL A 179 38.42 -3.02 16.80
CA VAL A 179 39.50 -2.10 17.09
C VAL A 179 39.71 -2.02 18.59
N GLN A 180 40.92 -1.65 18.99
CA GLN A 180 41.29 -1.65 20.40
C GLN A 180 41.02 -0.30 21.04
N ILE A 181 40.54 -0.32 22.28
CA ILE A 181 40.28 0.88 23.06
C ILE A 181 40.98 0.73 24.41
N ASN A 182 41.37 1.87 24.97
CA ASN A 182 42.08 1.91 26.25
C ASN A 182 43.37 1.08 26.16
N GLU A 183 44.15 1.35 25.11
CA GLU A 183 45.35 0.56 24.82
C GLU A 183 46.44 0.72 25.87
N ASN A 184 46.36 1.71 26.75
CA ASN A 184 47.39 1.96 27.74
C ASN A 184 47.26 1.08 28.99
N GLN A 185 46.24 0.22 29.05
CA GLN A 185 46.03 -0.68 30.19
C GLN A 185 45.73 -2.09 29.70
N ASN A 193 40.57 -11.15 26.98
CA ASN A 193 41.55 -10.52 27.83
C ASN A 193 41.49 -9.00 27.72
N LYS A 194 41.68 -8.48 26.51
CA LYS A 194 41.80 -7.04 26.29
C LYS A 194 40.50 -6.47 25.76
N GLU A 195 40.39 -5.14 25.87
CA GLU A 195 39.13 -4.45 25.58
C GLU A 195 39.13 -3.91 24.16
N TYR A 196 38.09 -4.24 23.40
CA TYR A 196 37.93 -3.80 22.03
C TYR A 196 36.48 -3.37 21.81
N ARG A 197 36.23 -2.72 20.67
CA ARG A 197 34.90 -2.39 20.22
C ARG A 197 34.79 -2.71 18.73
N LEU A 198 33.58 -2.58 18.20
CA LEU A 198 33.37 -2.69 16.77
C LEU A 198 33.70 -1.37 16.10
N ILE A 199 34.00 -1.44 14.80
CA ILE A 199 34.35 -0.22 14.06
C ILE A 199 33.12 0.62 13.78
N ASN A 200 31.93 0.03 13.84
CA ASN A 200 30.71 0.81 13.62
C ASN A 200 30.38 1.71 14.80
N CYS A 201 30.79 1.34 16.02
CA CYS A 201 30.54 2.18 17.19
C CYS A 201 31.07 3.60 17.03
N ASN A 202 32.13 3.78 16.25
CA ASN A 202 32.77 5.08 16.05
C ASN A 202 31.89 5.95 15.16
N THR A 203 30.78 6.40 15.74
CA THR A 203 29.85 7.30 15.07
C THR A 203 29.28 6.68 13.79
N SER A 204 28.56 5.58 13.95
CA SER A 204 27.79 5.01 12.85
C SER A 204 26.85 3.95 13.40
N ALA A 205 25.69 3.82 12.76
CA ALA A 205 24.71 2.81 13.11
C ALA A 205 24.89 1.61 12.19
N ILE A 206 24.65 0.42 12.73
CA ILE A 206 24.88 -0.85 12.04
C ILE A 206 23.60 -1.65 12.05
N THR A 207 23.26 -2.22 10.89
CA THR A 207 22.07 -3.05 10.72
C THR A 207 22.48 -4.42 10.20
N GLN A 208 21.86 -5.47 10.74
CA GLN A 208 22.14 -6.82 10.29
C GLN A 208 21.33 -7.13 9.04
N ALA A 209 21.96 -7.76 8.06
CA ALA A 209 21.24 -8.23 6.90
C ALA A 209 20.36 -9.42 7.29
N CYS A 210 19.15 -9.43 6.77
CA CYS A 210 18.24 -10.55 7.02
C CYS A 210 18.87 -11.81 6.43
N PRO A 211 19.09 -12.87 7.21
CA PRO A 211 19.81 -14.04 6.65
C PRO A 211 19.07 -14.72 5.53
N LYS A 212 17.75 -14.75 5.56
CA LYS A 212 16.97 -15.39 4.51
C LYS A 212 17.13 -14.73 3.15
N VAL A 213 17.51 -13.45 3.11
CA VAL A 213 17.59 -12.68 1.88
C VAL A 213 18.89 -13.05 1.17
N SER A 214 18.78 -13.39 -0.11
CA SER A 214 19.93 -13.67 -0.94
C SER A 214 20.31 -12.44 -1.77
N PHE A 215 21.61 -12.25 -1.97
CA PHE A 215 22.13 -11.14 -2.77
C PHE A 215 22.85 -11.62 -4.03
N GLU A 216 22.45 -12.77 -4.56
CA GLU A 216 23.08 -13.28 -5.77
C GLU A 216 22.77 -12.33 -6.93
N PRO A 217 23.73 -12.05 -7.83
CA PRO A 217 23.44 -11.13 -8.92
C PRO A 217 22.66 -11.78 -10.05
N ILE A 218 21.34 -11.85 -9.91
CA ILE A 218 20.50 -12.35 -11.00
C ILE A 218 20.53 -11.34 -12.15
N PRO A 219 20.54 -11.77 -13.42
CA PRO A 219 20.48 -10.79 -14.51
C PRO A 219 19.20 -9.97 -14.45
N ILE A 220 19.32 -8.69 -14.82
CA ILE A 220 18.22 -7.73 -14.78
C ILE A 220 18.15 -7.06 -16.14
N HIS A 221 16.95 -7.05 -16.73
CA HIS A 221 16.70 -6.36 -17.98
C HIS A 221 16.02 -5.03 -17.70
N TYR A 222 16.62 -3.94 -18.18
CA TYR A 222 16.06 -2.61 -17.98
C TYR A 222 15.22 -2.22 -19.18
N CYS A 223 13.93 -2.00 -18.94
CA CYS A 223 12.97 -1.64 -19.96
C CYS A 223 12.60 -0.17 -19.79
N ALA A 224 12.53 0.54 -20.91
CA ALA A 224 12.14 1.94 -20.88
C ALA A 224 10.62 2.04 -20.81
N PRO A 225 10.08 3.09 -20.20
CA PRO A 225 8.62 3.22 -20.12
C PRO A 225 8.03 3.57 -21.49
N ALA A 226 6.72 3.76 -21.51
CA ALA A 226 6.03 4.09 -22.74
C ALA A 226 6.52 5.42 -23.29
N GLY A 227 6.61 5.50 -24.62
CA GLY A 227 7.06 6.70 -25.29
C GLY A 227 8.55 6.82 -25.47
N PHE A 228 9.33 5.90 -24.91
CA PHE A 228 10.78 5.90 -25.01
C PHE A 228 11.26 4.61 -25.68
N ALA A 229 12.53 4.61 -26.04
CA ALA A 229 13.17 3.42 -26.61
C ALA A 229 14.62 3.41 -26.16
N ILE A 230 15.29 2.27 -26.39
CA ILE A 230 16.68 2.10 -26.02
C ILE A 230 17.46 1.73 -27.27
N LEU A 231 18.33 2.65 -27.72
CA LEU A 231 19.16 2.42 -28.87
C LEU A 231 20.42 1.68 -28.47
N LYS A 232 20.80 0.71 -29.28
CA LYS A 232 22.01 -0.09 -29.11
C LYS A 232 22.98 0.20 -30.24
N CYS A 233 24.28 0.21 -29.89
CA CYS A 233 25.32 0.60 -30.83
C CYS A 233 25.75 -0.57 -31.71
N LYS A 234 26.20 -1.66 -31.10
CA LYS A 234 26.60 -2.90 -31.77
C LYS A 234 27.90 -2.77 -32.56
N ASP A 235 28.57 -1.62 -32.53
CA ASP A 235 29.86 -1.47 -33.20
C ASP A 235 30.92 -2.10 -32.31
N LYS A 236 31.55 -3.17 -32.80
CA LYS A 236 32.37 -4.01 -31.94
C LYS A 236 33.66 -3.34 -31.51
N LYS A 237 34.10 -2.28 -32.20
CA LYS A 237 35.29 -1.51 -31.82
C LYS A 237 34.93 -0.16 -31.22
N PHE A 238 33.72 -0.01 -30.69
CA PHE A 238 33.30 1.28 -30.16
C PHE A 238 34.16 1.68 -28.97
N ASN A 239 34.77 2.86 -29.06
CA ASN A 239 35.74 3.32 -28.07
C ASN A 239 35.13 4.21 -27.01
N GLY A 240 33.83 4.06 -26.73
CA GLY A 240 33.19 4.72 -25.61
C GLY A 240 32.33 5.91 -25.96
N THR A 241 32.75 6.75 -26.90
CA THR A 241 32.02 7.94 -27.29
C THR A 241 31.99 8.06 -28.79
N GLY A 242 31.16 8.96 -29.29
CA GLY A 242 31.19 9.35 -30.68
C GLY A 242 30.14 8.67 -31.53
N PRO A 243 30.23 8.85 -32.85
CA PRO A 243 29.28 8.20 -33.74
C PRO A 243 29.50 6.70 -33.80
N CYS A 244 28.43 5.99 -34.14
CA CYS A 244 28.51 4.56 -34.38
C CYS A 244 27.46 4.18 -35.41
N THR A 245 27.76 3.13 -36.15
CA THR A 245 26.86 2.55 -37.14
C THR A 245 26.30 1.24 -36.60
N ASN A 246 25.53 0.56 -37.44
CA ASN A 246 24.86 -0.68 -37.05
C ASN A 246 23.97 -0.47 -35.83
N VAL A 247 23.30 0.69 -35.78
CA VAL A 247 22.44 1.03 -34.67
C VAL A 247 21.19 0.15 -34.72
N SER A 248 20.73 -0.28 -33.55
CA SER A 248 19.49 -1.04 -33.44
C SER A 248 18.66 -0.46 -32.31
N THR A 249 17.44 -0.95 -32.16
CA THR A 249 16.50 -0.47 -31.15
C THR A 249 15.94 -1.64 -30.37
N VAL A 250 15.74 -1.42 -29.07
CA VAL A 250 15.10 -2.40 -28.20
C VAL A 250 14.16 -1.69 -27.23
N GLN A 251 13.24 -2.47 -26.67
CA GLN A 251 12.43 -2.05 -25.54
C GLN A 251 13.04 -2.48 -24.20
N CYS A 252 14.12 -3.26 -24.23
CA CYS A 252 14.71 -3.78 -23.00
C CYS A 252 16.16 -4.13 -23.28
N THR A 253 16.98 -4.01 -22.24
CA THR A 253 18.39 -4.32 -22.35
C THR A 253 18.60 -5.85 -22.43
N HIS A 254 19.83 -6.25 -22.75
CA HIS A 254 20.12 -7.66 -22.97
C HIS A 254 20.17 -8.46 -21.68
N GLY A 255 20.11 -7.81 -20.51
CA GLY A 255 20.21 -8.51 -19.24
C GLY A 255 21.57 -8.32 -18.62
N ILE A 256 21.62 -7.59 -17.51
CA ILE A 256 22.87 -7.21 -16.86
C ILE A 256 22.88 -7.82 -15.47
N LYS A 257 24.01 -8.43 -15.10
CA LYS A 257 24.18 -8.93 -13.75
C LYS A 257 24.67 -7.78 -12.86
N PRO A 258 23.92 -7.38 -11.82
CA PRO A 258 24.38 -6.21 -11.04
C PRO A 258 25.51 -6.59 -10.08
N VAL A 259 26.68 -6.87 -10.64
CA VAL A 259 27.81 -7.37 -9.87
C VAL A 259 28.53 -6.20 -9.22
N VAL A 260 28.88 -6.37 -7.95
CA VAL A 260 29.61 -5.36 -7.18
C VAL A 260 31.04 -5.83 -7.02
N SER A 261 31.97 -5.09 -7.62
CA SER A 261 33.40 -5.37 -7.43
C SER A 261 34.16 -4.10 -7.72
N THR A 262 35.33 -3.97 -7.07
CA THR A 262 36.07 -2.72 -7.08
C THR A 262 37.13 -2.66 -8.18
N GLN A 263 38.11 -3.57 -8.12
CA GLN A 263 39.25 -3.47 -9.03
C GLN A 263 39.01 -4.23 -10.32
N LEU A 264 38.56 -5.48 -10.23
CA LEU A 264 38.34 -6.35 -11.39
C LEU A 264 36.85 -6.56 -11.61
N LEU A 265 36.43 -6.45 -12.86
CA LEU A 265 35.04 -6.62 -13.24
C LEU A 265 34.76 -8.10 -13.45
N LEU A 266 33.69 -8.60 -12.83
CA LEU A 266 33.38 -10.02 -12.79
C LEU A 266 32.04 -10.29 -13.45
N ASN A 267 31.97 -11.42 -14.17
CA ASN A 267 30.73 -11.90 -14.79
C ASN A 267 30.11 -10.86 -15.72
N GLY A 268 30.96 -10.22 -16.54
CA GLY A 268 30.50 -9.26 -17.52
C GLY A 268 30.40 -9.86 -18.91
N SER A 269 30.42 -8.98 -19.90
CA SER A 269 30.36 -9.34 -21.31
C SER A 269 31.69 -9.01 -21.98
N LEU A 270 32.06 -9.84 -22.95
CA LEU A 270 33.36 -9.76 -23.60
C LEU A 270 33.25 -9.03 -24.94
N ALA A 271 34.34 -8.38 -25.33
CA ALA A 271 34.46 -7.74 -26.63
C ALA A 271 35.14 -8.69 -27.61
N GLU A 272 34.67 -8.66 -28.86
CA GLU A 272 35.12 -9.61 -29.86
C GLU A 272 36.37 -9.17 -30.61
N GLU A 273 36.57 -7.86 -30.77
CA GLU A 273 37.73 -7.33 -31.49
C GLU A 273 38.88 -7.10 -30.52
N GLU A 274 39.50 -8.21 -30.12
CA GLU A 274 40.64 -8.21 -29.20
C GLU A 274 40.18 -7.58 -27.88
N VAL A 275 40.88 -6.59 -27.35
CA VAL A 275 40.59 -5.99 -26.04
C VAL A 275 40.22 -4.54 -26.26
N ILE A 276 39.15 -4.09 -25.63
CA ILE A 276 38.65 -2.73 -25.78
C ILE A 276 39.11 -1.88 -24.59
N ILE A 277 39.50 -0.64 -24.86
CA ILE A 277 39.93 0.32 -23.85
C ILE A 277 39.02 1.53 -23.96
N ARG A 278 38.50 1.99 -22.82
CA ARG A 278 37.56 3.10 -22.76
C ARG A 278 37.92 3.95 -21.54
N SER A 279 38.50 5.13 -21.77
CA SER A 279 38.90 6.02 -20.68
C SER A 279 38.68 7.48 -21.05
N GLU A 280 37.57 7.79 -21.70
CA GLU A 280 37.42 9.06 -22.39
C GLU A 280 38.61 9.20 -23.33
N ASN A 281 39.15 10.41 -23.48
CA ASN A 281 40.46 10.58 -24.10
C ASN A 281 41.50 10.27 -23.03
N ILE A 282 42.31 9.24 -23.29
CA ILE A 282 43.15 8.64 -22.26
C ILE A 282 44.33 9.52 -21.85
N THR A 283 44.56 10.64 -22.54
CA THR A 283 45.73 11.45 -22.23
C THR A 283 45.70 12.00 -20.81
N ASN A 284 44.51 12.34 -20.30
CA ASN A 284 44.36 12.80 -18.93
C ASN A 284 44.49 11.58 -18.02
N ASN A 285 45.54 11.57 -17.20
CA ASN A 285 45.81 10.43 -16.34
C ASN A 285 44.90 10.35 -15.14
N ALA A 286 44.16 11.42 -14.83
CA ALA A 286 43.29 11.41 -13.66
C ALA A 286 42.06 10.53 -13.84
N LYS A 287 41.66 10.25 -15.07
CA LYS A 287 40.46 9.48 -15.33
C LYS A 287 40.74 7.98 -15.28
N ASN A 288 39.76 7.22 -14.83
CA ASN A 288 39.86 5.78 -14.80
C ASN A 288 39.82 5.22 -16.22
N ILE A 289 40.35 4.02 -16.38
CA ILE A 289 40.44 3.34 -17.68
C ILE A 289 39.75 2.00 -17.55
N LEU A 290 38.63 1.82 -18.23
CA LEU A 290 37.90 0.56 -18.25
C LEU A 290 38.42 -0.28 -19.39
N VAL A 291 38.91 -1.48 -19.08
CA VAL A 291 39.43 -2.41 -20.06
C VAL A 291 38.49 -3.60 -20.09
N GLN A 292 37.92 -3.88 -21.27
CA GLN A 292 37.04 -5.02 -21.49
C GLN A 292 37.82 -6.08 -22.27
N LEU A 293 37.80 -7.31 -21.76
CA LEU A 293 38.75 -8.32 -22.21
C LEU A 293 38.22 -9.15 -23.37
N ASN A 294 39.17 -9.66 -24.16
CA ASN A 294 38.87 -10.56 -25.27
C ASN A 294 38.30 -11.88 -24.79
N GLU A 295 38.87 -12.44 -23.72
CA GLU A 295 38.52 -13.76 -23.23
C GLU A 295 38.42 -13.71 -21.72
N SER A 296 37.50 -14.51 -21.17
CA SER A 296 37.32 -14.58 -19.73
C SER A 296 38.55 -15.17 -19.08
N VAL A 297 39.01 -14.56 -17.99
CA VAL A 297 40.08 -15.12 -17.17
C VAL A 297 39.47 -15.76 -15.94
N GLN A 298 39.83 -17.02 -15.68
CA GLN A 298 39.17 -17.76 -14.61
C GLN A 298 39.84 -17.50 -13.27
N ILE A 299 39.02 -17.18 -12.27
CA ILE A 299 39.47 -17.00 -10.89
C ILE A 299 38.58 -17.85 -9.99
N ASN A 300 39.22 -18.68 -9.17
CA ASN A 300 38.56 -19.52 -8.16
C ASN A 300 38.86 -18.93 -6.80
N CYS A 301 37.88 -18.29 -6.19
CA CYS A 301 38.02 -17.72 -4.86
C CYS A 301 37.33 -18.62 -3.85
N THR A 302 37.84 -18.63 -2.62
CA THR A 302 37.27 -19.53 -1.63
C THR A 302 37.62 -19.07 -0.22
N ARG A 303 36.68 -19.30 0.69
CA ARG A 303 36.91 -19.29 2.14
C ARG A 303 36.85 -20.75 2.56
N PRO A 304 37.99 -21.38 2.89
CA PRO A 304 37.97 -22.83 3.11
C PRO A 304 37.55 -23.26 4.50
N ASN A 305 37.49 -22.34 5.47
CA ASN A 305 37.17 -22.72 6.83
C ASN A 305 35.76 -23.29 6.92
N ASN A 306 35.61 -24.42 7.60
CA ASN A 306 34.29 -24.98 7.87
C ASN A 306 33.74 -24.28 9.10
N ASN A 307 32.84 -23.33 8.89
CA ASN A 307 32.34 -22.45 9.92
C ASN A 307 30.94 -22.89 10.35
N THR A 308 30.45 -22.29 11.44
CA THR A 308 29.13 -22.61 11.97
C THR A 308 28.48 -21.34 12.49
N ARG A 309 27.15 -21.30 12.36
CA ARG A 309 26.34 -20.15 12.72
C ARG A 309 25.79 -20.37 14.12
N LYS A 310 26.00 -19.40 15.01
CA LYS A 310 25.53 -19.47 16.40
C LYS A 310 24.42 -18.44 16.56
N SER A 311 23.20 -18.91 16.82
CA SER A 311 22.05 -18.03 16.91
C SER A 311 21.87 -17.57 18.36
N ILE A 312 21.74 -16.26 18.55
CA ILE A 312 21.52 -15.65 19.86
C ILE A 312 20.30 -14.77 19.75
N ARG A 313 19.56 -14.62 20.84
CA ARG A 313 18.37 -13.76 20.87
C ARG A 313 18.68 -12.46 21.59
N ILE A 314 18.29 -11.34 20.99
CA ILE A 314 18.46 -10.01 21.59
C ILE A 314 17.11 -9.43 22.00
N GLY A 315 16.22 -9.23 21.03
CA GLY A 315 14.92 -8.66 21.29
C GLY A 315 13.85 -9.71 21.42
N PRO A 316 12.59 -9.29 21.48
CA PRO A 316 11.49 -10.25 21.51
C PRO A 316 11.48 -11.21 20.33
N GLY A 317 11.79 -10.72 19.14
CA GLY A 317 11.85 -11.56 17.95
C GLY A 317 13.04 -11.23 17.08
N GLN A 318 14.13 -10.77 17.71
CA GLN A 318 15.32 -10.31 17.01
C GLN A 318 16.45 -11.30 17.31
N TRP A 319 17.00 -11.86 16.24
CA TRP A 319 18.08 -12.84 16.32
C TRP A 319 19.36 -12.23 15.78
N PHE A 320 20.46 -12.50 16.47
CA PHE A 320 21.80 -12.09 16.06
C PHE A 320 22.62 -13.34 15.79
N TYR A 321 23.33 -13.36 14.67
CA TYR A 321 24.01 -14.55 14.18
C TYR A 321 25.51 -14.37 14.34
N ALA A 322 26.05 -14.96 15.40
CA ALA A 322 27.47 -14.90 15.70
C ALA A 322 28.21 -16.02 14.97
N THR A 323 29.52 -15.84 14.87
CA THR A 323 30.40 -16.84 14.28
C THR A 323 30.84 -17.82 15.35
N GLY A 324 30.40 -19.07 15.24
CA GLY A 324 30.78 -20.11 16.17
C GLY A 324 32.19 -20.62 15.91
N ASP A 325 32.58 -21.61 16.70
CA ASP A 325 33.92 -22.18 16.57
C ASP A 325 34.10 -22.82 15.20
N ILE A 326 35.25 -22.53 14.60
CA ILE A 326 35.59 -23.06 13.29
C ILE A 326 35.97 -24.53 13.45
N ILE A 327 35.41 -25.38 12.59
CA ILE A 327 35.68 -26.81 12.60
C ILE A 327 36.89 -27.08 11.72
N GLY A 328 37.85 -27.82 12.25
CA GLY A 328 39.05 -28.16 11.50
C GLY A 328 40.06 -27.03 11.50
N ASP A 329 41.06 -27.18 10.62
CA ASP A 329 42.10 -26.17 10.51
C ASP A 329 41.54 -24.84 10.02
N ILE A 330 42.07 -23.77 10.59
CA ILE A 330 41.75 -22.41 10.17
C ILE A 330 42.80 -21.98 9.16
N ARG A 331 42.36 -21.68 7.95
CA ARG A 331 43.25 -21.34 6.84
C ARG A 331 42.80 -20.02 6.21
N GLN A 332 43.69 -19.45 5.41
CA GLN A 332 43.45 -18.14 4.81
C GLN A 332 42.57 -18.27 3.59
N ALA A 333 41.48 -17.51 3.57
CA ALA A 333 40.68 -17.41 2.37
C ALA A 333 41.50 -16.76 1.26
N HIS A 334 41.38 -17.29 0.04
CA HIS A 334 42.29 -16.90 -1.02
C HIS A 334 41.65 -17.16 -2.38
N CYS A 335 42.26 -16.58 -3.41
CA CYS A 335 41.85 -16.76 -4.79
C CYS A 335 43.00 -17.34 -5.60
N ASN A 336 42.65 -18.12 -6.62
CA ASN A 336 43.59 -18.68 -7.58
C ASN A 336 43.19 -18.20 -8.96
N VAL A 337 44.09 -17.48 -9.63
CA VAL A 337 43.87 -17.00 -10.98
C VAL A 337 44.68 -17.88 -11.92
N SER A 338 44.09 -18.23 -13.07
CA SER A 338 44.85 -18.97 -14.07
C SER A 338 46.08 -18.18 -14.53
N LYS A 339 47.27 -18.73 -14.26
CA LYS A 339 48.49 -17.93 -14.43
C LYS A 339 48.76 -17.60 -15.89
N ALA A 340 48.94 -18.62 -16.73
CA ALA A 340 49.28 -18.36 -18.14
C ALA A 340 48.17 -17.59 -18.83
N THR A 341 46.91 -17.88 -18.49
CA THR A 341 45.81 -17.09 -19.01
C THR A 341 45.95 -15.62 -18.61
N TRP A 342 46.34 -15.38 -17.36
CA TRP A 342 46.53 -14.00 -16.92
C TRP A 342 47.65 -13.32 -17.68
N ASN A 343 48.76 -14.03 -17.90
CA ASN A 343 49.87 -13.44 -18.64
C ASN A 343 49.47 -13.10 -20.07
N GLU A 344 48.74 -14.01 -20.73
CA GLU A 344 48.26 -13.71 -22.08
C GLU A 344 47.32 -12.51 -22.08
N THR A 345 46.41 -12.45 -21.11
CA THR A 345 45.45 -11.36 -21.06
C THR A 345 46.15 -10.03 -20.83
N LEU A 346 47.11 -10.00 -19.89
CA LEU A 346 47.82 -8.77 -19.63
C LEU A 346 48.70 -8.37 -20.81
N GLY A 347 49.21 -9.35 -21.56
CA GLY A 347 49.91 -9.02 -22.79
C GLY A 347 48.99 -8.36 -23.81
N LYS A 348 47.77 -8.87 -23.95
CA LYS A 348 46.80 -8.23 -24.83
C LYS A 348 46.52 -6.79 -24.40
N VAL A 349 46.34 -6.60 -23.09
CA VAL A 349 46.09 -5.25 -22.59
C VAL A 349 47.30 -4.35 -22.86
N VAL A 350 48.51 -4.92 -22.75
CA VAL A 350 49.72 -4.16 -23.02
C VAL A 350 49.75 -3.72 -24.48
N LYS A 351 49.39 -4.62 -25.40
CA LYS A 351 49.37 -4.26 -26.81
C LYS A 351 48.36 -3.15 -27.08
N GLN A 352 47.16 -3.27 -26.53
CA GLN A 352 46.15 -2.25 -26.79
C GLN A 352 46.52 -0.91 -26.13
N LEU A 353 47.26 -0.95 -25.01
CA LEU A 353 47.76 0.30 -24.44
C LEU A 353 48.85 0.90 -25.31
N ARG A 354 49.72 0.06 -25.87
CA ARG A 354 50.73 0.55 -26.81
C ARG A 354 50.09 1.23 -28.00
N LYS A 355 48.92 0.73 -28.43
CA LYS A 355 48.25 1.33 -29.58
C LYS A 355 47.86 2.79 -29.35
N HIS A 356 47.75 3.22 -28.09
CA HIS A 356 47.55 4.63 -27.75
C HIS A 356 48.81 5.35 -27.34
N PHE A 357 49.73 4.65 -26.64
CA PHE A 357 50.96 5.25 -26.15
C PHE A 357 52.20 4.88 -26.95
N GLY A 358 52.05 4.14 -28.05
CA GLY A 358 53.17 3.85 -28.93
C GLY A 358 53.93 2.59 -28.55
N ASN A 359 54.94 2.30 -29.36
CA ASN A 359 55.79 1.13 -29.17
C ASN A 359 57.03 1.43 -28.36
N ASN A 360 57.74 2.52 -28.69
CA ASN A 360 58.93 2.92 -27.93
C ASN A 360 58.50 3.58 -26.63
N THR A 361 57.98 2.75 -25.73
CA THR A 361 57.54 3.22 -24.43
C THR A 361 57.46 2.02 -23.49
N ILE A 362 57.76 2.27 -22.22
CA ILE A 362 57.80 1.24 -21.19
C ILE A 362 56.44 1.19 -20.53
N ILE A 363 55.84 0.00 -20.45
CA ILE A 363 54.54 -0.19 -19.81
C ILE A 363 54.75 -1.04 -18.57
N ARG A 364 54.55 -0.44 -17.40
CA ARG A 364 54.83 -1.09 -16.13
C ARG A 364 53.56 -1.16 -15.30
N PHE A 365 53.20 -2.36 -14.86
CA PHE A 365 52.07 -2.58 -13.98
C PHE A 365 52.56 -2.78 -12.55
N ALA A 366 52.07 -1.94 -11.66
CA ALA A 366 52.41 -1.95 -10.25
C ALA A 366 51.14 -2.03 -9.43
N ASN A 367 51.27 -2.54 -8.21
CA ASN A 367 50.11 -2.72 -7.33
C ASN A 367 49.51 -1.37 -6.98
N SER A 368 48.32 -1.40 -6.37
CA SER A 368 47.61 -0.18 -6.06
C SER A 368 48.32 0.61 -4.97
N SER A 369 47.97 1.89 -4.88
CA SER A 369 48.54 2.75 -3.86
C SER A 369 47.88 2.50 -2.52
N GLY A 370 48.19 3.35 -1.54
CA GLY A 370 47.59 3.25 -0.23
C GLY A 370 46.19 3.85 -0.21
N GLY A 371 45.50 3.57 0.89
CA GLY A 371 44.15 4.07 1.09
C GLY A 371 43.36 3.10 1.94
N ASP A 372 42.04 3.24 1.86
CA ASP A 372 41.15 2.36 2.59
C ASP A 372 41.11 0.99 1.95
N LEU A 373 40.73 -0.02 2.74
CA LEU A 373 40.67 -1.39 2.22
C LEU A 373 39.67 -1.53 1.09
N GLU A 374 38.65 -0.66 1.04
CA GLU A 374 37.65 -0.73 -0.01
C GLU A 374 38.24 -0.47 -1.39
N VAL A 375 39.32 0.30 -1.47
CA VAL A 375 39.89 0.73 -2.75
C VAL A 375 41.27 0.14 -3.03
N THR A 376 42.06 -0.15 -2.00
CA THR A 376 43.39 -0.69 -2.21
C THR A 376 43.38 -2.14 -2.63
N THR A 377 42.26 -2.85 -2.45
CA THR A 377 42.15 -4.26 -2.76
C THR A 377 41.00 -4.50 -3.73
N HIS A 378 40.88 -5.75 -4.16
CA HIS A 378 39.79 -6.19 -5.01
C HIS A 378 38.69 -6.74 -4.10
N SER A 379 37.60 -6.00 -3.96
CA SER A 379 36.50 -6.36 -3.09
C SER A 379 35.41 -7.04 -3.90
N PHE A 380 34.74 -8.01 -3.31
CA PHE A 380 33.61 -8.62 -4.00
C PHE A 380 32.77 -9.44 -3.04
N ASN A 381 31.64 -9.92 -3.57
CA ASN A 381 30.66 -10.71 -2.83
C ASN A 381 30.63 -12.12 -3.42
N CYS A 382 31.11 -13.08 -2.64
CA CYS A 382 31.18 -14.49 -3.05
C CYS A 382 30.39 -15.34 -2.06
N GLY A 383 29.39 -16.04 -2.55
CA GLY A 383 28.62 -16.95 -1.72
C GLY A 383 27.90 -16.29 -0.57
N GLY A 384 27.63 -14.99 -0.64
CA GLY A 384 27.03 -14.25 0.44
C GLY A 384 28.02 -13.65 1.42
N GLU A 385 29.30 -13.99 1.29
CA GLU A 385 30.36 -13.43 2.12
C GLU A 385 31.09 -12.34 1.35
N PHE A 386 31.77 -11.46 2.09
CA PHE A 386 32.50 -10.34 1.51
C PHE A 386 34.00 -10.63 1.56
N PHE A 387 34.64 -10.57 0.40
CA PHE A 387 36.07 -10.79 0.26
C PHE A 387 36.76 -9.48 -0.07
N TYR A 388 37.98 -9.30 0.45
CA TYR A 388 38.88 -8.20 0.07
C TYR A 388 40.23 -8.84 -0.22
N CYS A 389 40.62 -8.90 -1.49
CA CYS A 389 41.79 -9.64 -1.93
C CYS A 389 42.90 -8.71 -2.40
N ASN A 390 44.10 -8.93 -1.87
CA ASN A 390 45.28 -8.14 -2.22
C ASN A 390 45.76 -8.57 -3.60
N THR A 391 45.65 -7.66 -4.58
CA THR A 391 45.89 -7.98 -5.98
C THR A 391 47.29 -7.60 -6.46
N SER A 392 48.23 -7.33 -5.55
CA SER A 392 49.58 -7.01 -5.96
C SER A 392 50.24 -8.14 -6.73
N GLY A 393 49.78 -9.38 -6.54
CA GLY A 393 50.35 -10.51 -7.26
C GLY A 393 50.05 -10.55 -8.73
N LEU A 394 49.14 -9.70 -9.21
CA LEU A 394 48.77 -9.64 -10.62
C LEU A 394 49.45 -8.51 -11.36
N PHE A 395 49.28 -7.27 -10.91
CA PHE A 395 49.79 -6.09 -11.61
C PHE A 395 51.23 -5.82 -11.16
N ASN A 396 52.09 -6.79 -11.48
CA ASN A 396 53.51 -6.76 -11.11
C ASN A 396 54.29 -7.18 -12.36
N SER A 397 54.61 -6.22 -13.22
CA SER A 397 55.31 -6.57 -14.45
C SER A 397 55.86 -5.32 -15.12
N THR A 398 56.80 -5.55 -16.04
CA THR A 398 57.34 -4.52 -16.90
C THR A 398 57.36 -5.06 -18.33
N TRP A 399 56.99 -4.22 -19.29
CA TRP A 399 56.82 -4.61 -20.68
C TRP A 399 57.57 -3.60 -21.55
N ILE A 400 58.65 -4.07 -22.17
CA ILE A 400 59.44 -3.29 -23.11
C ILE A 400 59.73 -4.15 -24.34
N SER A 401 58.87 -5.12 -24.62
CA SER A 401 59.21 -6.22 -25.52
C SER A 401 59.56 -5.73 -26.91
N ASN A 402 60.63 -6.31 -27.47
CA ASN A 402 61.18 -5.90 -28.77
C ASN A 402 60.71 -6.81 -29.91
N THR A 403 59.71 -7.67 -29.67
CA THR A 403 59.15 -8.50 -30.73
C THR A 403 58.17 -7.74 -31.62
N SER A 404 58.01 -6.44 -31.42
CA SER A 404 57.11 -5.63 -32.24
C SER A 404 57.58 -5.61 -33.70
N ASN A 414 48.57 -24.80 -15.79
CA ASN A 414 48.91 -25.72 -14.70
C ASN A 414 49.20 -24.95 -13.43
N ASP A 415 50.09 -23.97 -13.53
CA ASP A 415 50.41 -23.12 -12.39
C ASP A 415 49.32 -22.07 -12.21
N SER A 416 49.17 -21.61 -10.96
CA SER A 416 48.14 -20.65 -10.59
C SER A 416 48.76 -19.54 -9.76
N ILE A 417 48.17 -18.35 -9.85
CA ILE A 417 48.60 -17.19 -9.08
C ILE A 417 47.70 -17.09 -7.86
N THR A 418 48.29 -17.07 -6.67
CA THR A 418 47.54 -17.05 -5.42
C THR A 418 47.42 -15.63 -4.89
N LEU A 419 46.19 -15.18 -4.68
CA LEU A 419 45.89 -13.89 -4.10
C LEU A 419 45.40 -14.09 -2.67
N PRO A 420 46.11 -13.64 -1.64
CA PRO A 420 45.54 -13.68 -0.29
C PRO A 420 44.30 -12.80 -0.19
N CYS A 421 43.37 -13.19 0.67
CA CYS A 421 42.12 -12.46 0.86
C CYS A 421 41.76 -12.42 2.33
N ARG A 422 41.31 -11.25 2.77
CA ARG A 422 40.74 -11.04 4.10
C ARG A 422 39.23 -11.00 3.99
N ILE A 423 38.58 -11.34 5.09
CA ILE A 423 37.12 -11.37 5.18
C ILE A 423 36.69 -10.31 6.17
N LYS A 424 35.74 -9.48 5.75
CA LYS A 424 35.20 -8.40 6.57
C LYS A 424 33.70 -8.57 6.67
N GLN A 425 33.18 -8.56 7.89
CA GLN A 425 31.74 -8.70 8.10
C GLN A 425 31.01 -7.38 8.10
N ILE A 426 31.58 -6.34 8.70
CA ILE A 426 30.94 -5.04 8.83
C ILE A 426 31.29 -4.24 7.58
N ILE A 427 30.29 -4.05 6.72
CA ILE A 427 30.47 -3.44 5.41
C ILE A 427 29.90 -2.03 5.45
N ASN A 428 30.63 -1.07 4.89
CA ASN A 428 30.12 0.27 4.59
C ASN A 428 30.05 0.35 3.07
N MET A 429 28.91 -0.07 2.53
CA MET A 429 28.76 -0.16 1.08
C MET A 429 28.58 1.23 0.47
N TRP A 430 29.23 1.43 -0.68
CA TRP A 430 29.17 2.67 -1.44
C TRP A 430 29.72 3.87 -0.66
N GLN A 431 30.54 3.61 0.35
CA GLN A 431 31.32 4.64 1.03
C GLN A 431 30.42 5.69 1.68
N ARG A 432 29.21 5.29 2.07
CA ARG A 432 28.28 6.18 2.76
C ARG A 432 28.61 6.14 4.24
N ILE A 433 29.34 7.15 4.71
CA ILE A 433 29.67 7.23 6.13
C ILE A 433 28.39 7.50 6.92
N GLY A 434 28.21 6.76 8.01
CA GLY A 434 27.03 6.86 8.84
C GLY A 434 26.10 5.65 8.77
N GLN A 435 26.35 4.71 7.87
CA GLN A 435 25.58 3.49 7.77
C GLN A 435 26.53 2.30 7.66
N ALA A 436 26.16 1.20 8.31
CA ALA A 436 26.94 -0.03 8.23
C ALA A 436 26.00 -1.21 8.10
N MET A 437 26.42 -2.20 7.32
CA MET A 437 25.71 -3.46 7.14
C MET A 437 26.57 -4.58 7.67
N TYR A 438 25.98 -5.43 8.52
CA TYR A 438 26.67 -6.56 9.12
C TYR A 438 26.31 -7.81 8.34
N ALA A 439 27.29 -8.40 7.65
CA ALA A 439 27.05 -9.63 6.91
C ALA A 439 27.06 -10.80 7.87
N PRO A 440 25.95 -11.56 8.01
CA PRO A 440 25.97 -12.66 8.97
C PRO A 440 26.91 -13.75 8.50
N PRO A 441 27.54 -14.49 9.42
CA PRO A 441 28.43 -15.56 8.99
C PRO A 441 27.65 -16.68 8.31
N ILE A 442 28.32 -17.35 7.39
CA ILE A 442 27.70 -18.38 6.56
C ILE A 442 28.37 -19.71 6.85
N GLN A 443 27.58 -20.67 7.33
CA GLN A 443 28.12 -21.97 7.71
C GLN A 443 28.63 -22.71 6.49
N GLY A 444 29.58 -23.63 6.74
CA GLY A 444 30.14 -24.45 5.68
C GLY A 444 31.43 -23.88 5.14
N VAL A 445 31.69 -24.22 3.87
CA VAL A 445 32.89 -23.81 3.15
C VAL A 445 32.45 -23.17 1.85
N ILE A 446 33.02 -22.01 1.52
CA ILE A 446 32.53 -21.17 0.44
C ILE A 446 33.51 -21.24 -0.72
N ARG A 447 32.99 -21.53 -1.91
CA ARG A 447 33.76 -21.52 -3.15
C ARG A 447 32.99 -20.78 -4.23
N CYS A 448 33.69 -19.94 -4.98
CA CYS A 448 33.14 -19.26 -6.14
C CYS A 448 34.12 -19.39 -7.30
N VAL A 449 33.59 -19.66 -8.48
CA VAL A 449 34.37 -19.72 -9.72
C VAL A 449 33.79 -18.68 -10.66
N SER A 450 34.59 -17.69 -11.02
CA SER A 450 34.08 -16.51 -11.72
C SER A 450 34.99 -16.12 -12.87
N ASN A 451 34.38 -15.38 -13.79
CA ASN A 451 35.05 -14.87 -14.99
C ASN A 451 35.43 -13.42 -14.76
N ILE A 452 36.72 -13.14 -14.64
CA ILE A 452 37.22 -11.78 -14.72
C ILE A 452 37.14 -11.40 -16.19
N THR A 453 36.27 -10.43 -16.50
CA THR A 453 36.03 -10.01 -17.88
C THR A 453 36.59 -8.64 -18.18
N GLY A 454 36.92 -7.86 -17.15
CA GLY A 454 37.49 -6.54 -17.39
C GLY A 454 38.26 -6.10 -16.17
N LEU A 455 38.78 -4.88 -16.25
CA LEU A 455 39.51 -4.32 -15.13
C LEU A 455 39.54 -2.80 -15.24
N ILE A 456 39.91 -2.16 -14.15
CA ILE A 456 39.95 -0.71 -14.02
C ILE A 456 41.38 -0.30 -13.72
N LEU A 457 41.91 0.62 -14.52
CA LEU A 457 43.31 1.05 -14.43
C LEU A 457 43.41 2.57 -14.33
N THR A 458 44.21 3.04 -13.38
CA THR A 458 44.59 4.44 -13.28
C THR A 458 46.04 4.58 -13.70
N ARG A 459 46.31 5.67 -14.42
CA ARG A 459 47.64 5.96 -14.95
C ARG A 459 48.28 7.07 -14.12
N ASP A 460 49.58 6.95 -13.90
CA ASP A 460 50.33 7.94 -13.16
C ASP A 460 50.84 9.02 -14.12
N GLY A 461 51.38 10.10 -13.57
CA GLY A 461 51.88 11.19 -14.38
C GLY A 461 53.14 10.81 -15.14
N GLY A 462 53.50 11.67 -16.09
CA GLY A 462 54.66 11.48 -16.92
C GLY A 462 55.98 11.90 -16.31
N SER A 463 55.97 12.42 -15.09
CA SER A 463 57.17 12.88 -14.38
C SER A 463 57.80 14.00 -15.21
N THR A 464 59.11 13.99 -15.44
CA THR A 464 59.79 15.04 -16.19
C THR A 464 60.28 14.60 -17.57
N ASN A 465 60.19 13.31 -17.90
CA ASN A 465 60.67 12.77 -19.16
C ASN A 465 59.59 12.05 -19.96
N SER A 466 58.55 11.53 -19.31
CA SER A 466 57.44 10.86 -20.01
C SER A 466 57.94 9.65 -20.79
N THR A 467 58.78 8.83 -20.15
CA THR A 467 59.36 7.66 -20.78
C THR A 467 58.63 6.37 -20.45
N THR A 468 58.11 6.23 -19.23
CA THR A 468 57.42 5.03 -18.77
C THR A 468 56.01 5.40 -18.35
N GLU A 469 55.04 4.58 -18.73
CA GLU A 469 53.65 4.75 -18.34
C GLU A 469 53.33 3.68 -17.29
N THR A 470 53.04 4.13 -16.08
CA THR A 470 52.76 3.25 -14.95
C THR A 470 51.26 3.18 -14.72
N PHE A 471 50.73 1.96 -14.72
CA PHE A 471 49.31 1.69 -14.49
C PHE A 471 49.13 0.93 -13.19
N ARG A 472 48.08 1.27 -12.45
CA ARG A 472 47.75 0.66 -11.18
C ARG A 472 46.26 0.33 -11.17
N PRO A 473 45.82 -0.58 -10.31
CA PRO A 473 44.37 -0.81 -10.20
C PRO A 473 43.66 0.44 -9.71
N GLY A 474 42.43 0.62 -10.19
CA GLY A 474 41.63 1.79 -9.87
C GLY A 474 40.28 1.45 -9.28
N GLY A 475 39.24 2.03 -9.85
CA GLY A 475 37.89 1.75 -9.40
C GLY A 475 37.54 2.53 -8.14
N GLY A 476 36.65 1.92 -7.35
CA GLY A 476 36.16 2.50 -6.13
C GLY A 476 34.82 3.18 -6.27
N ASP A 477 34.52 3.70 -7.47
CA ASP A 477 33.21 4.24 -7.79
C ASP A 477 32.46 3.16 -8.56
N MET A 478 31.39 2.63 -7.97
CA MET A 478 30.70 1.49 -8.56
C MET A 478 30.08 1.82 -9.91
N ARG A 479 29.82 3.11 -10.19
CA ARG A 479 29.25 3.50 -11.48
C ARG A 479 30.06 2.95 -12.64
N ASP A 480 31.40 2.98 -12.52
CA ASP A 480 32.26 2.44 -13.57
C ASP A 480 31.91 1.00 -13.92
N ASN A 481 31.64 0.16 -12.91
CA ASN A 481 31.24 -1.21 -13.21
C ASN A 481 30.00 -1.23 -14.09
N TRP A 482 29.00 -0.42 -13.74
CA TRP A 482 27.79 -0.36 -14.54
C TRP A 482 28.09 0.12 -15.95
N ARG A 483 29.04 1.06 -16.09
CA ARG A 483 29.37 1.55 -17.42
C ARG A 483 29.88 0.43 -18.31
N SER A 484 30.55 -0.56 -17.72
CA SER A 484 31.08 -1.67 -18.51
C SER A 484 29.96 -2.44 -19.22
N GLU A 485 28.75 -2.40 -18.66
CA GLU A 485 27.60 -3.05 -19.26
C GLU A 485 26.58 -2.07 -19.83
N LEU A 486 26.90 -0.77 -19.91
CA LEU A 486 25.96 0.23 -20.40
C LEU A 486 26.57 1.17 -21.43
N TYR A 487 27.75 0.87 -21.98
CA TYR A 487 28.28 1.70 -23.05
C TYR A 487 27.52 1.51 -24.35
N LYS A 488 26.90 0.35 -24.55
CA LYS A 488 26.17 0.08 -25.78
C LYS A 488 24.82 0.80 -25.86
N TYR A 489 24.19 1.09 -24.72
CA TYR A 489 22.80 1.53 -24.70
C TYR A 489 22.69 3.04 -24.59
N LYS A 490 21.55 3.56 -25.02
CA LYS A 490 21.22 4.97 -24.89
C LYS A 490 19.70 5.10 -24.83
N VAL A 491 19.20 5.96 -23.95
CA VAL A 491 17.76 6.15 -23.75
C VAL A 491 17.33 7.31 -24.63
N VAL A 492 16.36 7.07 -25.51
CA VAL A 492 15.90 8.06 -26.48
C VAL A 492 14.40 8.28 -26.30
N LYS A 493 14.01 9.56 -26.28
CA LYS A 493 12.61 9.94 -26.21
C LYS A 493 12.07 10.10 -27.63
N ILE A 494 10.89 9.54 -27.85
CA ILE A 494 10.20 9.64 -29.13
C ILE A 494 9.32 10.88 -29.09
N GLU A 495 9.37 11.68 -30.15
CA GLU A 495 8.55 12.88 -30.30
C GLU A 495 7.82 12.80 -31.63
N PRO A 496 6.84 11.92 -31.75
CA PRO A 496 6.23 11.66 -33.05
C PRO A 496 5.21 12.72 -33.44
N LEU A 497 5.69 13.93 -33.68
CA LEU A 497 4.85 14.99 -34.23
C LEU A 497 5.78 15.96 -34.96
N GLY A 498 5.70 15.98 -36.28
CA GLY A 498 6.56 16.82 -37.08
C GLY A 498 5.77 17.50 -38.16
N VAL A 499 6.47 18.34 -38.92
CA VAL A 499 5.88 19.09 -40.03
C VAL A 499 6.70 18.81 -41.28
N ALA A 500 6.09 19.06 -42.43
CA ALA A 500 6.83 18.90 -43.69
C ALA A 500 6.06 19.58 -44.82
N PRO A 501 6.72 19.99 -45.89
CA PRO A 501 5.99 20.57 -47.03
C PRO A 501 5.37 19.49 -47.91
N THR A 502 4.34 19.88 -48.65
CA THR A 502 3.73 18.98 -49.62
C THR A 502 3.03 19.79 -50.71
N ARG A 503 2.72 19.09 -51.81
CA ARG A 503 1.94 19.67 -52.89
C ARG A 503 0.48 19.88 -52.50
N CYS A 504 -0.01 19.16 -51.49
CA CYS A 504 -1.41 19.18 -51.10
C CYS A 504 -1.73 20.39 -50.21
N LYS A 505 -2.95 20.91 -50.34
CA LYS A 505 -3.46 21.97 -49.48
C LYS A 505 -4.89 21.65 -49.06
N ARG A 506 -5.23 22.06 -47.83
CA ARG A 506 -6.56 21.78 -47.29
C ARG A 506 -7.63 22.54 -48.06
N ARG A 507 -8.80 21.93 -48.19
CA ARG A 507 -9.98 22.58 -48.78
C ARG A 507 -10.83 23.21 -47.69
N GLY B 12 7.61 -3.91 -35.40
CA GLY B 12 8.48 -3.15 -36.29
C GLY B 12 8.58 -1.70 -35.88
N PHE B 13 8.66 -1.45 -34.57
CA PHE B 13 8.76 -0.09 -34.07
C PHE B 13 10.02 0.58 -34.57
N LEU B 14 9.89 1.82 -35.02
CA LEU B 14 10.97 2.61 -35.62
C LEU B 14 11.59 1.92 -36.82
N GLY B 15 10.87 1.01 -37.47
CA GLY B 15 11.33 0.45 -38.71
C GLY B 15 11.43 1.51 -39.79
N ALA B 16 12.46 1.40 -40.61
CA ALA B 16 12.72 2.35 -41.68
C ALA B 16 12.91 3.77 -41.14
N ALA B 17 13.43 3.90 -39.92
CA ALA B 17 13.67 5.23 -39.35
C ALA B 17 14.68 6.01 -40.17
N GLY B 18 15.60 5.32 -40.84
CA GLY B 18 16.59 5.92 -41.71
C GLY B 18 16.39 5.64 -43.18
N SER B 19 15.19 5.25 -43.62
CA SER B 19 14.97 4.94 -45.02
C SER B 19 14.79 6.22 -45.83
N THR B 20 13.72 6.96 -45.55
CA THR B 20 13.46 8.25 -46.16
C THR B 20 12.17 8.81 -45.58
N MET B 21 11.99 10.12 -45.73
CA MET B 21 10.75 10.74 -45.27
C MET B 21 9.56 10.25 -46.07
N GLY B 22 9.77 9.98 -47.35
CA GLY B 22 8.67 9.59 -48.22
C GLY B 22 8.16 8.18 -48.04
N ALA B 23 8.91 7.32 -47.35
CA ALA B 23 8.52 5.93 -47.14
C ALA B 23 8.04 5.67 -45.72
N ALA B 24 7.52 6.70 -45.04
CA ALA B 24 6.95 6.48 -43.72
C ALA B 24 5.76 5.53 -43.79
N SER B 25 4.69 5.95 -44.48
CA SER B 25 3.52 5.12 -44.78
C SER B 25 2.96 4.55 -43.47
N MET B 26 2.66 3.24 -43.39
CA MET B 26 2.04 2.67 -42.20
C MET B 26 2.93 2.72 -40.97
N THR B 27 4.21 3.05 -41.12
CA THR B 27 5.06 3.31 -39.97
C THR B 27 4.44 4.37 -39.07
N LEU B 28 3.72 5.33 -39.66
CA LEU B 28 3.02 6.34 -38.86
C LEU B 28 2.08 5.68 -37.87
N THR B 29 1.36 4.65 -38.30
CA THR B 29 0.55 3.88 -37.35
C THR B 29 1.44 3.22 -36.31
N VAL B 30 2.53 2.60 -36.75
CA VAL B 30 3.34 1.77 -35.87
C VAL B 30 3.92 2.60 -34.74
N GLN B 31 4.40 3.80 -35.05
CA GLN B 31 4.84 4.70 -33.99
C GLN B 31 3.68 5.07 -33.08
N ALA B 32 2.54 5.44 -33.67
CA ALA B 32 1.46 6.04 -32.89
C ALA B 32 0.93 5.08 -31.84
N ARG B 33 0.56 3.87 -32.26
CA ARG B 33 0.05 2.89 -31.30
C ARG B 33 1.11 2.54 -30.26
N ASN B 34 2.39 2.74 -30.58
CA ASN B 34 3.42 2.43 -29.61
C ASN B 34 3.45 3.41 -28.45
N LEU B 35 2.74 4.53 -28.52
CA LEU B 35 2.78 5.47 -27.40
C LEU B 35 1.98 4.99 -26.20
N LEU B 36 0.79 4.45 -26.43
CA LEU B 36 -0.03 3.94 -25.33
C LEU B 36 -0.48 2.50 -25.56
N SER B 37 -0.90 2.17 -26.78
CA SER B 37 -1.56 0.90 -27.02
C SER B 37 -0.61 -0.27 -26.79
N GLY B 38 -0.92 -1.08 -25.77
CA GLY B 38 -0.10 -2.20 -25.41
C GLY B 38 1.03 -1.87 -24.46
N ILE B 39 1.73 -0.75 -24.73
CA ILE B 39 2.98 -0.50 -24.02
C ILE B 39 2.74 -0.15 -22.55
N VAL B 40 1.51 0.23 -22.19
CA VAL B 40 1.13 0.44 -20.80
C VAL B 40 0.08 -0.56 -20.34
N GLN B 41 -0.82 -0.97 -21.23
CA GLN B 41 -1.91 -1.86 -20.82
C GLN B 41 -1.43 -3.30 -20.70
N GLN B 42 -0.82 -3.84 -21.76
CA GLN B 42 -0.19 -5.15 -21.63
C GLN B 42 0.96 -5.11 -20.64
N GLN B 43 1.66 -3.99 -20.56
CA GLN B 43 2.68 -3.82 -19.53
C GLN B 43 2.06 -3.88 -18.14
N SER B 44 0.89 -3.25 -17.97
CA SER B 44 0.20 -3.31 -16.69
C SER B 44 -0.24 -4.74 -16.37
N ASN B 45 -0.71 -5.46 -17.38
CA ASN B 45 -1.10 -6.86 -17.17
C ASN B 45 0.10 -7.70 -16.75
N LEU B 46 1.24 -7.49 -17.41
CA LEU B 46 2.46 -8.20 -17.03
C LEU B 46 2.85 -7.86 -15.60
N LEU B 47 2.74 -6.59 -15.22
CA LEU B 47 3.14 -6.17 -13.87
C LEU B 47 2.24 -6.76 -12.81
N ARG B 48 0.92 -6.81 -13.06
CA ARG B 48 -0.01 -7.32 -12.06
C ARG B 48 -0.08 -8.85 -12.05
N ALA B 49 0.35 -9.50 -13.13
CA ALA B 49 0.18 -10.94 -13.25
C ALA B 49 0.85 -11.76 -12.16
N PRO B 50 2.13 -11.54 -11.79
CA PRO B 50 2.77 -12.45 -10.84
C PRO B 50 2.41 -12.20 -9.37
N GLU B 51 1.38 -11.39 -9.11
CA GLU B 51 0.91 -11.12 -7.75
C GLU B 51 2.01 -10.47 -6.92
N CYS B 52 2.56 -9.38 -7.46
CA CYS B 52 3.57 -8.58 -6.79
C CYS B 52 3.14 -7.14 -6.60
N GLN B 53 1.83 -6.90 -6.52
CA GLN B 53 1.35 -5.56 -6.22
C GLN B 53 1.83 -5.10 -4.85
N GLN B 54 1.91 -6.04 -3.89
CA GLN B 54 2.40 -5.72 -2.55
C GLN B 54 3.80 -5.13 -2.56
N HIS B 55 4.66 -5.55 -3.49
CA HIS B 55 6.02 -5.02 -3.60
C HIS B 55 6.06 -3.70 -4.35
N LEU B 56 4.96 -3.29 -4.97
CA LEU B 56 4.79 -1.92 -5.43
C LEU B 56 4.16 -1.03 -4.39
N LEU B 57 3.16 -1.53 -3.65
CA LEU B 57 2.65 -0.79 -2.52
C LEU B 57 3.73 -0.64 -1.44
N LYS B 58 4.40 -1.75 -1.09
CA LYS B 58 5.65 -1.64 -0.38
C LYS B 58 6.70 -1.08 -1.32
N LEU B 59 7.77 -0.52 -0.74
CA LEU B 59 8.74 0.28 -1.49
C LEU B 59 8.00 1.38 -2.25
N THR B 60 7.35 2.26 -1.48
CA THR B 60 6.41 3.22 -2.05
C THR B 60 7.07 4.14 -3.06
N VAL B 61 8.38 4.39 -2.92
CA VAL B 61 9.06 5.25 -3.87
C VAL B 61 9.04 4.63 -5.26
N TRP B 62 9.16 3.32 -5.35
CA TRP B 62 9.10 2.65 -6.65
C TRP B 62 7.72 2.81 -7.28
N GLY B 63 6.67 2.66 -6.47
CA GLY B 63 5.32 2.88 -6.98
C GLY B 63 5.12 4.31 -7.45
N ILE B 64 5.65 5.28 -6.70
CA ILE B 64 5.54 6.67 -7.12
C ILE B 64 6.28 6.90 -8.42
N LYS B 65 7.45 6.28 -8.58
CA LYS B 65 8.19 6.42 -9.84
C LYS B 65 7.40 5.83 -11.01
N GLN B 66 6.81 4.65 -10.82
CA GLN B 66 6.01 4.07 -11.89
C GLN B 66 4.81 4.93 -12.23
N LEU B 67 4.15 5.48 -11.22
CA LEU B 67 3.00 6.36 -11.47
C LEU B 67 3.44 7.63 -12.21
N GLN B 68 4.60 8.17 -11.84
CA GLN B 68 5.10 9.34 -12.54
C GLN B 68 5.37 9.02 -14.00
N ALA B 69 5.95 7.84 -14.27
CA ALA B 69 6.18 7.46 -15.65
C ALA B 69 4.87 7.33 -16.43
N ARG B 70 3.86 6.68 -15.82
CA ARG B 70 2.58 6.51 -16.50
C ARG B 70 1.94 7.86 -16.80
N VAL B 71 1.87 8.74 -15.80
CA VAL B 71 1.20 10.02 -16.03
C VAL B 71 1.99 10.88 -16.99
N LEU B 72 3.32 10.76 -17.01
CA LEU B 72 4.09 11.51 -17.99
C LEU B 72 3.80 11.04 -19.41
N ALA B 73 3.71 9.72 -19.60
CA ALA B 73 3.37 9.21 -20.93
C ALA B 73 2.00 9.70 -21.36
N VAL B 74 1.02 9.61 -20.46
CA VAL B 74 -0.33 10.07 -20.77
C VAL B 74 -0.32 11.57 -21.05
N GLU B 75 0.48 12.32 -20.29
CA GLU B 75 0.52 13.76 -20.47
C GLU B 75 1.08 14.14 -21.84
N ARG B 76 2.16 13.49 -22.26
CA ARG B 76 2.71 13.79 -23.59
C ARG B 76 1.73 13.39 -24.68
N TYR B 77 1.05 12.24 -24.52
CA TYR B 77 0.08 11.83 -25.54
C TYR B 77 -1.05 12.83 -25.64
N LEU B 78 -1.57 13.28 -24.49
CA LEU B 78 -2.66 14.26 -24.53
C LEU B 78 -2.18 15.61 -25.04
N ARG B 79 -0.92 15.97 -24.77
CA ARG B 79 -0.36 17.18 -25.35
C ARG B 79 -0.40 17.13 -26.87
N ASP B 80 0.08 16.01 -27.43
CA ASP B 80 0.07 15.88 -28.88
C ASP B 80 -1.35 15.86 -29.44
N GLN B 81 -2.26 15.19 -28.75
CA GLN B 81 -3.63 15.13 -29.24
C GLN B 81 -4.29 16.50 -29.20
N GLN B 82 -4.05 17.27 -28.15
CA GLN B 82 -4.61 18.62 -28.08
C GLN B 82 -4.00 19.51 -29.15
N LEU B 83 -2.71 19.38 -29.40
CA LEU B 83 -2.10 20.18 -30.46
C LEU B 83 -2.68 19.82 -31.83
N LEU B 84 -2.95 18.54 -32.06
CA LEU B 84 -3.58 18.15 -33.31
C LEU B 84 -5.01 18.70 -33.39
N GLY B 85 -5.71 18.72 -32.26
CA GLY B 85 -7.07 19.26 -32.27
C GLY B 85 -7.08 20.75 -32.54
N ILE B 86 -6.13 21.49 -31.97
CA ILE B 86 -6.09 22.93 -32.14
C ILE B 86 -5.77 23.30 -33.58
N TRP B 87 -5.14 22.37 -34.32
CA TRP B 87 -4.76 22.63 -35.71
C TRP B 87 -5.74 22.04 -36.72
N GLY B 88 -6.93 21.64 -36.30
CA GLY B 88 -7.85 21.01 -37.23
C GLY B 88 -7.36 19.70 -37.81
N CYS B 89 -6.79 18.83 -36.98
CA CYS B 89 -6.19 17.58 -37.43
C CYS B 89 -6.50 16.42 -36.48
N SER B 90 -7.52 16.57 -35.62
CA SER B 90 -7.83 15.53 -34.66
C SER B 90 -8.27 14.26 -35.36
N GLY B 91 -7.75 13.13 -34.90
CA GLY B 91 -8.12 11.84 -35.44
C GLY B 91 -7.41 11.44 -36.71
N LYS B 92 -6.55 12.29 -37.26
CA LYS B 92 -5.84 12.03 -38.51
C LYS B 92 -4.36 11.88 -38.24
N LEU B 93 -3.79 10.79 -38.76
CA LEU B 93 -2.34 10.63 -38.71
C LEU B 93 -1.64 11.53 -39.71
N ILE B 94 -2.28 11.80 -40.84
CA ILE B 94 -1.79 12.72 -41.86
C ILE B 94 -2.89 13.73 -42.12
N CYS B 95 -2.54 15.02 -42.12
CA CYS B 95 -3.49 16.07 -42.40
C CYS B 95 -2.79 17.21 -43.11
N CYS B 96 -3.50 17.87 -44.02
CA CYS B 96 -3.00 19.05 -44.72
C CYS B 96 -3.62 20.30 -44.13
N THR B 97 -2.85 21.38 -44.17
CA THR B 97 -3.27 22.69 -43.68
C THR B 97 -3.05 23.71 -44.78
N ASN B 98 -3.48 24.95 -44.52
CA ASN B 98 -3.46 26.02 -45.50
C ASN B 98 -2.32 27.01 -45.27
N VAL B 99 -1.45 26.76 -44.30
CA VAL B 99 -0.37 27.69 -44.00
C VAL B 99 0.68 27.57 -45.10
N PRO B 100 1.09 28.64 -45.77
CA PRO B 100 2.13 28.50 -46.78
C PRO B 100 3.48 28.20 -46.14
N TRP B 101 4.32 27.50 -46.91
CA TRP B 101 5.66 27.16 -46.45
C TRP B 101 6.63 28.28 -46.78
N ASN B 102 7.50 28.61 -45.83
CA ASN B 102 8.45 29.69 -45.98
C ASN B 102 9.82 29.15 -46.32
N SER B 103 10.48 29.77 -47.31
CA SER B 103 11.85 29.41 -47.62
C SER B 103 12.79 29.72 -46.45
N THR B 104 12.41 30.64 -45.57
CA THR B 104 13.21 30.90 -44.38
C THR B 104 13.31 29.66 -43.50
N TRP B 105 12.21 28.93 -43.36
CA TRP B 105 12.25 27.70 -42.57
C TRP B 105 13.14 26.66 -43.20
N SER B 106 13.04 26.48 -44.52
CA SER B 106 13.85 25.53 -45.24
C SER B 106 13.95 25.93 -46.69
N ASN B 107 15.18 26.12 -47.17
CA ASN B 107 15.45 26.47 -48.56
C ASN B 107 15.75 25.26 -49.44
N ARG B 108 15.63 24.05 -48.90
CA ARG B 108 15.93 22.83 -49.66
C ARG B 108 14.81 22.60 -50.68
N ASN B 109 14.86 23.40 -51.75
CA ASN B 109 13.83 23.42 -52.78
C ASN B 109 14.41 23.27 -54.18
N LEU B 110 15.73 23.17 -54.31
CA LEU B 110 16.34 22.74 -55.56
C LEU B 110 16.06 21.28 -55.86
N SER B 111 15.65 20.50 -54.86
CA SER B 111 15.21 19.14 -55.04
C SER B 111 14.10 18.87 -54.05
N GLU B 112 13.06 18.16 -54.50
CA GLU B 112 11.90 17.88 -53.65
C GLU B 112 12.31 16.99 -52.49
N ILE B 113 11.98 17.44 -51.28
CA ILE B 113 12.26 16.69 -50.05
C ILE B 113 11.41 15.43 -50.11
N TRP B 114 11.81 14.40 -49.36
CA TRP B 114 11.30 13.03 -49.35
C TRP B 114 11.93 12.19 -50.47
N ASP B 115 12.79 12.75 -51.32
CA ASP B 115 13.47 11.92 -52.31
C ASP B 115 14.56 11.07 -51.68
N ASN B 116 15.40 11.69 -50.85
CA ASN B 116 16.49 10.98 -50.16
C ASN B 116 16.49 11.24 -48.66
N MET B 117 16.11 12.46 -48.26
CA MET B 117 16.18 12.87 -46.87
C MET B 117 15.36 11.96 -45.96
N THR B 118 15.91 11.64 -44.80
CA THR B 118 15.26 10.80 -43.80
C THR B 118 14.88 11.64 -42.59
N TRP B 119 13.96 11.11 -41.80
CA TRP B 119 13.71 11.69 -40.50
C TRP B 119 14.97 11.55 -39.65
N LEU B 120 15.06 12.37 -38.60
CA LEU B 120 16.23 12.52 -37.73
C LEU B 120 17.35 13.32 -38.37
N GLN B 121 17.21 13.71 -39.64
CA GLN B 121 18.17 14.57 -40.32
C GLN B 121 17.48 15.86 -40.70
N TRP B 122 16.38 15.72 -41.43
CA TRP B 122 15.56 16.88 -41.77
C TRP B 122 14.93 17.49 -40.53
N ASP B 123 14.69 16.67 -39.50
CA ASP B 123 14.16 17.20 -38.25
C ASP B 123 15.15 18.16 -37.60
N LYS B 124 16.45 17.86 -37.69
CA LYS B 124 17.46 18.77 -37.20
C LYS B 124 17.48 20.07 -38.00
N GLU B 125 17.28 19.98 -39.32
CA GLU B 125 17.19 21.20 -40.13
C GLU B 125 15.99 22.05 -39.72
N ILE B 126 14.85 21.42 -39.45
CA ILE B 126 13.61 22.13 -39.17
C ILE B 126 13.45 22.43 -37.69
N SER B 127 14.45 22.13 -36.86
CA SER B 127 14.30 22.28 -35.42
C SER B 127 14.05 23.73 -35.03
N ASN B 128 14.51 24.68 -35.84
CA ASN B 128 14.22 26.08 -35.62
C ASN B 128 12.88 26.45 -36.26
N TYR B 129 12.30 27.55 -35.79
CA TYR B 129 11.06 28.12 -36.32
C TYR B 129 9.83 27.24 -36.06
N THR B 130 9.96 26.20 -35.22
CA THR B 130 8.84 25.28 -35.03
C THR B 130 7.68 25.97 -34.32
N GLN B 131 7.97 26.76 -33.29
CA GLN B 131 6.89 27.43 -32.57
C GLN B 131 6.19 28.45 -33.46
N ILE B 132 6.91 29.06 -34.39
CA ILE B 132 6.26 29.94 -35.37
C ILE B 132 5.25 29.14 -36.18
N ILE B 133 5.62 27.94 -36.61
CA ILE B 133 4.71 27.11 -37.38
C ILE B 133 3.49 26.75 -36.55
N TYR B 134 3.70 26.42 -35.28
CA TYR B 134 2.58 26.06 -34.42
C TYR B 134 1.63 27.23 -34.23
N GLY B 135 2.18 28.44 -34.06
CA GLY B 135 1.33 29.61 -33.96
C GLY B 135 0.53 29.86 -35.23
N LEU B 136 1.18 29.70 -36.39
CA LEU B 136 0.47 29.87 -37.66
C LEU B 136 -0.66 28.87 -37.79
N LEU B 137 -0.40 27.61 -37.44
CA LEU B 137 -1.44 26.59 -37.54
C LEU B 137 -2.60 26.90 -36.59
N GLU B 138 -2.29 27.34 -35.38
CA GLU B 138 -3.34 27.72 -34.43
C GLU B 138 -4.21 28.83 -35.00
N GLU B 139 -3.57 29.89 -35.51
CA GLU B 139 -4.34 31.01 -36.05
C GLU B 139 -5.18 30.58 -37.24
N SER B 140 -4.63 29.72 -38.11
CA SER B 140 -5.37 29.27 -39.28
C SER B 140 -6.60 28.48 -38.87
N GLN B 141 -6.46 27.58 -37.90
CA GLN B 141 -7.61 26.79 -37.48
C GLN B 141 -8.65 27.67 -36.81
N ASN B 142 -8.20 28.66 -36.02
CA ASN B 142 -9.17 29.55 -35.39
C ASN B 142 -9.94 30.35 -36.43
N GLN B 143 -9.25 30.85 -37.47
CA GLN B 143 -9.94 31.56 -38.53
C GLN B 143 -10.92 30.65 -39.26
N GLN B 144 -10.52 29.40 -39.51
CA GLN B 144 -11.42 28.46 -40.18
C GLN B 144 -12.66 28.21 -39.34
N GLU B 145 -12.50 28.04 -38.03
CA GLU B 145 -13.64 27.82 -37.16
C GLU B 145 -14.56 29.03 -37.14
N LYS B 146 -13.99 30.24 -37.11
CA LYS B 146 -14.83 31.43 -37.14
C LYS B 146 -15.58 31.53 -38.45
N ASN B 147 -14.92 31.22 -39.56
CA ASN B 147 -15.60 31.27 -40.86
C ASN B 147 -16.73 30.26 -40.92
N GLU B 148 -16.52 29.06 -40.39
CA GLU B 148 -17.57 28.06 -40.41
C GLU B 148 -18.72 28.44 -39.48
N GLN B 149 -18.43 29.11 -38.36
CA GLN B 149 -19.49 29.64 -37.52
C GLN B 149 -20.32 30.66 -38.28
N ASP B 150 -19.64 31.57 -39.00
CA ASP B 150 -20.36 32.61 -39.72
C ASP B 150 -21.16 32.02 -40.89
N LEU B 151 -20.61 31.04 -41.59
CA LEU B 151 -21.22 30.57 -42.84
C LEU B 151 -22.58 29.94 -42.58
N LEU B 152 -22.73 29.20 -41.48
CA LEU B 152 -24.01 28.59 -41.16
C LEU B 152 -25.07 29.67 -40.95
N ALA B 153 -26.22 29.48 -41.61
CA ALA B 153 -27.32 30.45 -41.56
C ALA B 153 -26.87 31.84 -42.03
N LEU B 154 -26.01 31.88 -43.04
CA LEU B 154 -25.56 33.15 -43.61
C LEU B 154 -26.43 33.53 -44.81
N LEU C 39 -33.34 31.15 -31.91
CA LEU C 39 -31.92 31.00 -31.56
C LEU C 39 -31.58 29.52 -31.36
N TRP C 40 -30.30 29.21 -31.39
CA TRP C 40 -29.81 27.84 -31.30
C TRP C 40 -28.65 27.75 -30.31
N VAL C 41 -28.37 26.54 -29.87
CA VAL C 41 -27.33 26.31 -28.86
C VAL C 41 -25.97 26.25 -29.56
N THR C 42 -24.98 26.91 -28.98
CA THR C 42 -23.58 26.76 -29.37
C THR C 42 -22.77 26.39 -28.14
N VAL C 43 -21.94 25.35 -28.29
CA VAL C 43 -21.03 24.91 -27.25
C VAL C 43 -19.67 25.54 -27.50
N TYR C 44 -19.18 26.30 -26.52
CA TYR C 44 -17.88 26.95 -26.59
C TYR C 44 -16.92 26.27 -25.64
N TYR C 45 -15.74 25.93 -26.15
CA TYR C 45 -14.63 25.44 -25.35
C TYR C 45 -13.55 26.49 -25.35
N GLY C 46 -12.92 26.70 -24.20
CA GLY C 46 -12.02 27.81 -24.00
C GLY C 46 -12.70 29.08 -23.54
N VAL C 47 -13.86 28.99 -22.90
CA VAL C 47 -14.51 30.17 -22.34
C VAL C 47 -13.65 30.71 -21.21
N PRO C 48 -13.41 32.05 -21.11
CA PRO C 48 -12.65 32.56 -19.96
C PRO C 48 -13.55 32.87 -18.76
N VAL C 49 -13.93 31.82 -18.03
CA VAL C 49 -14.67 31.96 -16.78
C VAL C 49 -14.07 31.01 -15.75
N TRP C 50 -14.49 31.19 -14.50
CA TRP C 50 -13.89 30.47 -13.39
C TRP C 50 -14.90 30.32 -12.27
N LYS C 51 -14.53 29.46 -11.31
CA LYS C 51 -15.30 29.25 -10.09
C LYS C 51 -14.34 29.18 -8.91
N ASP C 52 -14.83 29.60 -7.75
CA ASP C 52 -14.04 29.50 -6.53
C ASP C 52 -13.83 28.04 -6.18
N ALA C 53 -12.59 27.68 -5.84
CA ALA C 53 -12.26 26.30 -5.58
C ALA C 53 -11.03 26.22 -4.68
N GLU C 54 -10.85 25.05 -4.08
CA GLU C 54 -9.71 24.75 -3.22
C GLU C 54 -8.92 23.61 -3.86
N THR C 55 -7.61 23.79 -3.97
CA THR C 55 -6.74 22.80 -4.58
C THR C 55 -5.38 22.83 -3.89
N THR C 56 -4.46 22.02 -4.41
CA THR C 56 -3.11 21.97 -3.87
C THR C 56 -2.19 22.85 -4.70
N LEU C 57 -1.58 23.85 -4.05
CA LEU C 57 -0.57 24.70 -4.65
C LEU C 57 0.80 24.11 -4.36
N PHE C 58 1.77 24.41 -5.22
CA PHE C 58 3.14 23.93 -5.04
C PHE C 58 4.11 25.09 -4.94
N CYS C 59 5.15 24.88 -4.13
CA CYS C 59 6.11 25.91 -3.80
C CYS C 59 7.08 26.12 -4.95
N ALA C 60 7.63 27.34 -5.03
CA ALA C 60 8.69 27.65 -5.99
C ALA C 60 9.45 28.86 -5.49
N SER C 61 10.77 28.85 -5.70
CA SER C 61 11.65 29.88 -5.17
C SER C 61 12.68 30.27 -6.22
N ASP C 62 13.17 31.50 -6.10
CA ASP C 62 14.20 32.06 -6.96
C ASP C 62 15.46 32.29 -6.15
N ALA C 63 16.55 32.62 -6.84
CA ALA C 63 17.85 32.87 -6.21
C ALA C 63 18.32 31.65 -5.42
N LYS C 64 18.13 30.47 -6.01
CA LYS C 64 18.45 29.19 -5.38
C LYS C 64 19.64 28.49 -6.03
N ALA C 65 20.33 29.15 -6.97
CA ALA C 65 21.39 28.47 -7.70
C ALA C 65 22.55 28.08 -6.78
N TYR C 66 23.08 29.04 -6.02
CA TYR C 66 24.06 28.77 -4.98
C TYR C 66 23.80 29.56 -3.70
N GLU C 67 22.93 30.58 -3.77
CA GLU C 67 22.77 31.47 -2.63
C GLU C 67 22.20 30.75 -1.42
N THR C 68 21.17 29.91 -1.63
CA THR C 68 20.46 29.24 -0.55
C THR C 68 20.83 27.76 -0.43
N LYS C 69 21.90 27.32 -1.09
CA LYS C 69 22.36 25.93 -0.97
C LYS C 69 23.30 25.78 0.23
N LYS C 70 22.74 26.09 1.40
CA LYS C 70 23.39 25.92 2.69
C LYS C 70 22.58 24.96 3.55
N HIS C 71 21.96 23.96 2.92
CA HIS C 71 21.04 23.05 3.59
C HIS C 71 19.84 23.80 4.16
N ASN C 72 19.44 24.87 3.49
CA ASN C 72 18.23 25.59 3.89
C ASN C 72 17.01 24.72 3.64
N VAL C 73 16.07 24.73 4.60
CA VAL C 73 14.87 23.91 4.46
C VAL C 73 14.03 24.38 3.28
N TRP C 74 13.77 25.69 3.21
CA TRP C 74 12.86 26.21 2.21
C TRP C 74 13.42 26.04 0.80
N ALA C 75 14.71 26.33 0.61
CA ALA C 75 15.32 26.13 -0.69
C ALA C 75 15.35 24.65 -1.07
N THR C 76 15.62 23.77 -0.11
CA THR C 76 15.67 22.35 -0.40
C THR C 76 14.29 21.84 -0.84
N HIS C 77 13.24 22.16 -0.09
CA HIS C 77 11.91 21.72 -0.45
C HIS C 77 11.43 22.40 -1.71
N CYS C 78 11.58 23.72 -1.79
CA CYS C 78 11.10 24.49 -2.93
C CYS C 78 12.15 24.52 -4.04
N CYS C 79 12.48 23.33 -4.54
CA CYS C 79 13.47 23.20 -5.60
C CYS C 79 12.92 23.60 -6.96
N VAL C 80 11.62 23.82 -7.09
CA VAL C 80 11.04 24.19 -8.37
C VAL C 80 11.45 25.63 -8.68
N PRO C 81 12.14 25.91 -9.79
CA PRO C 81 12.43 27.30 -10.13
C PRO C 81 11.17 28.05 -10.55
N THR C 82 11.20 29.35 -10.32
CA THR C 82 10.13 30.24 -10.74
C THR C 82 10.39 30.70 -12.17
N ASP C 83 9.50 31.54 -12.66
CA ASP C 83 9.72 32.20 -13.94
C ASP C 83 10.82 33.25 -13.75
N PRO C 84 11.91 33.23 -14.53
CA PRO C 84 12.88 34.33 -14.43
C PRO C 84 12.29 35.68 -14.76
N ASN C 85 11.24 35.72 -15.57
CA ASN C 85 10.51 36.95 -15.90
C ASN C 85 9.03 36.69 -15.65
N PRO C 86 8.58 36.84 -14.39
CA PRO C 86 7.17 36.52 -14.09
C PRO C 86 6.21 37.38 -14.89
N GLN C 87 5.13 36.75 -15.34
CA GLN C 87 4.12 37.37 -16.18
C GLN C 87 2.84 37.62 -15.39
N GLU C 88 2.30 38.82 -15.55
CA GLU C 88 1.08 39.23 -14.86
C GLU C 88 0.14 39.82 -15.90
N ILE C 89 -1.13 39.40 -15.84
CA ILE C 89 -2.13 39.76 -16.83
C ILE C 89 -3.23 40.54 -16.12
N HIS C 90 -3.39 41.80 -16.49
CA HIS C 90 -4.43 42.63 -15.88
C HIS C 90 -5.79 42.29 -16.49
N LEU C 91 -6.79 42.15 -15.62
CA LEU C 91 -8.15 41.82 -16.03
C LEU C 91 -8.97 43.11 -16.10
N GLU C 92 -9.06 43.69 -17.28
CA GLU C 92 -9.83 44.91 -17.45
C GLU C 92 -11.30 44.67 -17.21
N ASN C 93 -11.98 45.63 -16.60
CA ASN C 93 -13.43 45.61 -16.41
C ASN C 93 -13.90 44.42 -15.57
N VAL C 94 -13.03 43.90 -14.72
CA VAL C 94 -13.33 42.74 -13.89
C VAL C 94 -13.43 43.19 -12.44
N THR C 95 -14.53 42.82 -11.79
CA THR C 95 -14.75 43.08 -10.38
C THR C 95 -15.09 41.75 -9.71
N GLU C 96 -14.31 41.38 -8.69
CA GLU C 96 -14.42 40.09 -8.04
C GLU C 96 -14.49 40.25 -6.54
N GLU C 97 -15.19 39.32 -5.88
CA GLU C 97 -15.32 39.33 -4.44
C GLU C 97 -14.21 38.51 -3.81
N PHE C 98 -13.48 39.14 -2.88
CA PHE C 98 -12.38 38.51 -2.16
C PHE C 98 -12.75 38.35 -0.70
N ASN C 99 -12.09 37.38 -0.04
CA ASN C 99 -12.31 37.11 1.38
C ASN C 99 -11.02 36.52 1.94
N MET C 100 -10.30 37.31 2.74
CA MET C 100 -9.06 36.81 3.33
C MET C 100 -9.32 35.88 4.49
N TRP C 101 -10.43 36.03 5.21
CA TRP C 101 -10.73 35.20 6.36
C TRP C 101 -11.39 33.88 5.99
N LYS C 102 -11.58 33.61 4.70
CA LYS C 102 -12.00 32.31 4.21
C LYS C 102 -11.05 31.79 3.14
N ASN C 103 -9.81 32.29 3.11
CA ASN C 103 -8.89 32.02 2.02
C ASN C 103 -8.17 30.70 2.29
N ASN C 104 -8.54 29.66 1.53
CA ASN C 104 -7.96 28.34 1.70
C ASN C 104 -6.47 28.29 1.44
N MET C 105 -5.91 29.28 0.72
CA MET C 105 -4.46 29.37 0.59
C MET C 105 -3.78 29.46 1.95
N VAL C 106 -4.42 30.11 2.92
CA VAL C 106 -3.84 30.21 4.25
C VAL C 106 -3.75 28.84 4.90
N GLU C 107 -4.82 28.06 4.83
CA GLU C 107 -4.79 26.73 5.39
C GLU C 107 -3.77 25.85 4.68
N GLN C 108 -3.68 25.99 3.35
CA GLN C 108 -2.68 25.24 2.61
C GLN C 108 -1.28 25.60 3.07
N MET C 109 -1.01 26.89 3.28
CA MET C 109 0.30 27.32 3.74
C MET C 109 0.60 26.79 5.13
N HIS C 110 -0.39 26.82 6.02
CA HIS C 110 -0.19 26.32 7.38
C HIS C 110 0.15 24.84 7.37
N THR C 111 -0.63 24.05 6.63
CA THR C 111 -0.34 22.62 6.54
C THR C 111 1.01 22.37 5.89
N ASP C 112 1.33 23.10 4.83
CA ASP C 112 2.61 22.92 4.15
C ASP C 112 3.78 23.23 5.06
N ILE C 113 3.72 24.33 5.80
CA ILE C 113 4.86 24.69 6.63
C ILE C 113 5.01 23.73 7.80
N ILE C 114 3.90 23.30 8.40
CA ILE C 114 4.01 22.32 9.48
C ILE C 114 4.60 21.02 8.95
N SER C 115 4.13 20.56 7.79
CA SER C 115 4.66 19.33 7.22
C SER C 115 6.14 19.46 6.89
N LEU C 116 6.53 20.59 6.31
CA LEU C 116 7.94 20.81 5.97
C LEU C 116 8.80 20.84 7.22
N TRP C 117 8.31 21.49 8.28
CA TRP C 117 9.04 21.54 9.53
C TRP C 117 9.24 20.13 10.11
N ASP C 118 8.17 19.34 10.14
CA ASP C 118 8.28 17.99 10.68
C ASP C 118 9.20 17.13 9.83
N GLN C 119 9.13 17.26 8.50
CA GLN C 119 10.03 16.49 7.65
C GLN C 119 11.48 16.90 7.84
N SER C 120 11.74 18.19 8.01
CA SER C 120 13.11 18.64 8.27
C SER C 120 13.63 18.06 9.58
N LEU C 121 12.79 18.05 10.62
CA LEU C 121 13.24 17.53 11.91
C LEU C 121 13.29 16.01 11.95
N LYS C 122 12.58 15.32 11.05
CA LYS C 122 12.36 13.87 11.18
C LYS C 122 13.63 13.04 11.18
N PRO C 123 14.55 13.16 10.20
CA PRO C 123 15.76 12.33 10.25
C PRO C 123 16.78 12.78 11.29
N CYS C 124 16.63 13.97 11.85
CA CYS C 124 17.62 14.48 12.78
C CYS C 124 17.59 13.69 14.09
N VAL C 125 18.68 13.82 14.85
CA VAL C 125 18.90 12.97 16.00
C VAL C 125 17.85 13.22 17.07
N LYS C 126 17.54 12.16 17.84
CA LYS C 126 16.66 12.26 18.99
C LYS C 126 17.44 12.60 20.24
N LEU C 127 16.77 13.20 21.22
CA LEU C 127 17.38 13.62 22.47
C LEU C 127 16.68 13.04 23.69
N THR C 128 16.12 11.84 23.59
CA THR C 128 15.56 11.17 24.76
C THR C 128 16.54 11.01 25.91
N PRO C 129 17.81 10.64 25.70
CA PRO C 129 18.72 10.47 26.85
C PRO C 129 18.93 11.72 27.68
N LEU C 130 18.67 12.91 27.12
CA LEU C 130 18.77 14.14 27.91
C LEU C 130 17.77 14.19 29.06
N CYS C 131 16.70 13.41 29.01
CA CYS C 131 15.68 13.50 30.05
C CYS C 131 16.16 12.98 31.40
N VAL C 132 17.34 12.36 31.46
CA VAL C 132 17.90 11.89 32.73
C VAL C 132 17.99 13.05 33.72
N THR C 133 18.02 12.71 35.01
CA THR C 133 17.98 13.70 36.08
C THR C 133 19.15 14.67 35.95
N LEU C 134 18.86 15.94 36.21
CA LEU C 134 19.74 17.05 35.87
C LEU C 134 20.12 17.81 37.13
N GLN C 135 21.41 17.91 37.41
CA GLN C 135 21.90 18.58 38.61
C GLN C 135 22.51 19.93 38.23
N CYS C 136 21.96 21.01 38.78
CA CYS C 136 22.28 22.35 38.31
C CYS C 136 22.64 23.27 39.47
N THR C 137 23.43 24.29 39.14
CA THR C 137 23.73 25.41 40.01
C THR C 137 23.56 26.70 39.21
N ASN C 138 23.70 27.84 39.88
CA ASN C 138 23.52 29.13 39.23
C ASN C 138 24.80 29.55 38.52
N VAL C 139 24.63 30.39 37.49
CA VAL C 139 25.75 30.98 36.77
C VAL C 139 26.00 32.37 37.35
N THR C 140 27.15 32.55 37.99
CA THR C 140 27.50 33.80 38.68
C THR C 140 28.78 34.43 38.14
N ASN C 141 29.24 34.01 36.96
CA ASN C 141 30.53 34.47 36.43
C ASN C 141 30.31 35.72 35.61
N ASN C 142 30.51 36.88 36.22
CA ASN C 142 30.40 38.17 35.54
C ASN C 142 29.01 38.37 34.94
N ILE C 143 27.99 37.95 35.69
CA ILE C 143 26.59 38.04 35.24
C ILE C 143 25.97 39.29 35.86
N THR C 144 25.25 40.04 35.03
CA THR C 144 24.55 41.22 35.52
C THR C 144 23.44 40.81 36.49
N ASP C 145 22.88 41.82 37.17
CA ASP C 145 21.82 41.57 38.13
C ASP C 145 20.55 41.08 37.44
N ASP C 146 20.34 41.46 36.18
CA ASP C 146 19.11 41.11 35.48
C ASP C 146 18.94 39.61 35.29
N MET C 147 19.99 38.89 34.91
CA MET C 147 19.89 37.49 34.53
C MET C 147 20.17 36.55 35.70
N ARG C 148 20.16 37.04 36.93
CA ARG C 148 20.42 36.17 38.07
C ARG C 148 19.32 35.12 38.16
N GLY C 149 19.68 33.87 37.87
CA GLY C 149 18.74 32.78 37.79
C GLY C 149 18.28 32.43 36.40
N GLU C 150 18.54 33.29 35.41
CA GLU C 150 18.09 33.03 34.06
C GLU C 150 18.91 31.94 33.37
N LEU C 151 20.18 31.80 33.73
CA LEU C 151 21.09 30.85 33.10
C LEU C 151 21.67 29.93 34.16
N LYS C 152 21.46 28.63 34.02
CA LYS C 152 21.86 27.64 34.99
C LYS C 152 22.91 26.70 34.40
N ASN C 153 23.96 26.45 35.20
CA ASN C 153 25.03 25.53 34.83
C ASN C 153 24.63 24.14 35.32
N CYS C 154 24.20 23.29 34.40
CA CYS C 154 23.71 21.95 34.70
C CYS C 154 24.73 20.90 34.28
N SER C 155 24.60 19.73 34.88
CA SER C 155 25.45 18.59 34.59
C SER C 155 24.66 17.31 34.77
N PHE C 156 25.09 16.26 34.08
CA PHE C 156 24.32 15.02 34.09
C PHE C 156 25.15 13.87 33.53
N ASN C 157 24.76 12.66 33.96
CA ASN C 157 25.29 11.41 33.39
C ASN C 157 24.57 11.18 32.08
N MET C 158 25.28 10.68 31.07
CA MET C 158 24.70 10.39 29.76
C MET C 158 25.44 9.25 29.10
N THR C 159 24.75 8.57 28.18
CA THR C 159 25.32 7.44 27.48
C THR C 159 26.45 7.89 26.55
N THR C 160 27.27 6.93 26.17
CA THR C 160 28.37 7.10 25.21
C THR C 160 28.07 6.26 23.98
N GLU C 161 29.04 6.19 23.07
CA GLU C 161 28.89 5.31 21.91
C GLU C 161 28.76 3.86 22.34
N LEU C 162 29.42 3.47 23.42
CA LEU C 162 29.25 2.17 24.04
C LEU C 162 28.13 2.25 25.06
N ARG C 163 27.24 1.26 25.04
CA ARG C 163 26.08 1.32 25.92
C ARG C 163 26.46 1.23 27.38
N ASP C 164 27.44 0.40 27.73
CA ASP C 164 27.74 0.13 29.13
C ASP C 164 28.60 1.19 29.79
N LYS C 165 29.07 2.20 29.05
CA LYS C 165 29.91 3.27 29.59
C LYS C 165 29.13 4.58 29.59
N LYS C 166 29.13 5.26 30.74
CA LYS C 166 28.47 6.54 30.92
C LYS C 166 29.50 7.63 31.18
N GLN C 167 29.18 8.84 30.73
CA GLN C 167 30.03 10.01 30.87
C GLN C 167 29.26 11.12 31.55
N LYS C 168 29.92 11.82 32.47
CA LYS C 168 29.36 12.99 33.12
C LYS C 168 29.73 14.23 32.30
N VAL C 169 28.72 15.00 31.90
CA VAL C 169 28.91 16.17 31.05
C VAL C 169 28.29 17.38 31.70
N TYR C 170 28.67 18.56 31.18
CA TYR C 170 28.29 19.86 31.71
C TYR C 170 27.83 20.76 30.58
N SER C 171 26.73 21.48 30.81
CA SER C 171 26.18 22.38 29.81
C SER C 171 25.33 23.44 30.51
N LEU C 172 25.00 24.50 29.78
CA LEU C 172 24.18 25.58 30.29
C LEU C 172 22.77 25.49 29.73
N PHE C 173 21.79 25.85 30.56
CA PHE C 173 20.38 25.85 30.18
C PHE C 173 19.72 27.12 30.64
N TYR C 174 18.83 27.65 29.82
CA TYR C 174 17.98 28.76 30.24
C TYR C 174 16.87 28.22 31.14
N ARG C 175 16.49 29.03 32.13
CA ARG C 175 15.54 28.56 33.13
C ARG C 175 14.19 28.22 32.54
N LEU C 176 13.84 28.78 31.38
CA LEU C 176 12.55 28.48 30.77
C LEU C 176 12.44 27.02 30.35
N ASP C 177 13.56 26.35 30.08
CA ASP C 177 13.57 24.96 29.64
C ASP C 177 13.95 23.99 30.75
N VAL C 178 13.89 24.41 32.01
CA VAL C 178 14.32 23.62 33.15
C VAL C 178 13.30 23.80 34.26
N VAL C 179 12.90 22.70 34.90
CA VAL C 179 11.90 22.70 35.95
C VAL C 179 12.44 21.92 37.14
N GLN C 180 12.23 22.46 38.33
CA GLN C 180 12.67 21.79 39.55
C GLN C 180 11.73 20.64 39.90
N ILE C 181 12.29 19.61 40.54
CA ILE C 181 11.51 18.48 41.03
C ILE C 181 11.97 18.12 42.44
N ASN C 182 11.12 17.39 43.14
CA ASN C 182 11.39 16.97 44.52
C ASN C 182 11.65 18.17 45.43
N GLU C 183 10.86 19.22 45.24
CA GLU C 183 10.95 20.41 46.08
C GLU C 183 9.74 21.30 45.84
N ASN C 193 17.04 19.23 46.15
CA ASN C 193 16.80 20.66 46.04
C ASN C 193 17.38 21.22 44.75
N LYS C 194 18.53 20.67 44.34
CA LYS C 194 19.21 21.08 43.11
C LYS C 194 18.93 20.14 41.95
N GLU C 195 18.05 19.15 42.11
CA GLU C 195 17.68 18.27 41.02
C GLU C 195 16.70 19.00 40.09
N TYR C 196 16.87 18.77 38.79
CA TYR C 196 16.09 19.47 37.77
C TYR C 196 15.78 18.53 36.62
N ARG C 197 14.87 18.95 35.76
CA ARG C 197 14.38 18.15 34.64
C ARG C 197 14.11 19.08 33.46
N LEU C 198 14.20 18.54 32.26
CA LEU C 198 13.77 19.29 31.09
C LEU C 198 12.25 19.39 31.07
N ILE C 199 11.75 20.46 30.46
CA ILE C 199 10.32 20.76 30.54
C ILE C 199 9.50 19.68 29.86
N ASN C 200 9.93 19.23 28.68
CA ASN C 200 9.16 18.29 27.89
C ASN C 200 9.49 16.84 28.21
N CYS C 201 10.04 16.56 29.39
CA CYS C 201 10.24 15.16 29.78
C CYS C 201 8.93 14.41 29.89
N ASN C 202 7.91 15.03 30.49
CA ASN C 202 6.66 14.34 30.78
C ASN C 202 5.57 14.56 29.73
N THR C 203 5.89 15.18 28.60
CA THR C 203 4.90 15.50 27.57
C THR C 203 5.21 14.89 26.21
N SER C 204 6.46 14.94 25.74
CA SER C 204 6.77 14.41 24.42
C SER C 204 8.28 14.27 24.27
N ALA C 205 8.67 13.41 23.34
CA ALA C 205 10.09 13.25 23.02
C ALA C 205 10.63 14.52 22.38
N ILE C 206 11.90 14.79 22.64
CA ILE C 206 12.56 16.02 22.19
C ILE C 206 13.50 15.66 21.06
N THR C 207 13.31 16.30 19.91
CA THR C 207 14.13 16.10 18.73
C THR C 207 15.08 17.28 18.56
N GLN C 208 16.31 17.00 18.19
CA GLN C 208 17.28 18.06 17.92
C GLN C 208 17.17 18.49 16.47
N ALA C 209 17.09 19.80 16.24
CA ALA C 209 17.22 20.29 14.88
C ALA C 209 18.64 20.05 14.40
N CYS C 210 18.76 19.59 13.16
CA CYS C 210 20.07 19.30 12.60
C CYS C 210 20.91 20.58 12.58
N PRO C 211 22.15 20.59 13.09
CA PRO C 211 22.90 21.86 13.15
C PRO C 211 23.12 22.51 11.80
N LYS C 212 23.42 21.72 10.76
CA LYS C 212 23.63 22.28 9.44
C LYS C 212 22.36 22.90 8.87
N VAL C 213 21.20 22.37 9.24
CA VAL C 213 19.93 22.85 8.69
C VAL C 213 19.65 24.25 9.24
N SER C 214 19.20 25.14 8.36
CA SER C 214 18.88 26.51 8.70
C SER C 214 17.42 26.80 8.39
N PHE C 215 16.74 27.45 9.32
CA PHE C 215 15.34 27.84 9.16
C PHE C 215 15.19 29.30 8.76
N GLU C 216 16.19 29.88 8.12
CA GLU C 216 16.11 31.28 7.74
C GLU C 216 15.01 31.44 6.69
N PRO C 217 14.10 32.41 6.82
CA PRO C 217 13.10 32.62 5.78
C PRO C 217 13.73 33.01 4.46
N ILE C 218 13.13 32.57 3.37
CA ILE C 218 13.46 33.04 2.03
C ILE C 218 12.14 33.37 1.33
N PRO C 219 12.20 34.12 0.22
CA PRO C 219 10.97 34.35 -0.54
C PRO C 219 10.37 33.03 -1.02
N ILE C 220 9.04 32.96 -0.97
CA ILE C 220 8.29 31.78 -1.37
C ILE C 220 7.21 32.22 -2.34
N HIS C 221 7.08 31.50 -3.44
CA HIS C 221 6.04 31.72 -4.44
C HIS C 221 5.15 30.50 -4.50
N TYR C 222 3.87 30.67 -4.18
CA TYR C 222 2.89 29.61 -4.35
C TYR C 222 2.38 29.63 -5.77
N CYS C 223 2.62 28.54 -6.51
CA CYS C 223 2.20 28.41 -7.88
C CYS C 223 1.05 27.41 -7.95
N ALA C 224 -0.01 27.78 -8.67
CA ALA C 224 -1.16 26.92 -8.81
C ALA C 224 -0.91 25.88 -9.92
N PRO C 225 -1.56 24.72 -9.85
CA PRO C 225 -1.40 23.73 -10.91
C PRO C 225 -2.23 24.11 -12.14
N ALA C 226 -2.21 23.23 -13.13
CA ALA C 226 -2.94 23.49 -14.36
C ALA C 226 -4.44 23.54 -14.09
N GLY C 227 -5.14 24.36 -14.87
CA GLY C 227 -6.57 24.54 -14.73
C GLY C 227 -6.97 25.50 -13.64
N PHE C 228 -6.01 26.09 -12.93
CA PHE C 228 -6.27 27.02 -11.85
C PHE C 228 -5.49 28.32 -12.09
N ALA C 229 -6.01 29.40 -11.52
CA ALA C 229 -5.36 30.70 -11.62
C ALA C 229 -5.49 31.39 -10.28
N ILE C 230 -4.55 32.31 -10.01
CA ILE C 230 -4.53 33.07 -8.78
C ILE C 230 -4.85 34.51 -9.13
N LEU C 231 -6.06 34.94 -8.78
CA LEU C 231 -6.49 36.31 -8.98
C LEU C 231 -5.91 37.17 -7.86
N LYS C 232 -5.23 38.25 -8.25
CA LYS C 232 -4.62 39.19 -7.33
C LYS C 232 -5.42 40.48 -7.37
N CYS C 233 -5.92 40.90 -6.21
CA CYS C 233 -6.66 42.14 -6.09
C CYS C 233 -5.69 43.32 -6.11
N LYS C 234 -6.17 44.47 -6.58
CA LYS C 234 -5.38 45.70 -6.61
C LYS C 234 -6.22 46.90 -6.21
N ASP C 235 -7.20 46.69 -5.34
CA ASP C 235 -7.96 47.81 -4.78
C ASP C 235 -7.08 48.50 -3.74
N LYS C 236 -6.76 49.76 -3.98
CA LYS C 236 -5.98 50.53 -3.03
C LYS C 236 -6.72 50.62 -1.70
N LYS C 237 -6.00 50.38 -0.61
CA LYS C 237 -6.59 50.36 0.73
C LYS C 237 -7.68 49.31 0.85
N PHE C 238 -7.46 48.14 0.23
CA PHE C 238 -8.41 47.04 0.35
C PHE C 238 -8.53 46.62 1.81
N ASN C 239 -9.75 46.57 2.31
CA ASN C 239 -10.00 46.37 3.73
C ASN C 239 -10.16 44.91 4.13
N GLY C 240 -9.81 43.97 3.23
CA GLY C 240 -9.72 42.57 3.56
C GLY C 240 -10.80 41.70 2.98
N THR C 241 -11.94 42.26 2.58
CA THR C 241 -13.04 41.48 2.04
C THR C 241 -13.91 42.35 1.15
N GLY C 242 -14.77 41.69 0.39
CA GLY C 242 -15.75 42.39 -0.43
C GLY C 242 -15.31 42.53 -1.87
N PRO C 243 -16.00 43.41 -2.63
CA PRO C 243 -15.62 43.62 -4.02
C PRO C 243 -14.24 44.25 -4.17
N CYS C 244 -13.60 43.95 -5.29
CA CYS C 244 -12.32 44.54 -5.67
C CYS C 244 -12.25 44.63 -7.18
N THR C 245 -11.81 45.78 -7.67
CA THR C 245 -11.57 46.02 -9.08
C THR C 245 -10.07 46.04 -9.33
N ASN C 246 -9.68 46.38 -10.57
CA ASN C 246 -8.27 46.47 -10.95
C ASN C 246 -7.57 45.11 -10.84
N VAL C 247 -8.37 44.03 -10.89
CA VAL C 247 -7.88 42.70 -10.58
C VAL C 247 -6.96 42.23 -11.71
N SER C 248 -5.92 41.49 -11.34
CA SER C 248 -5.03 40.84 -12.30
C SER C 248 -4.99 39.35 -12.01
N THR C 249 -4.31 38.61 -12.89
CA THR C 249 -4.18 37.17 -12.77
C THR C 249 -2.70 36.80 -12.79
N VAL C 250 -2.33 35.81 -11.98
CA VAL C 250 -0.99 35.25 -11.99
C VAL C 250 -1.08 33.74 -11.89
N GLN C 251 0.02 33.09 -12.27
CA GLN C 251 0.22 31.66 -12.06
C GLN C 251 1.00 31.39 -10.79
N CYS C 252 1.78 32.37 -10.32
CA CYS C 252 2.51 32.28 -9.06
C CYS C 252 2.37 33.59 -8.30
N THR C 253 2.33 33.49 -6.98
CA THR C 253 2.23 34.68 -6.14
C THR C 253 3.59 35.35 -6.01
N HIS C 254 3.56 36.60 -5.54
CA HIS C 254 4.80 37.30 -5.26
C HIS C 254 5.52 36.63 -4.10
N GLY C 255 6.82 36.92 -3.98
CA GLY C 255 7.62 36.28 -2.95
C GLY C 255 7.14 36.64 -1.56
N ILE C 256 6.77 35.62 -0.80
CA ILE C 256 6.32 35.77 0.58
C ILE C 256 7.36 35.15 1.49
N LYS C 257 7.83 35.91 2.47
CA LYS C 257 8.73 35.36 3.46
C LYS C 257 7.93 34.67 4.56
N PRO C 258 8.07 33.35 4.76
CA PRO C 258 7.24 32.72 5.80
C PRO C 258 7.79 32.98 7.21
N VAL C 259 7.62 34.21 7.66
CA VAL C 259 8.23 34.66 8.91
C VAL C 259 7.28 34.36 10.07
N VAL C 260 7.82 33.73 11.11
CA VAL C 260 7.03 33.30 12.27
C VAL C 260 7.22 34.31 13.38
N SER C 261 6.14 35.01 13.73
CA SER C 261 6.14 35.94 14.85
C SER C 261 4.75 35.95 15.45
N THR C 262 4.66 36.31 16.73
CA THR C 262 3.46 36.09 17.52
C THR C 262 2.73 37.35 17.96
N GLN C 263 3.40 38.51 17.96
CA GLN C 263 2.73 39.77 18.28
C GLN C 263 2.97 40.83 17.22
N LEU C 264 4.17 40.85 16.63
CA LEU C 264 4.53 41.81 15.61
C LEU C 264 4.89 41.10 14.31
N LEU C 265 4.26 41.53 13.22
CA LEU C 265 4.55 40.98 11.90
C LEU C 265 5.86 41.59 11.42
N LEU C 266 6.79 40.73 10.99
CA LEU C 266 8.15 41.12 10.68
C LEU C 266 8.50 40.78 9.23
N ASN C 267 9.26 41.67 8.61
CA ASN C 267 9.76 41.49 7.25
C ASN C 267 8.62 41.27 6.26
N GLY C 268 7.48 41.90 6.52
CA GLY C 268 6.31 41.79 5.67
C GLY C 268 6.25 42.89 4.63
N SER C 269 5.10 42.97 3.97
CA SER C 269 4.87 44.00 2.97
C SER C 269 4.25 45.24 3.61
N LEU C 270 4.41 46.37 2.95
CA LEU C 270 3.90 47.65 3.43
C LEU C 270 2.72 48.12 2.57
N ALA C 271 1.67 48.58 3.24
CA ALA C 271 0.53 49.19 2.56
C ALA C 271 0.90 50.64 2.28
N GLU C 272 1.48 50.87 1.10
CA GLU C 272 2.08 52.16 0.77
C GLU C 272 1.05 53.28 0.75
N GLU C 273 -0.22 52.97 0.50
CA GLU C 273 -1.22 54.01 0.35
C GLU C 273 -1.50 54.71 1.69
N GLU C 274 -1.76 53.93 2.73
CA GLU C 274 -2.06 54.45 4.06
C GLU C 274 -2.13 53.25 5.01
N VAL C 275 -2.07 53.54 6.30
CA VAL C 275 -2.21 52.49 7.31
C VAL C 275 -3.60 51.87 7.21
N ILE C 276 -3.66 50.55 7.19
CA ILE C 276 -4.89 49.79 6.99
C ILE C 276 -5.17 48.99 8.25
N ILE C 277 -6.44 48.84 8.59
CA ILE C 277 -6.90 47.97 9.67
C ILE C 277 -7.87 46.97 9.07
N ARG C 278 -7.71 45.69 9.40
CA ARG C 278 -8.56 44.62 8.90
C ARG C 278 -9.02 43.75 10.06
N SER C 279 -10.26 43.27 9.98
CA SER C 279 -10.80 42.36 10.96
C SER C 279 -12.11 41.82 10.43
N GLU C 280 -12.36 40.53 10.68
CA GLU C 280 -13.56 39.88 10.12
C GLU C 280 -14.83 40.53 10.65
N ASN C 281 -14.78 41.06 11.88
CA ASN C 281 -15.90 41.82 12.42
C ASN C 281 -15.34 42.74 13.49
N ILE C 282 -15.32 44.04 13.20
CA ILE C 282 -14.75 45.00 14.14
C ILE C 282 -15.54 44.99 15.44
N THR C 283 -16.87 44.86 15.35
CA THR C 283 -17.69 44.85 16.55
C THR C 283 -17.37 43.64 17.44
N ASN C 284 -17.20 42.48 16.83
CA ASN C 284 -16.92 41.26 17.58
C ASN C 284 -15.51 41.35 18.15
N ASN C 285 -15.41 41.57 19.45
CA ASN C 285 -14.10 41.68 20.09
C ASN C 285 -13.33 40.37 20.11
N ALA C 286 -14.00 39.23 19.91
CA ALA C 286 -13.30 37.95 19.85
C ALA C 286 -12.43 37.82 18.61
N LYS C 287 -12.65 38.64 17.58
CA LYS C 287 -11.87 38.57 16.36
C LYS C 287 -10.60 39.41 16.48
N ASN C 288 -9.51 38.86 15.96
CA ASN C 288 -8.24 39.56 15.93
C ASN C 288 -8.31 40.72 14.93
N ILE C 289 -7.42 41.68 15.13
CA ILE C 289 -7.30 42.85 14.27
C ILE C 289 -5.89 42.87 13.70
N LEU C 290 -5.79 42.86 12.38
CA LEU C 290 -4.52 42.93 11.68
C LEU C 290 -4.32 44.36 11.18
N VAL C 291 -3.30 45.03 11.70
CA VAL C 291 -2.99 46.41 11.34
C VAL C 291 -1.75 46.38 10.47
N GLN C 292 -1.87 46.89 9.25
CA GLN C 292 -0.77 46.97 8.30
C GLN C 292 -0.32 48.42 8.18
N LEU C 293 0.99 48.63 8.26
CA LEU C 293 1.57 49.97 8.31
C LEU C 293 2.06 50.40 6.93
N ASN C 294 2.09 51.72 6.72
CA ASN C 294 2.64 52.30 5.51
C ASN C 294 4.10 52.73 5.68
N GLU C 295 4.72 52.48 6.83
CA GLU C 295 6.14 52.67 7.02
C GLU C 295 6.67 51.59 7.96
N SER C 296 7.81 51.02 7.60
CA SER C 296 8.45 50.03 8.46
C SER C 296 8.98 50.69 9.72
N VAL C 297 8.86 49.98 10.84
CA VAL C 297 9.44 50.41 12.11
C VAL C 297 10.72 49.61 12.32
N GLN C 298 11.78 50.30 12.76
CA GLN C 298 13.11 49.71 12.84
C GLN C 298 13.31 49.07 14.22
N ILE C 299 13.67 47.79 14.23
CA ILE C 299 13.95 47.05 15.45
C ILE C 299 15.27 46.31 15.29
N ASN C 300 16.11 46.36 16.32
CA ASN C 300 17.41 45.68 16.35
C ASN C 300 17.44 44.78 17.57
N CYS C 301 17.39 43.47 17.36
CA CYS C 301 17.41 42.49 18.44
C CYS C 301 18.77 41.82 18.47
N THR C 302 19.23 41.47 19.67
CA THR C 302 20.58 40.93 19.81
C THR C 302 20.73 40.10 21.07
N ARG C 303 21.77 39.26 21.06
CA ARG C 303 22.20 38.46 22.21
C ARG C 303 23.68 38.73 22.45
N PRO C 304 24.02 39.80 23.17
CA PRO C 304 25.45 40.08 23.39
C PRO C 304 26.11 39.06 24.33
N ASN C 305 26.29 37.85 23.81
CA ASN C 305 26.99 36.78 24.53
C ASN C 305 27.79 35.98 23.51
N ASN C 306 29.11 35.90 23.74
CA ASN C 306 30.00 35.18 22.83
C ASN C 306 29.93 33.70 23.18
N ASN C 307 28.93 33.02 22.62
CA ASN C 307 28.68 31.62 22.94
C ASN C 307 29.79 30.71 22.42
N THR C 308 30.16 29.73 23.23
CA THR C 308 31.04 28.64 22.84
C THR C 308 30.26 27.35 22.99
N ARG C 309 30.21 26.55 21.92
CA ARG C 309 29.35 25.39 21.80
C ARG C 309 30.16 24.10 21.90
N LYS C 310 29.72 23.20 22.78
CA LYS C 310 30.30 21.88 22.91
C LYS C 310 29.69 20.94 21.89
N SER C 311 30.30 19.77 21.74
CA SER C 311 29.81 18.72 20.86
C SER C 311 30.06 17.38 21.54
N ILE C 312 28.99 16.77 22.04
CA ILE C 312 29.07 15.55 22.82
C ILE C 312 28.52 14.39 21.99
N ARG C 313 29.24 13.27 21.97
CA ARG C 313 28.73 12.06 21.37
C ARG C 313 27.87 11.32 22.38
N ILE C 314 26.64 10.99 22.00
CA ILE C 314 25.69 10.32 22.88
C ILE C 314 25.45 8.87 22.48
N GLY C 315 25.67 8.50 21.23
CA GLY C 315 25.41 7.16 20.78
C GLY C 315 26.13 6.85 19.48
N PRO C 316 25.95 5.66 18.96
CA PRO C 316 26.67 5.28 17.74
C PRO C 316 26.15 6.02 16.52
N GLY C 317 26.59 7.26 16.36
CA GLY C 317 26.21 8.10 15.25
C GLY C 317 25.40 9.32 15.63
N GLN C 318 25.37 9.69 16.91
CA GLN C 318 24.48 10.72 17.43
C GLN C 318 25.31 11.77 18.16
N TRP C 319 25.13 13.03 17.77
CA TRP C 319 25.80 14.17 18.39
C TRP C 319 24.76 15.04 19.09
N PHE C 320 25.09 15.46 20.31
CA PHE C 320 24.27 16.38 21.08
C PHE C 320 25.05 17.67 21.31
N TYR C 321 24.42 18.80 21.02
CA TYR C 321 25.03 20.11 21.10
C TYR C 321 24.45 20.88 22.27
N ALA C 322 25.33 21.40 23.13
CA ALA C 322 24.92 22.06 24.35
C ALA C 322 25.78 23.31 24.54
N THR C 323 25.19 24.33 25.14
CA THR C 323 25.88 25.60 25.28
C THR C 323 27.07 25.45 26.21
N GLY C 324 28.26 25.38 25.63
CA GLY C 324 29.46 25.10 26.40
C GLY C 324 29.77 26.16 27.44
N ASP C 325 29.88 27.40 27.01
CA ASP C 325 30.18 28.49 27.93
C ASP C 325 29.91 29.81 27.21
N ILE C 326 30.07 30.91 27.95
CA ILE C 326 30.02 32.26 27.41
C ILE C 326 31.37 32.91 27.68
N ILE C 327 32.08 33.29 26.62
CA ILE C 327 33.44 33.80 26.77
C ILE C 327 33.44 35.12 27.50
N GLY C 328 32.60 36.07 27.08
CA GLY C 328 32.59 37.42 27.59
C GLY C 328 31.60 37.61 28.73
N ASP C 329 31.17 38.86 28.90
CA ASP C 329 30.18 39.17 29.92
C ASP C 329 28.81 38.64 29.50
N ILE C 330 27.94 38.47 30.50
CA ILE C 330 26.60 37.92 30.31
C ILE C 330 25.61 39.07 30.48
N ARG C 331 24.89 39.39 29.40
CA ARG C 331 23.86 40.41 29.40
C ARG C 331 22.63 39.89 28.67
N GLN C 332 21.45 40.29 29.15
CA GLN C 332 20.21 39.76 28.61
C GLN C 332 20.03 40.19 27.16
N ALA C 333 19.54 39.26 26.34
CA ALA C 333 19.18 39.57 24.98
C ALA C 333 18.06 40.59 24.96
N HIS C 334 18.10 41.51 24.00
CA HIS C 334 17.21 42.66 24.04
C HIS C 334 16.97 43.18 22.63
N CYS C 335 15.90 43.97 22.50
CA CYS C 335 15.54 44.61 21.24
C CYS C 335 15.42 46.12 21.43
N ASN C 336 16.15 46.89 20.63
CA ASN C 336 16.02 48.34 20.57
C ASN C 336 15.07 48.69 19.43
N VAL C 337 14.02 49.45 19.75
CA VAL C 337 13.03 49.90 18.77
C VAL C 337 13.14 51.41 18.65
N SER C 338 13.09 51.91 17.42
CA SER C 338 13.15 53.34 17.19
C SER C 338 11.95 54.04 17.85
N LYS C 339 12.23 54.82 18.90
CA LYS C 339 11.15 55.36 19.73
C LYS C 339 10.28 56.35 18.98
N ALA C 340 10.89 57.34 18.32
CA ALA C 340 10.11 58.34 17.61
C ALA C 340 9.31 57.72 16.47
N THR C 341 9.93 56.77 15.76
CA THR C 341 9.22 56.06 14.71
C THR C 341 8.04 55.30 15.28
N TRP C 342 8.22 54.68 16.46
CA TRP C 342 7.11 53.97 17.08
C TRP C 342 6.00 54.92 17.49
N ASN C 343 6.35 56.11 17.99
CA ASN C 343 5.34 57.09 18.35
C ASN C 343 4.53 57.51 17.12
N GLU C 344 5.22 57.79 16.01
CA GLU C 344 4.51 58.15 14.78
C GLU C 344 3.63 57.01 14.29
N THR C 345 4.15 55.78 14.36
CA THR C 345 3.38 54.63 13.90
C THR C 345 2.12 54.45 14.73
N LEU C 346 2.25 54.56 16.05
CA LEU C 346 1.08 54.45 16.91
C LEU C 346 0.11 55.60 16.65
N GLY C 347 0.62 56.78 16.32
CA GLY C 347 -0.27 57.88 15.98
C GLY C 347 -1.09 57.58 14.75
N LYS C 348 -0.45 57.08 13.69
CA LYS C 348 -1.19 56.73 12.48
C LYS C 348 -2.20 55.62 12.76
N VAL C 349 -1.80 54.61 13.52
CA VAL C 349 -2.70 53.50 13.83
C VAL C 349 -3.89 54.01 14.65
N VAL C 350 -3.64 54.96 15.56
CA VAL C 350 -4.73 55.51 16.36
C VAL C 350 -5.66 56.33 15.49
N LYS C 351 -5.12 57.04 14.50
CA LYS C 351 -5.98 57.77 13.58
C LYS C 351 -6.91 56.83 12.84
N GLN C 352 -6.36 55.73 12.31
CA GLN C 352 -7.21 54.78 11.59
C GLN C 352 -8.20 54.10 12.53
N LEU C 353 -7.79 53.81 13.76
CA LEU C 353 -8.70 53.24 14.74
C LEU C 353 -9.82 54.21 15.07
N ARG C 354 -9.52 55.50 15.13
CA ARG C 354 -10.56 56.50 15.35
C ARG C 354 -11.54 56.51 14.19
N LYS C 355 -11.02 56.41 12.97
CA LYS C 355 -11.92 56.37 11.81
C LYS C 355 -12.85 55.17 11.88
N HIS C 356 -12.32 54.01 12.28
CA HIS C 356 -13.17 52.82 12.34
C HIS C 356 -14.15 52.86 13.51
N PHE C 357 -13.69 53.28 14.71
CA PHE C 357 -14.49 53.24 15.92
C PHE C 357 -15.16 54.57 16.24
N GLY C 358 -14.53 55.68 15.92
CA GLY C 358 -15.03 57.01 16.24
C GLY C 358 -13.93 57.89 16.81
N ASN C 359 -14.08 59.20 16.60
CA ASN C 359 -13.14 60.21 17.07
C ASN C 359 -13.69 61.01 18.24
N ASN C 360 -14.67 60.47 18.96
CA ASN C 360 -15.19 61.03 20.19
C ASN C 360 -15.01 60.07 21.35
N THR C 361 -13.97 59.23 21.29
CA THR C 361 -13.69 58.24 22.32
C THR C 361 -12.19 58.07 22.46
N ILE C 362 -11.76 57.70 23.66
CA ILE C 362 -10.34 57.58 23.99
C ILE C 362 -9.87 56.20 23.55
N ILE C 363 -8.63 56.12 23.07
CA ILE C 363 -8.03 54.86 22.63
C ILE C 363 -6.78 54.59 23.48
N ARG C 364 -6.73 53.42 24.08
CA ARG C 364 -5.67 53.06 25.01
C ARG C 364 -4.92 51.84 24.49
N PHE C 365 -3.63 51.77 24.81
CA PHE C 365 -2.80 50.60 24.55
C PHE C 365 -2.20 50.09 25.85
N ALA C 366 -2.49 48.83 26.16
CA ALA C 366 -2.01 48.16 27.35
C ALA C 366 -1.36 46.85 26.94
N ASN C 367 -0.45 46.36 27.78
CA ASN C 367 0.25 45.12 27.48
C ASN C 367 -0.71 43.94 27.53
N SER C 368 -0.26 42.79 27.02
CA SER C 368 -1.12 41.64 26.89
C SER C 368 -1.51 41.10 28.27
N SER C 369 -2.42 40.13 28.26
CA SER C 369 -2.89 39.46 29.46
C SER C 369 -2.03 38.24 29.73
N GLY C 370 -2.48 37.39 30.66
CA GLY C 370 -1.75 36.20 31.01
C GLY C 370 -1.88 35.09 29.97
N GLY C 371 -1.06 34.06 30.14
CA GLY C 371 -1.03 32.90 29.28
C GLY C 371 0.38 32.41 29.05
N ASP C 372 0.55 31.63 28.00
CA ASP C 372 1.85 31.07 27.66
C ASP C 372 2.75 32.16 27.05
N LEU C 373 4.06 31.89 27.09
CA LEU C 373 5.01 32.82 26.46
C LEU C 373 4.78 32.95 24.97
N GLU C 374 4.21 31.92 24.33
CA GLU C 374 3.94 31.99 22.90
C GLU C 374 2.95 33.10 22.55
N VAL C 375 2.09 33.49 23.50
CA VAL C 375 1.05 34.49 23.25
C VAL C 375 1.27 35.76 24.06
N THR C 376 1.70 35.67 25.31
CA THR C 376 1.86 36.85 26.14
C THR C 376 3.05 37.70 25.76
N THR C 377 3.94 37.21 24.89
CA THR C 377 5.15 37.92 24.52
C THR C 377 5.34 37.83 23.01
N HIS C 378 6.17 38.73 22.50
CA HIS C 378 6.54 38.74 21.09
C HIS C 378 7.60 37.66 20.89
N SER C 379 7.18 36.51 20.39
CA SER C 379 8.07 35.38 20.16
C SER C 379 8.44 35.32 18.69
N PHE C 380 9.71 35.12 18.40
CA PHE C 380 10.14 35.06 17.00
C PHE C 380 11.47 34.36 16.89
N ASN C 381 11.92 34.21 15.65
CA ASN C 381 13.19 33.56 15.33
C ASN C 381 14.16 34.58 14.77
N CYS C 382 15.40 34.55 15.24
CA CYS C 382 16.46 35.48 14.84
C CYS C 382 17.74 34.70 14.67
N GLY C 383 18.24 34.63 13.44
CA GLY C 383 19.54 34.05 13.17
C GLY C 383 19.71 32.63 13.62
N GLY C 384 18.61 31.87 13.73
CA GLY C 384 18.63 30.50 14.17
C GLY C 384 18.28 30.30 15.63
N GLU C 385 18.38 31.35 16.44
CA GLU C 385 17.97 31.31 17.84
C GLU C 385 16.53 31.81 17.96
N PHE C 386 15.93 31.59 19.12
CA PHE C 386 14.53 31.96 19.37
C PHE C 386 14.48 33.00 20.48
N PHE C 387 13.74 34.09 20.20
CA PHE C 387 13.55 35.20 21.13
C PHE C 387 12.13 35.16 21.68
N TYR C 388 11.98 35.55 22.94
CA TYR C 388 10.69 35.83 23.57
C TYR C 388 10.84 37.18 24.25
N CYS C 389 10.29 38.22 23.64
CA CYS C 389 10.50 39.59 24.08
C CYS C 389 9.24 40.16 24.71
N ASN C 390 9.40 40.78 25.87
CA ASN C 390 8.31 41.40 26.62
C ASN C 390 7.99 42.74 25.99
N THR C 391 6.76 42.88 25.47
CA THR C 391 6.37 44.05 24.69
C THR C 391 5.62 45.09 25.50
N SER C 392 5.69 45.03 26.84
CA SER C 392 4.99 46.02 27.64
C SER C 392 5.54 47.43 27.44
N GLY C 393 6.76 47.56 26.91
CA GLY C 393 7.33 48.87 26.66
C GLY C 393 6.77 49.58 25.46
N LEU C 394 6.00 48.90 24.61
CA LEU C 394 5.42 49.48 23.40
C LEU C 394 3.96 49.88 23.59
N PHE C 395 3.11 48.92 23.94
CA PHE C 395 1.67 49.15 24.02
C PHE C 395 1.31 49.62 25.42
N ASN C 396 1.83 50.79 25.76
CA ASN C 396 1.59 51.44 27.05
C ASN C 396 1.40 52.93 26.75
N SER C 397 0.15 53.31 26.49
CA SER C 397 -0.13 54.70 26.11
C SER C 397 -1.64 54.95 26.10
N THR C 398 -1.99 56.22 26.01
CA THR C 398 -3.38 56.66 25.90
C THR C 398 -3.45 57.82 24.92
N TRP C 399 -4.50 57.83 24.09
CA TRP C 399 -4.66 58.90 23.07
C TRP C 399 -6.06 59.51 23.19
N ILE C 400 -6.30 60.29 24.25
CA ILE C 400 -7.63 60.93 24.46
C ILE C 400 -7.95 61.82 23.25
N SER C 401 -6.96 62.58 22.78
CA SER C 401 -7.16 63.49 21.62
C SER C 401 -5.84 63.68 20.87
N ASN C 414 16.80 60.19 18.72
CA ASN C 414 17.91 59.55 19.41
C ASN C 414 17.43 58.57 20.48
N ASP C 415 16.22 58.78 20.97
CA ASP C 415 15.66 57.89 21.99
C ASP C 415 15.32 56.54 21.38
N SER C 416 15.30 55.51 22.23
CA SER C 416 15.03 54.15 21.79
C SER C 416 14.38 53.39 22.93
N ILE C 417 13.43 52.51 22.60
CA ILE C 417 12.73 51.70 23.58
C ILE C 417 13.40 50.34 23.62
N THR C 418 13.73 49.88 24.83
CA THR C 418 14.41 48.61 25.03
C THR C 418 13.41 47.57 25.52
N LEU C 419 13.27 46.49 24.76
CA LEU C 419 12.43 45.37 25.13
C LEU C 419 13.32 44.25 25.65
N PRO C 420 13.21 43.82 26.91
CA PRO C 420 13.96 42.64 27.34
C PRO C 420 13.49 41.40 26.60
N CYS C 421 14.42 40.46 26.39
CA CYS C 421 14.13 39.23 25.67
C CYS C 421 14.82 38.05 26.34
N ARG C 422 14.05 36.99 26.55
CA ARG C 422 14.56 35.72 27.03
C ARG C 422 14.74 34.76 25.86
N ILE C 423 15.55 33.74 26.09
CA ILE C 423 15.93 32.77 25.06
C ILE C 423 15.44 31.40 25.51
N LYS C 424 14.71 30.72 24.63
CA LYS C 424 14.12 29.41 24.89
C LYS C 424 14.64 28.44 23.84
N GLN C 425 15.18 27.30 24.29
CA GLN C 425 15.71 26.30 23.39
C GLN C 425 14.74 25.17 23.10
N ILE C 426 14.23 24.49 24.13
CA ILE C 426 13.26 23.41 23.96
C ILE C 426 11.92 24.07 23.69
N ILE C 427 11.38 23.87 22.49
CA ILE C 427 10.24 24.64 21.98
C ILE C 427 9.15 23.68 21.55
N ASN C 428 7.90 24.04 21.86
CA ASN C 428 6.73 23.36 21.30
C ASN C 428 6.13 24.29 20.24
N MET C 429 6.72 24.27 19.05
CA MET C 429 6.23 25.13 17.98
C MET C 429 4.82 24.71 17.54
N TRP C 430 4.09 25.68 17.03
CA TRP C 430 2.71 25.53 16.55
C TRP C 430 1.73 25.19 17.67
N GLN C 431 2.15 25.30 18.94
CA GLN C 431 1.29 25.05 20.10
C GLN C 431 0.69 23.64 20.08
N ARG C 432 1.45 22.69 19.54
CA ARG C 432 1.10 21.28 19.64
C ARG C 432 1.57 20.73 20.98
N ILE C 433 1.21 19.48 21.25
CA ILE C 433 1.54 18.83 22.51
C ILE C 433 2.54 17.70 22.31
N GLY C 434 2.38 16.90 21.26
CA GLY C 434 3.16 15.69 21.09
C GLY C 434 4.54 15.85 20.49
N GLN C 435 5.01 17.07 20.25
CA GLN C 435 6.30 17.32 19.65
C GLN C 435 7.06 18.38 20.44
N ALA C 436 8.38 18.37 20.29
CA ALA C 436 9.22 19.34 20.98
C ALA C 436 10.57 19.40 20.26
N MET C 437 10.96 20.61 19.87
CA MET C 437 12.17 20.84 19.10
C MET C 437 13.20 21.51 19.99
N TYR C 438 14.46 21.04 19.91
CA TYR C 438 15.58 21.58 20.67
C TYR C 438 16.48 22.34 19.72
N ALA C 439 16.47 23.66 19.82
CA ALA C 439 17.34 24.49 18.98
C ALA C 439 18.78 24.30 19.43
N PRO C 440 19.72 23.97 18.54
CA PRO C 440 21.11 23.91 18.96
C PRO C 440 21.60 25.30 19.34
N PRO C 441 22.57 25.40 20.24
CA PRO C 441 23.20 26.71 20.47
C PRO C 441 23.94 27.16 19.22
N ILE C 442 24.12 28.47 19.12
CA ILE C 442 24.75 29.10 17.96
C ILE C 442 25.95 29.91 18.44
N GLN C 443 27.11 29.67 17.84
CA GLN C 443 28.34 30.31 18.27
C GLN C 443 28.33 31.79 17.91
N GLY C 444 29.20 32.53 18.58
CA GLY C 444 29.35 33.95 18.28
C GLY C 444 28.30 34.79 18.99
N VAL C 445 28.01 35.94 18.38
CA VAL C 445 27.03 36.90 18.88
C VAL C 445 26.00 37.11 17.79
N ILE C 446 24.72 37.04 18.14
CA ILE C 446 23.62 37.10 17.19
C ILE C 446 23.02 38.48 17.22
N ARG C 447 22.81 39.06 16.03
CA ARG C 447 22.10 40.32 15.86
C ARG C 447 21.21 40.23 14.63
N CYS C 448 19.96 40.65 14.79
CA CYS C 448 19.00 40.71 13.69
C CYS C 448 18.40 42.11 13.61
N VAL C 449 18.35 42.65 12.40
CA VAL C 449 17.76 43.96 12.13
C VAL C 449 16.51 43.71 11.31
N SER C 450 15.35 44.08 11.86
CA SER C 450 14.07 43.73 11.26
C SER C 450 13.17 44.95 11.11
N ASN C 451 12.32 44.85 10.10
CA ASN C 451 11.24 45.79 9.83
C ASN C 451 9.96 45.22 10.44
N ILE C 452 9.44 45.89 11.45
CA ILE C 452 8.08 45.61 11.92
C ILE C 452 7.15 46.29 10.94
N THR C 453 6.30 45.50 10.29
CA THR C 453 5.40 46.00 9.26
C THR C 453 3.93 45.88 9.62
N GLY C 454 3.59 45.11 10.65
CA GLY C 454 2.19 44.97 11.02
C GLY C 454 2.06 44.47 12.44
N LEU C 455 0.88 44.70 12.99
CA LEU C 455 0.56 44.39 14.37
C LEU C 455 -0.68 43.51 14.43
N ILE C 456 -0.75 42.68 15.46
CA ILE C 456 -1.91 41.87 15.77
C ILE C 456 -2.46 42.38 17.10
N LEU C 457 -3.61 43.05 17.05
CA LEU C 457 -4.22 43.67 18.22
C LEU C 457 -5.56 43.02 18.50
N THR C 458 -5.94 43.01 19.79
CA THR C 458 -7.25 42.53 20.23
C THR C 458 -7.85 43.54 21.19
N ARG C 459 -9.01 44.07 20.83
CA ARG C 459 -9.70 45.04 21.65
C ARG C 459 -10.10 44.41 22.98
N ASP C 460 -10.02 45.19 24.05
CA ASP C 460 -10.44 44.71 25.36
C ASP C 460 -11.93 44.39 25.33
N GLY C 461 -12.29 43.24 25.89
CA GLY C 461 -13.66 42.78 25.83
C GLY C 461 -14.66 43.63 26.57
N GLY C 462 -14.24 44.31 27.63
CA GLY C 462 -15.18 45.10 28.40
C GLY C 462 -15.73 46.26 27.62
N SER C 463 -17.00 46.60 27.91
CA SER C 463 -17.62 47.76 27.28
C SER C 463 -17.06 49.06 27.84
N THR C 464 -16.88 49.15 29.15
CA THR C 464 -16.33 50.32 29.81
C THR C 464 -17.15 51.57 29.50
N ASN C 465 -18.48 51.38 29.48
CA ASN C 465 -19.43 52.47 29.21
C ASN C 465 -19.22 53.09 27.84
N SER C 466 -18.57 52.36 26.93
CA SER C 466 -18.24 52.87 25.59
C SER C 466 -17.46 54.18 25.69
N THR C 467 -16.58 54.27 26.68
CA THR C 467 -15.80 55.47 26.95
C THR C 467 -14.39 55.37 26.38
N THR C 468 -13.62 54.36 26.79
CA THR C 468 -12.26 54.14 26.34
C THR C 468 -12.16 52.73 25.78
N GLU C 469 -11.52 52.61 24.61
CA GLU C 469 -11.29 51.33 23.96
C GLU C 469 -9.80 50.99 24.09
N THR C 470 -9.51 49.90 24.78
CA THR C 470 -8.14 49.47 25.03
C THR C 470 -7.79 48.31 24.12
N PHE C 471 -6.72 48.47 23.33
CA PHE C 471 -6.24 47.45 22.42
C PHE C 471 -4.93 46.88 22.95
N ARG C 472 -4.86 45.55 23.05
CA ARG C 472 -3.74 44.84 23.61
C ARG C 472 -2.99 44.10 22.51
N PRO C 473 -1.67 43.90 22.65
CA PRO C 473 -0.98 43.03 21.68
C PRO C 473 -1.18 41.56 22.00
N GLY C 474 -2.43 41.11 21.87
CA GLY C 474 -2.77 39.75 22.25
C GLY C 474 -2.27 38.68 21.30
N GLY C 475 -1.73 39.07 20.16
CA GLY C 475 -1.28 38.10 19.20
C GLY C 475 -2.45 37.29 18.67
N GLY C 476 -2.14 36.10 18.20
CA GLY C 476 -3.17 35.24 17.67
C GLY C 476 -2.59 34.03 16.99
N ASP C 477 -3.46 33.35 16.24
CA ASP C 477 -3.07 32.14 15.55
C ASP C 477 -2.01 32.45 14.49
N MET C 478 -1.19 31.44 14.19
CA MET C 478 -0.12 31.59 13.22
C MET C 478 -0.67 31.98 11.85
N ARG C 479 -1.85 31.45 11.48
CA ARG C 479 -2.44 31.72 10.17
C ARG C 479 -2.52 33.20 9.88
N ASP C 480 -2.84 34.00 10.90
CA ASP C 480 -2.97 35.45 10.74
C ASP C 480 -1.74 36.06 10.09
N ASN C 481 -0.54 35.60 10.47
CA ASN C 481 0.67 36.15 9.86
C ASN C 481 0.62 36.02 8.35
N TRP C 482 0.35 34.83 7.85
CA TRP C 482 0.35 34.66 6.40
C TRP C 482 -0.86 35.32 5.77
N ARG C 483 -1.93 35.55 6.56
CA ARG C 483 -3.05 36.30 6.01
C ARG C 483 -2.60 37.70 5.62
N SER C 484 -1.68 38.29 6.40
CA SER C 484 -1.18 39.61 6.06
C SER C 484 -0.47 39.63 4.72
N GLU C 485 0.00 38.47 4.22
CA GLU C 485 0.60 38.34 2.92
C GLU C 485 -0.26 37.59 1.91
N LEU C 486 -1.45 37.12 2.31
CA LEU C 486 -2.32 36.35 1.43
C LEU C 486 -3.73 36.92 1.35
N TYR C 487 -3.94 38.17 1.76
CA TYR C 487 -5.25 38.79 1.59
C TYR C 487 -5.51 39.20 0.15
N LYS C 488 -4.46 39.44 -0.63
CA LYS C 488 -4.62 39.88 -2.01
C LYS C 488 -5.06 38.79 -2.97
N TYR C 489 -4.81 37.51 -2.64
CA TYR C 489 -4.89 36.43 -3.60
C TYR C 489 -6.17 35.61 -3.43
N LYS C 490 -6.58 34.97 -4.52
CA LYS C 490 -7.72 34.06 -4.51
C LYS C 490 -7.51 32.99 -5.57
N VAL C 491 -7.81 31.74 -5.22
CA VAL C 491 -7.62 30.59 -6.12
C VAL C 491 -8.93 30.29 -6.82
N VAL C 492 -8.90 30.21 -8.15
CA VAL C 492 -10.10 29.91 -8.92
C VAL C 492 -9.78 28.89 -10.01
N LYS C 493 -10.66 27.91 -10.15
CA LYS C 493 -10.55 26.88 -11.17
C LYS C 493 -11.22 27.37 -12.44
N ILE C 494 -10.60 27.11 -13.58
CA ILE C 494 -11.13 27.51 -14.87
C ILE C 494 -12.27 26.56 -15.24
N GLU C 495 -13.27 27.10 -15.94
CA GLU C 495 -14.43 26.34 -16.43
C GLU C 495 -14.54 26.61 -17.92
N PRO C 496 -13.67 26.01 -18.74
CA PRO C 496 -13.59 26.40 -20.15
C PRO C 496 -14.85 26.14 -20.95
N LEU C 497 -15.69 25.19 -20.52
CA LEU C 497 -16.83 24.74 -21.32
C LEU C 497 -18.07 25.52 -20.95
N GLY C 498 -18.73 26.09 -21.96
CA GLY C 498 -19.96 26.82 -21.73
C GLY C 498 -20.85 26.71 -22.94
N VAL C 499 -22.06 27.29 -22.80
CA VAL C 499 -23.05 27.27 -23.86
C VAL C 499 -23.58 28.69 -24.03
N ALA C 500 -24.11 28.97 -25.23
CA ALA C 500 -24.62 30.30 -25.52
C ALA C 500 -25.67 30.19 -26.63
N PRO C 501 -26.54 31.19 -26.77
CA PRO C 501 -27.39 31.27 -27.97
C PRO C 501 -26.59 31.70 -29.20
N THR C 502 -27.17 31.44 -30.37
CA THR C 502 -26.65 31.91 -31.63
C THR C 502 -27.78 32.00 -32.64
N ARG C 503 -27.44 32.49 -33.83
CA ARG C 503 -28.33 32.49 -34.98
C ARG C 503 -28.10 31.31 -35.92
N CYS C 504 -27.12 30.44 -35.62
CA CYS C 504 -26.68 29.39 -36.54
C CYS C 504 -26.94 28.01 -35.94
N LYS C 505 -27.20 27.03 -36.82
CA LYS C 505 -27.54 25.68 -36.40
C LYS C 505 -26.74 24.68 -37.22
N ARG C 506 -26.49 23.51 -36.63
CA ARG C 506 -25.77 22.46 -37.32
C ARG C 506 -26.57 21.94 -38.51
N ARG C 507 -25.85 21.61 -39.58
CA ARG C 507 -26.48 21.01 -40.75
C ARG C 507 -26.63 19.50 -40.58
N GLY D 12 -1.72 35.44 -22.87
CA GLY D 12 -2.88 36.21 -22.49
C GLY D 12 -3.96 35.37 -21.84
N PHE D 13 -3.54 34.47 -20.96
CA PHE D 13 -4.48 33.61 -20.25
C PHE D 13 -5.47 34.45 -19.45
N LEU D 14 -6.75 34.24 -19.69
CA LEU D 14 -7.84 35.04 -19.12
C LEU D 14 -7.70 36.52 -19.45
N GLY D 15 -7.04 36.86 -20.56
CA GLY D 15 -6.89 38.25 -20.92
C GLY D 15 -8.21 38.94 -21.22
N ALA D 16 -9.09 38.26 -21.94
CA ALA D 16 -10.39 38.79 -22.29
C ALA D 16 -11.48 38.40 -21.31
N ALA D 17 -11.11 38.06 -20.06
CA ALA D 17 -12.09 37.57 -19.10
C ALA D 17 -13.16 38.62 -18.81
N GLY D 18 -12.77 39.88 -18.67
CA GLY D 18 -13.72 40.94 -18.49
C GLY D 18 -14.28 41.50 -19.78
N SER D 19 -13.78 41.06 -20.93
CA SER D 19 -14.35 41.50 -22.19
C SER D 19 -15.72 40.88 -22.39
N THR D 20 -16.48 41.46 -23.30
CA THR D 20 -17.84 41.00 -23.53
C THR D 20 -17.82 39.71 -24.36
N MET D 21 -18.96 39.01 -24.35
CA MET D 21 -19.08 37.79 -25.12
C MET D 21 -18.92 38.09 -26.61
N GLY D 22 -18.30 37.14 -27.32
CA GLY D 22 -17.99 37.35 -28.71
C GLY D 22 -16.64 38.03 -28.90
N ALA D 23 -16.41 39.11 -28.17
CA ALA D 23 -15.10 39.74 -28.19
C ALA D 23 -14.02 38.80 -27.70
N ALA D 24 -14.34 38.00 -26.67
CA ALA D 24 -13.40 37.01 -26.16
C ALA D 24 -13.35 35.74 -27.01
N SER D 25 -14.29 35.56 -27.93
CA SER D 25 -14.35 34.33 -28.72
C SER D 25 -13.16 34.16 -29.65
N MET D 26 -12.35 35.20 -29.86
CA MET D 26 -11.13 35.09 -30.65
C MET D 26 -9.95 34.60 -29.82
N THR D 27 -10.06 34.52 -28.50
CA THR D 27 -8.97 34.11 -27.63
C THR D 27 -9.10 32.67 -27.16
N LEU D 28 -10.06 31.91 -27.70
CA LEU D 28 -10.38 30.60 -27.14
C LEU D 28 -9.20 29.65 -27.17
N THR D 29 -8.43 29.66 -28.26
CA THR D 29 -7.23 28.83 -28.33
C THR D 29 -6.27 29.14 -27.20
N VAL D 30 -6.05 30.42 -26.92
CA VAL D 30 -5.18 30.81 -25.81
C VAL D 30 -5.78 30.30 -24.51
N GLN D 31 -7.11 30.33 -24.40
CA GLN D 31 -7.76 29.74 -23.24
C GLN D 31 -7.76 28.22 -23.30
N ALA D 32 -7.82 27.65 -24.51
CA ALA D 32 -7.90 26.19 -24.63
C ALA D 32 -6.61 25.54 -24.18
N ARG D 33 -5.48 26.11 -24.57
CA ARG D 33 -4.20 25.64 -24.07
C ARG D 33 -4.03 26.06 -22.62
N ASN D 34 -2.97 25.53 -22.00
CA ASN D 34 -2.57 25.82 -20.62
C ASN D 34 -3.45 25.12 -19.57
N LEU D 35 -4.61 24.60 -19.97
CA LEU D 35 -5.32 23.68 -19.08
C LEU D 35 -4.62 22.34 -19.03
N LEU D 36 -3.96 21.97 -20.12
CA LEU D 36 -3.15 20.76 -20.20
C LEU D 36 -1.86 21.14 -20.90
N SER D 37 -0.81 20.35 -20.69
CA SER D 37 0.49 20.54 -21.34
C SER D 37 1.14 21.87 -20.97
N GLY D 38 0.54 22.98 -21.42
CA GLY D 38 1.19 24.27 -21.27
C GLY D 38 1.54 24.61 -19.84
N ILE D 39 0.75 24.12 -18.89
CA ILE D 39 1.08 24.25 -17.47
C ILE D 39 1.60 22.93 -16.91
N VAL D 40 1.04 21.80 -17.34
CA VAL D 40 1.44 20.51 -16.76
C VAL D 40 2.80 20.08 -17.31
N GLN D 41 2.96 20.08 -18.63
CA GLN D 41 4.22 19.63 -19.22
C GLN D 41 5.36 20.56 -18.85
N GLN D 42 5.12 21.87 -18.89
CA GLN D 42 6.18 22.81 -18.53
C GLN D 42 6.57 22.69 -17.07
N GLN D 43 5.58 22.56 -16.18
CA GLN D 43 5.90 22.40 -14.76
C GLN D 43 6.58 21.07 -14.50
N SER D 44 6.26 20.04 -15.30
CA SER D 44 6.94 18.76 -15.18
C SER D 44 8.40 18.89 -15.60
N ASN D 45 8.66 19.58 -16.71
CA ASN D 45 10.04 19.78 -17.15
C ASN D 45 10.83 20.61 -16.14
N LEU D 46 10.21 21.66 -15.60
CA LEU D 46 10.89 22.47 -14.59
C LEU D 46 11.14 21.68 -13.33
N LEU D 47 10.17 20.85 -12.90
CA LEU D 47 10.34 20.07 -11.69
C LEU D 47 11.46 19.06 -11.84
N ARG D 48 11.58 18.45 -13.02
CA ARG D 48 12.62 17.47 -13.30
C ARG D 48 13.90 18.10 -13.83
N ALA D 49 13.94 19.43 -13.96
CA ALA D 49 15.16 20.07 -14.46
C ALA D 49 16.28 20.09 -13.44
N PRO D 50 16.12 20.66 -12.24
CA PRO D 50 17.25 20.74 -11.32
C PRO D 50 17.58 19.39 -10.69
N GLU D 51 18.75 19.36 -10.06
CA GLU D 51 19.18 18.18 -9.34
C GLU D 51 18.39 18.04 -8.03
N CYS D 52 18.78 17.07 -7.21
CA CYS D 52 18.17 16.85 -5.91
C CYS D 52 16.67 16.52 -6.04
N GLN D 53 16.33 15.74 -7.07
CA GLN D 53 14.97 15.25 -7.18
C GLN D 53 14.61 14.35 -6.02
N GLN D 54 15.58 13.56 -5.53
CA GLN D 54 15.33 12.68 -4.40
C GLN D 54 14.94 13.43 -3.14
N HIS D 55 15.26 14.73 -3.05
CA HIS D 55 14.84 15.52 -1.89
C HIS D 55 13.33 15.74 -1.86
N LEU D 56 12.64 15.46 -2.98
CA LEU D 56 11.18 15.49 -3.03
C LEU D 56 10.56 14.15 -3.40
N LEU D 57 11.26 13.32 -4.17
CA LEU D 57 10.75 11.98 -4.46
C LEU D 57 10.69 11.15 -3.20
N LYS D 58 11.65 11.32 -2.29
CA LYS D 58 11.64 10.57 -1.04
C LYS D 58 10.42 10.89 -0.19
N LEU D 59 9.95 12.14 -0.19
CA LEU D 59 8.80 12.55 0.59
C LEU D 59 7.55 12.12 -0.17
N THR D 60 6.98 10.99 0.25
CA THR D 60 5.86 10.42 -0.48
C THR D 60 4.61 11.29 -0.40
N VAL D 61 4.46 12.06 0.68
CA VAL D 61 3.26 12.87 0.85
C VAL D 61 3.16 13.94 -0.24
N TRP D 62 4.25 14.70 -0.41
CA TRP D 62 4.27 15.74 -1.44
C TRP D 62 4.12 15.15 -2.83
N GLY D 63 4.81 14.02 -3.08
CA GLY D 63 4.70 13.38 -4.37
C GLY D 63 3.27 12.96 -4.67
N ILE D 64 2.58 12.38 -3.69
CA ILE D 64 1.22 11.93 -3.91
C ILE D 64 0.30 13.12 -4.10
N LYS D 65 0.53 14.21 -3.36
CA LYS D 65 -0.29 15.40 -3.56
C LYS D 65 -0.15 15.94 -4.98
N GLN D 66 1.09 16.03 -5.47
CA GLN D 66 1.30 16.54 -6.82
C GLN D 66 0.73 15.58 -7.86
N LEU D 67 0.88 14.28 -7.64
CA LEU D 67 0.31 13.32 -8.58
C LEU D 67 -1.20 13.42 -8.62
N GLN D 68 -1.83 13.60 -7.46
CA GLN D 68 -3.28 13.76 -7.44
C GLN D 68 -3.70 15.01 -8.19
N ALA D 69 -2.98 16.12 -7.99
CA ALA D 69 -3.31 17.35 -8.72
C ALA D 69 -3.20 17.14 -10.22
N ARG D 70 -2.10 16.53 -10.67
CA ARG D 70 -1.89 16.28 -12.09
C ARG D 70 -2.96 15.37 -12.66
N VAL D 71 -3.29 14.30 -11.94
CA VAL D 71 -4.26 13.33 -12.43
C VAL D 71 -5.64 13.96 -12.52
N LEU D 72 -6.02 14.78 -11.54
CA LEU D 72 -7.34 15.40 -11.60
C LEU D 72 -7.41 16.46 -12.69
N ALA D 73 -6.30 17.15 -12.96
CA ALA D 73 -6.28 18.06 -14.10
C ALA D 73 -6.53 17.28 -15.39
N VAL D 74 -5.83 16.16 -15.58
CA VAL D 74 -6.01 15.36 -16.78
C VAL D 74 -7.44 14.83 -16.84
N GLU D 75 -8.01 14.46 -15.69
CA GLU D 75 -9.35 13.89 -15.69
C GLU D 75 -10.40 14.93 -16.03
N ARG D 76 -10.25 16.15 -15.52
CA ARG D 76 -11.19 17.20 -15.92
C ARG D 76 -11.08 17.50 -17.41
N TYR D 77 -9.86 17.54 -17.94
CA TYR D 77 -9.70 17.74 -19.37
C TYR D 77 -10.37 16.63 -20.16
N LEU D 78 -10.18 15.38 -19.73
CA LEU D 78 -10.80 14.26 -20.43
C LEU D 78 -12.32 14.29 -20.30
N ARG D 79 -12.82 14.74 -19.15
CA ARG D 79 -14.27 14.90 -18.99
C ARG D 79 -14.80 15.88 -20.02
N ASP D 80 -14.14 17.03 -20.16
CA ASP D 80 -14.61 18.01 -21.14
C ASP D 80 -14.51 17.45 -22.56
N GLN D 81 -13.44 16.73 -22.87
CA GLN D 81 -13.30 16.19 -24.21
C GLN D 81 -14.36 15.14 -24.49
N GLN D 82 -14.65 14.28 -23.52
CA GLN D 82 -15.67 13.26 -23.73
C GLN D 82 -17.05 13.89 -23.85
N LEU D 83 -17.31 14.97 -23.09
CA LEU D 83 -18.58 15.67 -23.25
C LEU D 83 -18.69 16.28 -24.63
N LEU D 84 -17.61 16.84 -25.16
CA LEU D 84 -17.66 17.38 -26.52
C LEU D 84 -17.86 16.26 -27.53
N GLY D 85 -17.25 15.11 -27.29
CA GLY D 85 -17.43 13.99 -28.21
C GLY D 85 -18.84 13.45 -28.22
N ILE D 86 -19.43 13.28 -27.04
CA ILE D 86 -20.75 12.65 -26.97
C ILE D 86 -21.82 13.59 -27.50
N TRP D 87 -21.56 14.90 -27.53
CA TRP D 87 -22.47 15.85 -28.14
C TRP D 87 -22.21 16.04 -29.63
N GLY D 88 -21.27 15.32 -30.20
CA GLY D 88 -20.90 15.55 -31.59
C GLY D 88 -19.99 16.75 -31.75
N CYS D 89 -19.15 16.68 -32.78
CA CYS D 89 -18.25 17.78 -33.13
C CYS D 89 -17.26 18.08 -32.00
N SER D 90 -16.46 17.09 -31.66
CA SER D 90 -15.30 17.32 -30.80
C SER D 90 -14.11 17.75 -31.66
N GLY D 91 -13.05 18.19 -30.98
CA GLY D 91 -11.90 18.72 -31.67
C GLY D 91 -12.15 20.02 -32.41
N LYS D 92 -13.24 20.71 -32.10
CA LYS D 92 -13.55 22.01 -32.69
C LYS D 92 -14.01 22.94 -31.57
N LEU D 93 -13.27 24.02 -31.37
CA LEU D 93 -13.50 24.88 -30.22
C LEU D 93 -14.87 25.55 -30.28
N ILE D 94 -15.31 26.00 -31.46
CA ILE D 94 -16.61 26.61 -31.65
C ILE D 94 -17.39 25.72 -32.60
N CYS D 95 -18.52 25.19 -32.13
CA CYS D 95 -19.33 24.32 -32.97
C CYS D 95 -20.78 24.37 -32.53
N CYS D 96 -21.66 24.74 -33.45
CA CYS D 96 -23.09 24.81 -33.18
C CYS D 96 -23.68 23.41 -33.17
N THR D 97 -24.92 23.32 -32.71
CA THR D 97 -25.70 22.09 -32.71
C THR D 97 -27.05 22.37 -33.36
N ASN D 98 -27.97 21.39 -33.24
CA ASN D 98 -29.32 21.51 -33.75
C ASN D 98 -30.36 21.49 -32.62
N VAL D 99 -30.00 22.04 -31.47
CA VAL D 99 -30.87 22.11 -30.30
C VAL D 99 -31.35 23.56 -30.17
N PRO D 100 -32.64 23.85 -30.36
CA PRO D 100 -33.09 25.24 -30.27
C PRO D 100 -33.00 25.76 -28.84
N TRP D 101 -32.84 27.08 -28.74
CA TRP D 101 -32.72 27.72 -27.44
C TRP D 101 -34.10 28.06 -26.89
N ASN D 102 -34.40 27.54 -25.71
CA ASN D 102 -35.70 27.77 -25.09
C ASN D 102 -35.81 29.20 -24.57
N SER D 103 -37.02 29.75 -24.64
CA SER D 103 -37.27 31.04 -24.02
C SER D 103 -37.17 30.97 -22.50
N THR D 104 -37.32 29.77 -21.92
CA THR D 104 -37.19 29.63 -20.47
C THR D 104 -35.80 29.99 -19.99
N TRP D 105 -34.78 29.71 -20.80
CA TRP D 105 -33.39 29.85 -20.37
C TRP D 105 -32.98 31.32 -20.44
N SER D 106 -33.54 32.09 -19.49
CA SER D 106 -33.23 33.50 -19.26
C SER D 106 -33.86 34.44 -20.28
N ASN D 107 -34.48 33.90 -21.35
CA ASN D 107 -35.20 34.68 -22.36
C ASN D 107 -34.41 35.88 -22.87
N ARG D 108 -33.09 35.79 -22.86
CA ARG D 108 -32.25 36.92 -23.24
C ARG D 108 -32.13 36.93 -24.76
N ASN D 109 -33.21 37.33 -25.41
CA ASN D 109 -33.24 37.43 -26.87
C ASN D 109 -32.59 38.70 -27.39
N LEU D 110 -32.01 39.52 -26.51
CA LEU D 110 -31.37 40.75 -26.91
C LEU D 110 -30.10 40.46 -27.70
N SER D 111 -29.59 41.50 -28.37
CA SER D 111 -28.22 41.44 -28.87
C SER D 111 -27.20 41.47 -27.74
N GLU D 112 -27.62 41.84 -26.52
CA GLU D 112 -26.71 41.91 -25.39
C GLU D 112 -26.09 40.56 -25.06
N ILE D 113 -26.66 39.46 -25.56
CA ILE D 113 -26.05 38.15 -25.34
C ILE D 113 -24.66 38.10 -25.98
N TRP D 114 -24.45 38.82 -27.09
CA TRP D 114 -23.15 38.90 -27.75
C TRP D 114 -22.57 40.31 -27.73
N ASP D 115 -22.94 41.11 -26.73
CA ASP D 115 -22.37 42.45 -26.62
C ASP D 115 -22.72 43.01 -25.24
N ASN D 116 -21.80 43.80 -24.69
CA ASN D 116 -22.03 44.49 -23.42
C ASN D 116 -22.40 43.53 -22.29
N MET D 117 -21.79 42.34 -22.29
CA MET D 117 -21.94 41.42 -21.17
C MET D 117 -20.77 40.46 -21.17
N THR D 118 -20.10 40.35 -20.03
CA THR D 118 -18.94 39.48 -19.88
C THR D 118 -19.38 38.03 -19.78
N TRP D 119 -18.45 37.14 -20.13
CA TRP D 119 -18.74 35.71 -20.07
C TRP D 119 -19.02 35.24 -18.65
N LEU D 120 -18.38 35.86 -17.65
CA LEU D 120 -18.62 35.47 -16.26
C LEU D 120 -20.08 35.69 -15.87
N GLN D 121 -20.62 36.87 -16.18
CA GLN D 121 -22.01 37.15 -15.85
C GLN D 121 -22.94 36.20 -16.58
N TRP D 122 -22.64 35.91 -17.86
CA TRP D 122 -23.48 34.99 -18.60
C TRP D 122 -23.47 33.59 -18.00
N ASP D 123 -22.29 33.14 -17.55
CA ASP D 123 -22.23 31.85 -16.88
C ASP D 123 -23.04 31.86 -15.60
N LYS D 124 -23.04 33.00 -14.89
CA LYS D 124 -23.89 33.12 -13.72
C LYS D 124 -25.37 33.08 -14.09
N GLU D 125 -25.71 33.58 -15.28
CA GLU D 125 -27.12 33.71 -15.65
C GLU D 125 -27.80 32.36 -15.81
N ILE D 126 -27.20 31.45 -16.57
CA ILE D 126 -27.85 30.21 -16.99
C ILE D 126 -27.20 29.01 -16.29
N SER D 127 -26.72 29.21 -15.06
CA SER D 127 -26.03 28.13 -14.37
C SER D 127 -26.95 26.94 -14.10
N ASN D 128 -28.25 27.19 -13.90
CA ASN D 128 -29.18 26.15 -13.50
C ASN D 128 -29.84 25.42 -14.67
N TYR D 129 -29.63 25.89 -15.91
CA TYR D 129 -30.19 25.24 -17.09
C TYR D 129 -29.19 24.35 -17.81
N THR D 130 -28.02 24.08 -17.20
CA THR D 130 -26.92 23.46 -17.94
C THR D 130 -27.21 21.99 -18.25
N GLN D 131 -27.69 21.24 -17.25
CA GLN D 131 -27.85 19.79 -17.43
C GLN D 131 -28.94 19.48 -18.45
N ILE D 132 -29.99 20.30 -18.51
CA ILE D 132 -31.02 20.12 -19.52
C ILE D 132 -30.41 20.22 -20.91
N ILE D 133 -29.57 21.23 -21.11
CA ILE D 133 -28.91 21.43 -22.41
C ILE D 133 -28.03 20.23 -22.72
N TYR D 134 -27.31 19.72 -21.72
CA TYR D 134 -26.39 18.62 -21.98
C TYR D 134 -27.15 17.35 -22.35
N GLY D 135 -28.26 17.07 -21.67
CA GLY D 135 -29.07 15.92 -22.04
C GLY D 135 -29.66 16.05 -23.42
N LEU D 136 -30.14 17.25 -23.77
CA LEU D 136 -30.66 17.47 -25.12
C LEU D 136 -29.58 17.26 -26.17
N LEU D 137 -28.35 17.72 -25.89
CA LEU D 137 -27.26 17.52 -26.84
C LEU D 137 -26.95 16.04 -27.01
N GLU D 138 -26.95 15.28 -25.91
CA GLU D 138 -26.69 13.85 -26.00
C GLU D 138 -27.73 13.15 -26.86
N GLU D 139 -29.01 13.47 -26.63
CA GLU D 139 -30.07 12.84 -27.43
C GLU D 139 -29.95 13.25 -28.89
N SER D 140 -29.62 14.51 -29.16
CA SER D 140 -29.48 14.96 -30.53
C SER D 140 -28.36 14.23 -31.24
N GLN D 141 -27.22 14.03 -30.56
CA GLN D 141 -26.12 13.30 -31.19
C GLN D 141 -26.50 11.85 -31.44
N ASN D 142 -27.26 11.24 -30.52
CA ASN D 142 -27.74 9.88 -30.76
C ASN D 142 -28.59 9.83 -32.02
N GLN D 143 -29.51 10.77 -32.17
CA GLN D 143 -30.38 10.79 -33.36
C GLN D 143 -29.54 10.99 -34.62
N GLN D 144 -28.55 11.88 -34.56
CA GLN D 144 -27.74 12.14 -35.74
C GLN D 144 -26.95 10.91 -36.16
N GLU D 145 -26.36 10.19 -35.19
CA GLU D 145 -25.59 9.01 -35.53
C GLU D 145 -26.49 7.90 -36.09
N LYS D 146 -27.69 7.74 -35.51
CA LYS D 146 -28.61 6.74 -36.04
C LYS D 146 -29.02 7.08 -37.46
N ASN D 147 -29.30 8.35 -37.73
CA ASN D 147 -29.66 8.75 -39.09
C ASN D 147 -28.50 8.52 -40.05
N GLU D 148 -27.27 8.80 -39.61
CA GLU D 148 -26.11 8.59 -40.46
C GLU D 148 -25.97 7.12 -40.84
N GLN D 149 -26.10 6.23 -39.84
CA GLN D 149 -25.97 4.81 -40.12
C GLN D 149 -27.08 4.34 -41.06
N ASP D 150 -28.31 4.79 -40.82
CA ASP D 150 -29.42 4.38 -41.68
C ASP D 150 -29.22 4.86 -43.11
N LEU D 151 -28.81 6.11 -43.29
CA LEU D 151 -28.65 6.64 -44.64
C LEU D 151 -27.49 5.98 -45.37
N LEU D 152 -26.38 5.72 -44.67
CA LEU D 152 -25.28 5.02 -45.32
C LEU D 152 -25.66 3.59 -45.66
N ALA D 153 -26.55 2.98 -44.85
CA ALA D 153 -27.06 1.66 -45.20
C ALA D 153 -27.88 1.71 -46.48
N LEU D 154 -28.68 2.76 -46.66
CA LEU D 154 -29.51 2.93 -47.84
C LEU D 154 -28.66 2.99 -49.10
N ASN E 38 -22.66 -7.59 -49.84
CA ASN E 38 -21.82 -8.23 -48.85
C ASN E 38 -21.92 -7.48 -47.52
N LEU E 39 -21.41 -8.09 -46.45
CA LEU E 39 -21.48 -7.54 -45.10
C LEU E 39 -20.15 -6.91 -44.71
N TRP E 40 -20.22 -5.87 -43.90
CA TRP E 40 -19.06 -5.04 -43.58
C TRP E 40 -18.92 -4.87 -42.07
N VAL E 41 -17.69 -4.66 -41.61
CA VAL E 41 -17.40 -4.54 -40.20
C VAL E 41 -17.94 -3.22 -39.68
N THR E 42 -18.52 -3.25 -38.48
CA THR E 42 -18.92 -2.06 -37.74
C THR E 42 -18.29 -2.12 -36.36
N VAL E 43 -17.69 -1.01 -35.96
CA VAL E 43 -17.06 -0.87 -34.65
C VAL E 43 -18.01 -0.12 -33.75
N TYR E 44 -18.50 -0.79 -32.71
CA TYR E 44 -19.40 -0.21 -31.73
C TYR E 44 -18.62 0.12 -30.46
N TYR E 45 -18.84 1.33 -29.95
CA TYR E 45 -18.28 1.77 -28.68
C TYR E 45 -19.43 1.95 -27.70
N GLY E 46 -19.21 1.57 -26.45
CA GLY E 46 -20.27 1.47 -25.48
C GLY E 46 -21.02 0.15 -25.51
N VAL E 47 -20.46 -0.88 -26.11
CA VAL E 47 -21.11 -2.19 -26.20
C VAL E 47 -21.24 -2.75 -24.78
N PRO E 48 -22.43 -3.19 -24.34
CA PRO E 48 -22.52 -3.76 -22.98
C PRO E 48 -22.04 -5.20 -22.91
N VAL E 49 -20.72 -5.38 -22.81
CA VAL E 49 -20.10 -6.67 -22.56
C VAL E 49 -19.09 -6.51 -21.44
N TRP E 50 -18.68 -7.65 -20.87
CA TRP E 50 -17.78 -7.63 -19.73
C TRP E 50 -16.93 -8.90 -19.71
N LYS E 51 -15.89 -8.85 -18.89
CA LYS E 51 -14.99 -9.97 -18.66
C LYS E 51 -14.81 -10.16 -17.16
N ASP E 52 -14.31 -11.34 -16.78
CA ASP E 52 -14.03 -11.66 -15.38
C ASP E 52 -12.62 -11.17 -15.03
N ALA E 53 -12.56 -9.94 -14.56
CA ALA E 53 -11.30 -9.31 -14.15
C ALA E 53 -11.23 -9.20 -12.64
N GLU E 54 -10.02 -8.93 -12.16
CA GLU E 54 -9.76 -8.73 -10.73
C GLU E 54 -9.02 -7.40 -10.57
N THR E 55 -9.56 -6.51 -9.74
CA THR E 55 -9.05 -5.16 -9.60
C THR E 55 -9.15 -4.71 -8.16
N THR E 56 -8.74 -3.47 -7.92
CA THR E 56 -8.88 -2.84 -6.62
C THR E 56 -10.31 -2.31 -6.46
N LEU E 57 -10.83 -2.36 -5.25
CA LEU E 57 -12.17 -1.89 -4.94
C LEU E 57 -12.11 -0.75 -3.94
N PHE E 58 -13.15 0.08 -3.97
CA PHE E 58 -13.24 1.29 -3.17
C PHE E 58 -14.26 1.09 -2.06
N CYS E 59 -13.83 1.29 -0.82
CA CYS E 59 -14.69 1.10 0.34
C CYS E 59 -15.24 2.46 0.78
N ALA E 60 -16.51 2.46 1.19
CA ALA E 60 -17.22 3.70 1.47
C ALA E 60 -18.35 3.43 2.44
N SER E 61 -18.24 3.98 3.65
CA SER E 61 -19.28 3.80 4.66
C SER E 61 -20.44 4.76 4.41
N ASP E 62 -21.52 4.57 5.16
CA ASP E 62 -22.63 5.49 5.11
C ASP E 62 -22.23 6.83 5.72
N ALA E 63 -22.94 7.88 5.34
CA ALA E 63 -22.61 9.22 5.81
C ALA E 63 -22.75 9.33 7.32
N LYS E 64 -23.82 8.77 7.88
CA LYS E 64 -24.04 8.85 9.33
C LYS E 64 -22.94 8.14 10.11
N ALA E 65 -22.34 7.10 9.53
CA ALA E 65 -21.20 6.46 10.18
C ALA E 65 -20.01 7.39 10.33
N TYR E 66 -19.90 8.40 9.47
CA TYR E 66 -18.84 9.40 9.58
C TYR E 66 -19.25 10.60 10.41
N GLU E 67 -20.55 10.91 10.47
CA GLU E 67 -21.01 12.04 11.28
C GLU E 67 -20.75 11.79 12.76
N THR E 68 -21.10 10.61 13.24
CA THR E 68 -20.79 10.16 14.59
C THR E 68 -19.76 9.03 14.51
N LYS E 69 -19.38 8.51 15.67
CA LYS E 69 -18.30 7.51 15.76
C LYS E 69 -17.03 8.05 15.13
N LYS E 70 -16.56 9.19 15.65
CA LYS E 70 -15.44 9.89 15.02
C LYS E 70 -14.15 9.06 15.09
N HIS E 71 -13.90 8.40 16.22
CA HIS E 71 -12.67 7.65 16.41
C HIS E 71 -12.76 6.22 15.89
N ASN E 72 -13.92 5.83 15.35
CA ASN E 72 -14.05 4.49 14.77
C ASN E 72 -13.07 4.32 13.62
N VAL E 73 -12.37 3.17 13.60
CA VAL E 73 -11.37 2.95 12.58
C VAL E 73 -12.00 2.81 11.21
N TRP E 74 -13.13 2.09 11.11
CA TRP E 74 -13.75 1.87 9.80
C TRP E 74 -14.40 3.13 9.26
N ALA E 75 -15.04 3.91 10.12
CA ALA E 75 -15.60 5.19 9.66
C ALA E 75 -14.49 6.11 9.19
N THR E 76 -13.34 6.09 9.87
CA THR E 76 -12.22 6.92 9.46
C THR E 76 -11.65 6.46 8.11
N HIS E 77 -11.48 5.15 7.93
CA HIS E 77 -10.87 4.66 6.69
C HIS E 77 -11.83 4.78 5.52
N CYS E 78 -12.96 4.08 5.59
CA CYS E 78 -14.00 4.16 4.56
C CYS E 78 -14.91 5.36 4.81
N CYS E 79 -14.29 6.54 4.89
CA CYS E 79 -15.00 7.76 5.26
C CYS E 79 -15.78 8.36 4.10
N VAL E 80 -15.42 8.04 2.86
CA VAL E 80 -16.07 8.63 1.69
C VAL E 80 -17.51 8.18 1.65
N PRO E 81 -18.51 9.06 1.66
CA PRO E 81 -19.90 8.59 1.75
C PRO E 81 -20.37 7.92 0.48
N THR E 82 -21.31 7.01 0.64
CA THR E 82 -21.94 6.33 -0.48
C THR E 82 -23.06 7.17 -1.05
N ASP E 83 -23.75 6.61 -2.04
CA ASP E 83 -25.01 7.18 -2.49
C ASP E 83 -26.04 6.96 -1.38
N PRO E 84 -26.71 8.01 -0.88
CA PRO E 84 -27.76 7.77 0.12
C PRO E 84 -28.89 6.88 -0.38
N ASN E 85 -29.16 6.88 -1.69
CA ASN E 85 -30.26 6.10 -2.26
C ASN E 85 -29.73 5.36 -3.49
N PRO E 86 -28.90 4.34 -3.30
CA PRO E 86 -28.32 3.65 -4.45
C PRO E 86 -29.38 2.89 -5.24
N GLN E 87 -29.16 2.80 -6.55
CA GLN E 87 -30.06 2.14 -7.47
C GLN E 87 -29.41 0.87 -8.02
N GLU E 88 -30.24 -0.16 -8.17
CA GLU E 88 -29.84 -1.41 -8.79
C GLU E 88 -30.36 -1.43 -10.22
N ILE E 89 -30.07 -2.51 -10.93
CA ILE E 89 -30.35 -2.63 -12.35
C ILE E 89 -31.20 -3.87 -12.59
N HIS E 90 -32.06 -3.80 -13.62
CA HIS E 90 -32.97 -4.87 -13.98
C HIS E 90 -32.22 -6.17 -14.25
N LEU E 91 -32.93 -7.29 -14.28
CA LEU E 91 -32.30 -8.59 -14.47
C LEU E 91 -31.83 -8.83 -15.90
N GLU E 92 -32.55 -8.28 -16.88
CA GLU E 92 -32.11 -8.24 -18.28
C GLU E 92 -32.09 -9.62 -18.93
N ASN E 93 -32.67 -10.63 -18.29
CA ASN E 93 -32.74 -11.98 -18.87
C ASN E 93 -31.35 -12.54 -19.16
N VAL E 94 -30.40 -12.23 -18.29
CA VAL E 94 -29.00 -12.65 -18.46
C VAL E 94 -28.66 -13.64 -17.36
N THR E 95 -28.15 -14.79 -17.76
CA THR E 95 -27.56 -15.74 -16.82
C THR E 95 -26.06 -15.50 -16.74
N GLU E 96 -25.48 -15.86 -15.60
CA GLU E 96 -24.06 -15.64 -15.39
C GLU E 96 -23.54 -16.64 -14.37
N GLU E 97 -22.30 -17.06 -14.56
CA GLU E 97 -21.65 -18.03 -13.67
C GLU E 97 -20.96 -17.30 -12.53
N PHE E 98 -21.17 -17.78 -11.31
CA PHE E 98 -20.55 -17.24 -10.12
C PHE E 98 -19.74 -18.34 -9.42
N ASN E 99 -18.68 -17.93 -8.74
CA ASN E 99 -17.85 -18.86 -7.96
C ASN E 99 -17.30 -18.08 -6.78
N MET E 100 -17.82 -18.36 -5.59
CA MET E 100 -17.38 -17.62 -4.41
C MET E 100 -15.98 -18.00 -3.97
N TRP E 101 -15.57 -19.26 -4.13
CA TRP E 101 -14.26 -19.70 -3.70
C TRP E 101 -13.14 -19.26 -4.62
N LYS E 102 -13.46 -18.68 -5.79
CA LYS E 102 -12.50 -18.00 -6.64
C LYS E 102 -12.71 -16.50 -6.64
N ASN E 103 -13.44 -15.97 -5.66
CA ASN E 103 -13.82 -14.57 -5.64
C ASN E 103 -12.69 -13.75 -5.04
N ASN E 104 -12.09 -12.88 -5.86
CA ASN E 104 -10.98 -12.06 -5.40
C ASN E 104 -11.43 -10.94 -4.46
N MET E 105 -12.74 -10.67 -4.35
CA MET E 105 -13.20 -9.68 -3.39
C MET E 105 -12.85 -10.08 -1.97
N VAL E 106 -12.89 -11.37 -1.66
CA VAL E 106 -12.55 -11.83 -0.33
C VAL E 106 -11.08 -11.54 -0.03
N GLU E 107 -10.21 -11.81 -0.99
CA GLU E 107 -8.79 -11.49 -0.81
C GLU E 107 -8.60 -9.99 -0.67
N GLN E 108 -9.36 -9.19 -1.42
CA GLN E 108 -9.26 -7.75 -1.30
C GLN E 108 -9.65 -7.29 0.09
N MET E 109 -10.74 -7.84 0.63
CA MET E 109 -11.17 -7.44 1.97
C MET E 109 -10.14 -7.87 3.01
N HIS E 110 -9.58 -9.07 2.86
CA HIS E 110 -8.58 -9.53 3.82
C HIS E 110 -7.35 -8.64 3.80
N THR E 111 -6.84 -8.32 2.61
CA THR E 111 -5.68 -7.45 2.53
C THR E 111 -5.99 -6.06 3.06
N ASP E 112 -7.17 -5.54 2.75
CA ASP E 112 -7.55 -4.21 3.20
C ASP E 112 -7.62 -4.14 4.72
N ILE E 113 -8.28 -5.13 5.35
CA ILE E 113 -8.42 -5.09 6.80
C ILE E 113 -7.07 -5.32 7.47
N ILE E 114 -6.22 -6.18 6.90
CA ILE E 114 -4.90 -6.37 7.47
C ILE E 114 -4.12 -5.06 7.46
N SER E 115 -4.10 -4.38 6.31
CA SER E 115 -3.37 -3.13 6.21
C SER E 115 -3.96 -2.07 7.13
N LEU E 116 -5.29 -2.00 7.19
CA LEU E 116 -5.94 -1.02 8.04
C LEU E 116 -5.62 -1.26 9.51
N TRP E 117 -5.63 -2.53 9.91
CA TRP E 117 -5.31 -2.88 11.30
C TRP E 117 -3.88 -2.48 11.65
N ASP E 118 -2.92 -2.86 10.79
CA ASP E 118 -1.54 -2.52 11.08
C ASP E 118 -1.32 -1.02 11.10
N GLN E 119 -1.94 -0.29 10.15
CA GLN E 119 -1.75 1.15 10.10
C GLN E 119 -2.45 1.85 11.27
N SER E 120 -3.51 1.24 11.81
CA SER E 120 -4.16 1.83 12.98
C SER E 120 -3.33 1.60 14.23
N LEU E 121 -2.69 0.44 14.35
CA LEU E 121 -1.84 0.19 15.51
C LEU E 121 -0.49 0.88 15.41
N LYS E 122 -0.07 1.30 14.20
CA LYS E 122 1.28 1.84 13.99
C LYS E 122 1.62 3.04 14.86
N PRO E 123 0.82 4.12 14.92
CA PRO E 123 1.22 5.27 15.74
C PRO E 123 1.15 5.02 17.24
N CYS E 124 0.43 4.01 17.69
CA CYS E 124 0.21 3.81 19.11
C CYS E 124 1.50 3.35 19.78
N VAL E 125 1.52 3.48 21.11
CA VAL E 125 2.75 3.30 21.87
C VAL E 125 3.22 1.85 21.82
N LYS E 126 4.53 1.68 21.85
CA LYS E 126 5.14 0.36 22.01
C LYS E 126 5.29 0.02 23.49
N LEU E 127 4.98 -1.22 23.85
CA LEU E 127 5.10 -1.70 25.22
C LEU E 127 6.30 -2.62 25.40
N THR E 128 7.40 -2.33 24.72
CA THR E 128 8.65 -3.07 24.93
C THR E 128 9.10 -3.07 26.39
N PRO E 129 8.97 -1.95 27.14
CA PRO E 129 9.42 -1.99 28.55
C PRO E 129 8.72 -3.01 29.43
N LEU E 130 7.59 -3.58 29.02
CA LEU E 130 6.90 -4.58 29.83
C LEU E 130 7.61 -5.93 29.84
N CYS E 131 8.52 -6.19 28.91
CA CYS E 131 9.20 -7.49 28.81
C CYS E 131 10.25 -7.58 29.91
N VAL E 132 9.76 -7.72 31.14
CA VAL E 132 10.59 -7.74 32.33
C VAL E 132 10.14 -8.89 33.22
N THR E 133 11.01 -9.27 34.15
CA THR E 133 10.69 -10.33 35.10
C THR E 133 9.47 -9.91 35.91
N LEU E 134 8.37 -10.64 35.72
CA LEU E 134 7.05 -10.24 36.19
C LEU E 134 6.68 -11.07 37.41
N GLN E 135 6.74 -10.48 38.59
CA GLN E 135 6.57 -11.22 39.84
C GLN E 135 5.08 -11.23 40.21
N CYS E 136 4.48 -12.40 40.29
CA CYS E 136 3.03 -12.54 40.37
C CYS E 136 2.61 -13.46 41.51
N THR E 137 1.37 -13.26 41.95
CA THR E 137 0.68 -14.07 42.93
C THR E 137 -0.77 -14.25 42.47
N ASN E 138 -1.50 -15.10 43.18
CA ASN E 138 -2.93 -15.22 42.93
C ASN E 138 -3.64 -13.94 43.33
N VAL E 139 -4.94 -13.87 43.03
CA VAL E 139 -5.74 -12.71 43.40
C VAL E 139 -6.46 -12.95 44.73
N THR E 140 -7.27 -14.01 44.79
CA THR E 140 -8.01 -14.40 46.00
C THR E 140 -8.81 -13.24 46.57
N ASN E 141 -9.74 -12.74 45.77
CA ASN E 141 -10.64 -11.65 46.16
C ASN E 141 -12.03 -11.97 45.61
N ASN E 142 -12.85 -12.62 46.43
CA ASN E 142 -14.24 -12.95 46.08
C ASN E 142 -14.31 -13.69 44.75
N ILE E 143 -13.45 -14.69 44.60
CA ILE E 143 -13.32 -15.45 43.36
C ILE E 143 -14.12 -16.72 43.48
N THR E 144 -15.04 -16.94 42.54
CA THR E 144 -15.78 -18.19 42.50
C THR E 144 -14.84 -19.34 42.15
N ASP E 145 -15.36 -20.56 42.25
CA ASP E 145 -14.52 -21.73 42.04
C ASP E 145 -13.98 -21.78 40.62
N ASP E 146 -14.76 -21.33 39.64
CA ASP E 146 -14.34 -21.40 38.25
C ASP E 146 -13.12 -20.55 37.96
N MET E 147 -13.05 -19.33 38.50
CA MET E 147 -12.01 -18.38 38.14
C MET E 147 -10.76 -18.51 39.02
N ARG E 148 -10.63 -19.59 39.79
CA ARG E 148 -9.45 -19.77 40.60
C ARG E 148 -8.22 -19.92 39.72
N GLY E 149 -7.31 -18.97 39.80
CA GLY E 149 -6.12 -18.95 38.99
C GLY E 149 -6.28 -18.33 37.62
N GLU E 150 -7.48 -17.88 37.26
CA GLU E 150 -7.68 -17.24 35.96
C GLU E 150 -7.10 -15.84 35.94
N LEU E 151 -7.04 -15.16 37.09
CA LEU E 151 -6.45 -13.84 37.22
C LEU E 151 -5.21 -13.93 38.09
N LYS E 152 -4.27 -13.01 37.90
CA LYS E 152 -3.04 -12.98 38.65
C LYS E 152 -2.62 -11.54 38.92
N ASN E 153 -2.29 -11.27 40.17
CA ASN E 153 -1.82 -9.96 40.61
C ASN E 153 -0.32 -9.93 40.40
N CYS E 154 0.15 -9.14 39.45
CA CYS E 154 1.55 -9.09 39.05
C CYS E 154 2.14 -7.73 39.38
N SER E 155 3.45 -7.68 39.47
CA SER E 155 4.19 -6.46 39.73
C SER E 155 5.53 -6.51 39.01
N PHE E 156 6.08 -5.33 38.75
CA PHE E 156 7.30 -5.23 37.97
C PHE E 156 7.87 -3.83 38.06
N ASN E 157 9.16 -3.73 37.74
CA ASN E 157 9.86 -2.45 37.64
C ASN E 157 9.63 -1.92 36.23
N MET E 158 9.10 -0.71 36.13
CA MET E 158 8.77 -0.07 34.87
C MET E 158 9.55 1.23 34.73
N THR E 159 9.83 1.61 33.48
CA THR E 159 10.50 2.87 33.24
C THR E 159 9.56 4.03 33.55
N THR E 160 10.15 5.21 33.64
CA THR E 160 9.42 6.47 33.84
C THR E 160 9.91 7.46 32.79
N GLU E 161 9.44 8.70 32.89
CA GLU E 161 9.93 9.72 31.99
C GLU E 161 11.43 9.93 32.18
N LEU E 162 11.90 9.94 33.42
CA LEU E 162 13.32 9.96 33.72
C LEU E 162 13.87 8.55 33.50
N ARG E 163 14.75 8.40 32.52
CA ARG E 163 15.19 7.06 32.14
C ARG E 163 15.95 6.37 33.27
N ASP E 164 16.62 7.13 34.13
CA ASP E 164 17.38 6.55 35.22
C ASP E 164 16.53 6.18 36.43
N LYS E 165 15.29 6.66 36.50
CA LYS E 165 14.39 6.37 37.61
C LYS E 165 13.40 5.28 37.22
N LYS E 166 13.38 4.21 38.00
CA LYS E 166 12.49 3.07 37.78
C LYS E 166 11.42 3.06 38.87
N GLN E 167 10.19 2.78 38.47
CA GLN E 167 9.03 2.79 39.36
C GLN E 167 8.47 1.39 39.46
N LYS E 168 8.29 0.90 40.68
CA LYS E 168 7.62 -0.38 40.88
C LYS E 168 6.11 -0.18 40.76
N VAL E 169 5.48 -0.99 39.92
CA VAL E 169 4.04 -0.90 39.68
C VAL E 169 3.44 -2.29 39.72
N TYR E 170 2.12 -2.34 39.84
CA TYR E 170 1.37 -3.59 39.88
C TYR E 170 0.18 -3.50 38.94
N SER E 171 -0.27 -4.68 38.50
CA SER E 171 -1.35 -4.79 37.54
C SER E 171 -2.01 -6.16 37.68
N LEU E 172 -3.04 -6.38 36.88
CA LEU E 172 -3.83 -7.61 36.89
C LEU E 172 -3.78 -8.23 35.50
N PHE E 173 -3.31 -9.47 35.41
CA PHE E 173 -3.16 -10.17 34.14
C PHE E 173 -3.92 -11.49 34.16
N TYR E 174 -4.56 -11.82 33.04
CA TYR E 174 -5.18 -13.12 32.88
C TYR E 174 -4.10 -14.16 32.66
N ARG E 175 -4.38 -15.40 33.07
CA ARG E 175 -3.36 -16.44 33.02
C ARG E 175 -2.94 -16.76 31.59
N LEU E 176 -3.82 -16.55 30.61
CA LEU E 176 -3.49 -16.86 29.22
C LEU E 176 -2.41 -15.96 28.65
N ASP E 177 -2.20 -14.78 29.23
CA ASP E 177 -1.20 -13.83 28.75
C ASP E 177 0.15 -13.96 29.46
N VAL E 178 0.28 -14.88 30.39
CA VAL E 178 1.42 -14.93 31.31
C VAL E 178 1.88 -16.38 31.42
N VAL E 179 3.20 -16.60 31.29
CA VAL E 179 3.78 -17.94 31.32
C VAL E 179 4.97 -17.95 32.27
N GLN E 180 5.22 -19.11 32.87
CA GLN E 180 6.16 -19.20 33.98
C GLN E 180 7.60 -19.36 33.48
N ILE E 181 8.54 -18.96 34.32
CA ILE E 181 9.97 -19.07 34.05
C ILE E 181 10.54 -20.12 35.01
N ASN E 182 10.82 -21.31 34.48
CA ASN E 182 11.38 -22.42 35.23
C ASN E 182 10.45 -22.74 36.40
N GLU E 183 10.95 -22.89 37.63
CA GLU E 183 10.13 -23.24 38.79
C GLU E 183 9.32 -24.52 38.55
N ASN E 193 5.21 -13.78 44.36
CA ASN E 193 5.69 -15.11 44.74
C ASN E 193 6.50 -15.73 43.62
N LYS E 194 5.87 -15.93 42.46
CA LYS E 194 6.48 -16.68 41.36
C LYS E 194 6.73 -15.76 40.17
N GLU E 195 7.82 -16.02 39.46
CA GLU E 195 8.25 -15.19 38.34
C GLU E 195 7.63 -15.70 37.04
N TYR E 196 7.17 -14.77 36.22
CA TYR E 196 6.55 -15.06 34.94
C TYR E 196 6.99 -14.01 33.92
N ARG E 197 6.55 -14.22 32.67
CA ARG E 197 6.80 -13.33 31.56
C ARG E 197 5.55 -13.25 30.71
N LEU E 198 5.49 -12.22 29.86
CA LEU E 198 4.45 -12.16 28.84
C LEU E 198 4.81 -13.05 27.67
N ILE E 199 3.79 -13.65 27.05
CA ILE E 199 4.04 -14.55 25.94
C ILE E 199 4.60 -13.82 24.74
N ASN E 200 4.13 -12.59 24.49
CA ASN E 200 4.57 -11.85 23.31
C ASN E 200 6.08 -11.63 23.32
N CYS E 201 6.65 -11.38 24.49
CA CYS E 201 8.09 -11.15 24.58
C CYS E 201 8.91 -12.37 24.18
N ASN E 202 8.29 -13.54 24.12
CA ASN E 202 8.95 -14.73 23.61
C ASN E 202 8.99 -14.78 22.09
N THR E 203 8.10 -14.05 21.40
CA THR E 203 8.03 -14.10 19.94
C THR E 203 8.23 -12.75 19.29
N SER E 204 7.64 -11.68 19.82
CA SER E 204 7.68 -10.41 19.11
C SER E 204 7.26 -9.28 20.03
N ALA E 205 7.77 -8.08 19.73
CA ALA E 205 7.38 -6.89 20.48
C ALA E 205 5.90 -6.62 20.28
N ILE E 206 5.27 -6.05 21.30
CA ILE E 206 3.83 -5.90 21.38
C ILE E 206 3.47 -4.42 21.42
N THR E 207 2.49 -4.03 20.59
CA THR E 207 2.03 -2.66 20.50
C THR E 207 0.70 -2.53 21.22
N GLN E 208 0.56 -1.49 22.04
CA GLN E 208 -0.71 -1.20 22.68
C GLN E 208 -1.66 -0.58 21.67
N ALA E 209 -2.89 -1.06 21.64
CA ALA E 209 -3.90 -0.40 20.84
C ALA E 209 -4.26 0.93 21.48
N CYS E 210 -4.43 1.95 20.65
CA CYS E 210 -4.81 3.26 21.15
C CYS E 210 -6.20 3.15 21.79
N PRO E 211 -6.38 3.56 23.05
CA PRO E 211 -7.70 3.33 23.69
C PRO E 211 -8.83 4.10 23.05
N LYS E 212 -8.56 5.26 22.44
CA LYS E 212 -9.61 6.05 21.83
C LYS E 212 -10.17 5.41 20.56
N VAL E 213 -9.42 4.51 19.92
CA VAL E 213 -9.82 3.93 18.65
C VAL E 213 -10.85 2.84 18.91
N SER E 214 -11.98 2.92 18.20
CA SER E 214 -13.03 1.93 18.27
C SER E 214 -12.99 1.03 17.04
N PHE E 215 -13.00 -0.28 17.27
CA PHE E 215 -12.99 -1.27 16.21
C PHE E 215 -14.37 -1.85 15.94
N GLU E 216 -15.43 -1.15 16.32
CA GLU E 216 -16.78 -1.68 16.18
C GLU E 216 -17.09 -1.89 14.70
N PRO E 217 -17.68 -3.03 14.30
CA PRO E 217 -18.03 -3.19 12.88
C PRO E 217 -19.08 -2.17 12.45
N ILE E 218 -18.96 -1.72 11.20
CA ILE E 218 -19.99 -0.91 10.56
C ILE E 218 -20.13 -1.38 9.12
N PRO E 219 -21.22 -1.01 8.44
CA PRO E 219 -21.32 -1.35 7.02
C PRO E 219 -20.19 -0.71 6.23
N ILE E 220 -19.77 -1.39 5.17
CA ILE E 220 -18.60 -0.99 4.38
C ILE E 220 -18.98 -0.65 2.95
N HIS E 221 -19.87 -1.44 2.34
CA HIS E 221 -20.36 -1.17 0.99
C HIS E 221 -19.21 -1.07 -0.01
N TYR E 222 -18.51 -2.19 -0.20
CA TYR E 222 -17.44 -2.22 -1.19
C TYR E 222 -17.97 -1.82 -2.56
N CYS E 223 -17.33 -0.82 -3.16
CA CYS E 223 -17.77 -0.24 -4.43
C CYS E 223 -16.72 -0.47 -5.49
N ALA E 224 -17.17 -0.63 -6.73
CA ALA E 224 -16.26 -0.84 -7.83
C ALA E 224 -15.70 0.51 -8.32
N PRO E 225 -14.49 0.55 -8.85
CA PRO E 225 -14.01 1.78 -9.48
C PRO E 225 -14.67 1.98 -10.84
N ALA E 226 -14.34 3.09 -11.47
CA ALA E 226 -14.91 3.40 -12.77
C ALA E 226 -14.45 2.37 -13.81
N GLY E 227 -15.33 2.07 -14.76
CA GLY E 227 -15.06 1.06 -15.76
C GLY E 227 -15.30 -0.35 -15.31
N PHE E 228 -15.73 -0.55 -14.06
CA PHE E 228 -16.04 -1.86 -13.51
C PHE E 228 -17.46 -1.87 -12.98
N ALA E 229 -17.97 -3.07 -12.73
CA ALA E 229 -19.29 -3.22 -12.13
C ALA E 229 -19.29 -4.48 -11.29
N ILE E 230 -20.28 -4.59 -10.40
CA ILE E 230 -20.44 -5.74 -9.51
C ILE E 230 -21.75 -6.41 -9.86
N LEU E 231 -21.67 -7.65 -10.35
CA LEU E 231 -22.84 -8.44 -10.64
C LEU E 231 -23.28 -9.15 -9.37
N LYS E 232 -24.56 -8.98 -9.02
CA LYS E 232 -25.16 -9.56 -7.83
C LYS E 232 -26.11 -10.67 -8.25
N CYS E 233 -26.01 -11.82 -7.59
CA CYS E 233 -26.87 -12.96 -7.87
C CYS E 233 -27.98 -13.03 -6.84
N LYS E 234 -29.23 -12.97 -7.30
CA LYS E 234 -30.40 -12.95 -6.42
C LYS E 234 -31.13 -14.29 -6.38
N ASP E 235 -30.54 -15.35 -6.92
CA ASP E 235 -31.22 -16.65 -6.91
C ASP E 235 -31.39 -17.14 -5.48
N LYS E 236 -32.63 -17.40 -5.10
CA LYS E 236 -32.92 -17.97 -3.79
C LYS E 236 -32.33 -19.37 -3.71
N LYS E 237 -31.74 -19.70 -2.57
CA LYS E 237 -31.10 -20.99 -2.35
C LYS E 237 -29.97 -21.22 -3.35
N PHE E 238 -29.26 -20.16 -3.69
CA PHE E 238 -28.07 -20.26 -4.54
C PHE E 238 -26.94 -20.83 -3.71
N ASN E 239 -26.45 -22.01 -4.08
CA ASN E 239 -25.49 -22.72 -3.26
C ASN E 239 -24.07 -22.17 -3.43
N GLY E 240 -23.68 -21.85 -4.66
CA GLY E 240 -22.34 -21.40 -4.96
C GLY E 240 -21.75 -22.20 -6.10
N THR E 241 -20.83 -21.56 -6.81
CA THR E 241 -20.10 -22.19 -7.92
C THR E 241 -21.05 -22.72 -8.98
N GLY E 242 -21.85 -21.84 -9.58
CA GLY E 242 -22.77 -22.29 -10.61
C GLY E 242 -23.41 -21.16 -11.39
N PRO E 243 -24.30 -21.52 -12.31
CA PRO E 243 -25.09 -20.49 -13.01
C PRO E 243 -26.06 -19.80 -12.06
N CYS E 244 -26.41 -18.57 -12.41
CA CYS E 244 -27.40 -17.79 -11.69
C CYS E 244 -28.17 -16.97 -12.70
N THR E 245 -29.50 -16.91 -12.51
CA THR E 245 -30.41 -16.30 -13.46
C THR E 245 -30.88 -14.92 -13.03
N ASN E 246 -31.26 -14.75 -11.76
CA ASN E 246 -31.75 -13.48 -11.26
C ASN E 246 -30.56 -12.57 -10.96
N VAL E 247 -29.91 -12.13 -12.04
CA VAL E 247 -28.63 -11.44 -11.98
C VAL E 247 -28.86 -9.96 -12.18
N SER E 248 -28.60 -9.16 -11.14
CA SER E 248 -28.63 -7.71 -11.21
C SER E 248 -27.21 -7.17 -11.28
N THR E 249 -27.09 -5.88 -11.59
CA THR E 249 -25.81 -5.20 -11.66
C THR E 249 -25.86 -3.98 -10.75
N VAL E 250 -24.78 -3.73 -10.01
CA VAL E 250 -24.70 -2.62 -9.08
C VAL E 250 -23.30 -2.04 -9.08
N GLN E 251 -23.17 -0.92 -8.35
CA GLN E 251 -21.90 -0.23 -8.16
C GLN E 251 -21.34 -0.39 -6.76
N CYS E 252 -22.15 -0.82 -5.79
CA CYS E 252 -21.70 -1.02 -4.42
C CYS E 252 -22.44 -2.21 -3.81
N THR E 253 -21.80 -2.84 -2.84
CA THR E 253 -22.37 -4.00 -2.17
C THR E 253 -23.43 -3.56 -1.15
N HIS E 254 -24.17 -4.54 -0.64
CA HIS E 254 -25.30 -4.25 0.23
C HIS E 254 -24.88 -3.75 1.61
N GLY E 255 -23.59 -3.80 1.94
CA GLY E 255 -23.12 -3.34 3.24
C GLY E 255 -22.76 -4.50 4.14
N ILE E 256 -21.46 -4.72 4.32
CA ILE E 256 -20.94 -5.89 5.03
C ILE E 256 -20.26 -5.41 6.30
N LYS E 257 -20.65 -5.97 7.43
CA LYS E 257 -19.96 -5.68 8.69
C LYS E 257 -18.69 -6.53 8.77
N PRO E 258 -17.50 -5.92 8.89
CA PRO E 258 -16.30 -6.79 8.97
C PRO E 258 -16.13 -7.38 10.37
N VAL E 259 -16.93 -8.40 10.65
CA VAL E 259 -16.99 -8.98 11.99
C VAL E 259 -15.98 -10.09 12.09
N VAL E 260 -15.33 -10.19 13.26
CA VAL E 260 -14.27 -11.16 13.49
C VAL E 260 -14.77 -12.20 14.47
N SER E 261 -14.95 -13.42 13.98
CA SER E 261 -15.29 -14.55 14.84
C SER E 261 -14.84 -15.82 14.13
N THR E 262 -14.38 -16.79 14.92
CA THR E 262 -13.70 -17.95 14.38
C THR E 262 -14.69 -19.08 14.14
N GLN E 263 -15.36 -19.59 15.17
CA GLN E 263 -16.19 -20.77 14.98
C GLN E 263 -17.57 -20.41 14.44
N LEU E 264 -18.22 -19.43 15.07
CA LEU E 264 -19.55 -18.98 14.66
C LEU E 264 -19.46 -17.58 14.08
N LEU E 265 -20.15 -17.35 12.98
CA LEU E 265 -20.41 -15.98 12.56
C LEU E 265 -21.36 -15.34 13.56
N LEU E 266 -21.32 -14.00 13.66
CA LEU E 266 -22.04 -13.29 14.71
C LEU E 266 -23.01 -12.23 14.21
N ASN E 267 -22.68 -11.51 13.15
CA ASN E 267 -23.63 -10.61 12.53
C ASN E 267 -23.50 -10.77 11.03
N GLY E 268 -24.57 -10.51 10.31
CA GLY E 268 -24.55 -10.59 8.87
C GLY E 268 -25.94 -10.79 8.31
N SER E 269 -25.98 -11.31 7.09
CA SER E 269 -27.23 -11.50 6.37
C SER E 269 -27.73 -12.94 6.51
N LEU E 270 -28.99 -13.07 6.89
CA LEU E 270 -29.65 -14.36 7.01
C LEU E 270 -30.02 -14.87 5.63
N ALA E 271 -29.99 -16.19 5.47
CA ALA E 271 -30.39 -16.79 4.21
C ALA E 271 -31.87 -16.51 3.96
N GLU E 272 -32.27 -16.62 2.69
CA GLU E 272 -33.65 -16.31 2.34
C GLU E 272 -34.62 -17.31 2.95
N GLU E 273 -34.34 -18.61 2.77
CA GLU E 273 -35.28 -19.66 3.15
C GLU E 273 -34.53 -20.89 3.64
N GLU E 274 -35.06 -21.51 4.69
CA GLU E 274 -34.59 -22.80 5.21
C GLU E 274 -33.12 -22.67 5.61
N VAL E 275 -32.22 -23.49 5.09
CA VAL E 275 -30.81 -23.46 5.42
C VAL E 275 -30.04 -23.77 4.14
N ILE E 276 -28.85 -23.21 4.01
CA ILE E 276 -28.03 -23.37 2.80
C ILE E 276 -26.68 -23.92 3.22
N ILE E 277 -26.14 -24.83 2.42
CA ILE E 277 -24.86 -25.47 2.68
C ILE E 277 -23.92 -25.14 1.52
N ARG E 278 -22.73 -24.64 1.85
CA ARG E 278 -21.80 -24.07 0.86
C ARG E 278 -20.40 -24.62 1.11
N SER E 279 -20.02 -25.65 0.36
CA SER E 279 -18.66 -26.17 0.38
C SER E 279 -18.15 -26.29 -1.05
N GLU E 280 -16.89 -25.91 -1.27
CA GLU E 280 -16.30 -26.03 -2.59
C GLU E 280 -16.32 -27.47 -3.06
N ASN E 281 -16.13 -28.41 -2.13
CA ASN E 281 -16.21 -29.84 -2.46
C ASN E 281 -16.64 -30.53 -1.16
N ILE E 282 -17.93 -30.87 -1.09
CA ILE E 282 -18.50 -31.40 0.15
C ILE E 282 -17.80 -32.69 0.55
N THR E 283 -17.49 -33.54 -0.42
CA THR E 283 -16.91 -34.84 -0.17
C THR E 283 -15.40 -34.80 0.01
N ASN E 284 -14.79 -33.61 0.04
CA ASN E 284 -13.34 -33.53 0.15
C ASN E 284 -12.86 -33.79 1.58
N ASN E 285 -13.67 -33.43 2.57
CA ASN E 285 -13.41 -33.64 4.00
C ASN E 285 -12.34 -32.73 4.57
N ALA E 286 -11.74 -31.84 3.77
CA ALA E 286 -10.81 -30.83 4.25
C ALA E 286 -11.26 -29.44 3.86
N LYS E 287 -12.56 -29.27 3.61
CA LYS E 287 -13.15 -28.00 3.22
C LYS E 287 -14.25 -27.65 4.21
N ASN E 288 -14.27 -26.39 4.62
CA ASN E 288 -15.27 -25.90 5.55
C ASN E 288 -16.63 -25.86 4.85
N ILE E 289 -17.69 -25.82 5.64
CA ILE E 289 -19.03 -26.10 5.13
C ILE E 289 -19.87 -24.83 5.02
N LEU E 290 -19.63 -23.82 5.86
CA LEU E 290 -20.24 -22.49 5.71
C LEU E 290 -21.76 -22.55 5.70
N VAL E 291 -22.31 -23.04 6.80
CA VAL E 291 -23.76 -23.10 6.96
C VAL E 291 -24.28 -21.68 7.18
N GLN E 292 -25.42 -21.36 6.57
CA GLN E 292 -26.09 -20.08 6.75
C GLN E 292 -27.54 -20.33 7.12
N LEU E 293 -28.07 -19.50 8.02
CA LEU E 293 -29.39 -19.72 8.62
C LEU E 293 -30.39 -18.68 8.11
N ASN E 294 -31.63 -19.13 7.91
CA ASN E 294 -32.70 -18.20 7.56
C ASN E 294 -33.29 -17.54 8.79
N GLU E 295 -33.03 -18.07 9.98
CA GLU E 295 -33.48 -17.48 11.24
C GLU E 295 -32.26 -17.27 12.13
N SER E 296 -32.14 -16.07 12.67
CA SER E 296 -31.04 -15.77 13.57
C SER E 296 -31.21 -16.55 14.87
N VAL E 297 -30.14 -16.59 15.65
CA VAL E 297 -30.10 -17.23 16.95
C VAL E 297 -29.53 -16.25 17.96
N GLN E 298 -30.32 -15.92 18.97
CA GLN E 298 -29.93 -14.88 19.92
C GLN E 298 -28.78 -15.36 20.79
N ILE E 299 -27.85 -14.45 21.10
CA ILE E 299 -26.73 -14.71 21.99
C ILE E 299 -26.58 -13.52 22.93
N ASN E 300 -26.46 -13.82 24.23
CA ASN E 300 -26.23 -12.83 25.28
C ASN E 300 -24.82 -13.05 25.82
N CYS E 301 -23.87 -12.23 25.39
CA CYS E 301 -22.49 -12.33 25.85
C CYS E 301 -22.24 -11.29 26.93
N THR E 302 -21.44 -11.65 27.94
CA THR E 302 -21.19 -10.71 29.03
C THR E 302 -19.87 -10.99 29.71
N ARG E 303 -19.20 -9.90 30.09
CA ARG E 303 -18.10 -9.88 31.05
C ARG E 303 -18.67 -9.19 32.29
N PRO E 304 -18.93 -9.93 33.38
CA PRO E 304 -19.67 -9.33 34.50
C PRO E 304 -18.81 -8.53 35.46
N ASN E 305 -17.50 -8.73 35.47
CA ASN E 305 -16.63 -8.04 36.41
C ASN E 305 -16.69 -6.54 36.21
N ASN E 306 -16.81 -5.80 37.31
CA ASN E 306 -16.76 -4.34 37.28
C ASN E 306 -15.29 -3.96 37.25
N ASN E 307 -14.77 -3.75 36.05
CA ASN E 307 -13.34 -3.56 35.83
C ASN E 307 -12.98 -2.08 35.87
N THR E 308 -11.73 -1.80 36.25
CA THR E 308 -11.21 -0.44 36.34
C THR E 308 -9.83 -0.39 35.70
N ARG E 309 -9.47 0.81 35.22
CA ARG E 309 -8.27 1.02 34.42
C ARG E 309 -7.28 1.87 35.20
N LYS E 310 -6.00 1.51 35.14
CA LYS E 310 -4.92 2.17 35.89
C LYS E 310 -3.92 2.70 34.88
N SER E 311 -3.65 4.00 34.94
CA SER E 311 -2.76 4.65 33.98
C SER E 311 -1.37 4.79 34.60
N ILE E 312 -0.35 4.30 33.89
CA ILE E 312 1.04 4.42 34.29
C ILE E 312 1.77 5.16 33.18
N ARG E 313 2.76 5.96 33.53
CA ARG E 313 3.54 6.68 32.53
C ARG E 313 4.74 5.85 32.12
N ILE E 314 4.79 5.48 30.84
CA ILE E 314 5.92 4.72 30.30
C ILE E 314 7.12 5.63 30.12
N GLY E 315 6.94 6.71 29.37
CA GLY E 315 7.99 7.64 29.05
C GLY E 315 7.38 8.98 28.65
N PRO E 316 8.12 9.80 27.90
CA PRO E 316 7.55 11.07 27.44
C PRO E 316 6.30 10.90 26.60
N GLY E 317 5.17 11.40 27.09
CA GLY E 317 3.93 11.33 26.34
C GLY E 317 3.43 9.94 26.04
N GLN E 318 3.87 8.93 26.80
CA GLN E 318 3.51 7.54 26.58
C GLN E 318 2.84 6.99 27.82
N TRP E 319 1.66 6.40 27.63
CA TRP E 319 0.86 5.85 28.73
C TRP E 319 0.64 4.37 28.52
N PHE E 320 0.80 3.61 29.60
CA PHE E 320 0.43 2.20 29.65
C PHE E 320 -0.84 2.07 30.48
N TYR E 321 -1.83 1.34 29.95
CA TYR E 321 -3.13 1.18 30.58
C TYR E 321 -3.23 -0.23 31.15
N ALA E 322 -2.91 -0.38 32.42
CA ALA E 322 -3.00 -1.66 33.11
C ALA E 322 -4.40 -1.87 33.65
N THR E 323 -4.71 -3.13 33.95
CA THR E 323 -6.01 -3.46 34.53
C THR E 323 -5.96 -3.30 36.04
N GLY E 324 -6.68 -2.32 36.55
CA GLY E 324 -6.74 -2.07 37.98
C GLY E 324 -7.56 -3.14 38.69
N ASP E 325 -7.62 -3.00 40.01
CA ASP E 325 -8.32 -3.99 40.82
C ASP E 325 -9.80 -4.02 40.47
N ILE E 326 -10.32 -5.23 40.28
CA ILE E 326 -11.71 -5.42 39.93
C ILE E 326 -12.58 -5.00 41.12
N ILE E 327 -13.58 -4.18 40.86
CA ILE E 327 -14.49 -3.72 41.89
C ILE E 327 -15.50 -4.83 42.16
N GLY E 328 -15.63 -5.20 43.44
CA GLY E 328 -16.60 -6.22 43.80
C GLY E 328 -16.04 -7.63 43.64
N ASP E 329 -16.94 -8.54 43.26
CA ASP E 329 -16.62 -9.95 43.13
C ASP E 329 -16.30 -10.28 41.67
N ILE E 330 -15.88 -11.52 41.43
CA ILE E 330 -15.33 -11.96 40.16
C ILE E 330 -16.08 -13.19 39.68
N ARG E 331 -16.40 -13.24 38.40
CA ARG E 331 -17.00 -14.40 37.76
C ARG E 331 -16.52 -14.48 36.32
N GLN E 332 -16.47 -15.69 35.79
CA GLN E 332 -15.99 -15.87 34.43
C GLN E 332 -17.00 -15.31 33.44
N ALA E 333 -16.52 -14.95 32.26
CA ALA E 333 -17.39 -14.39 31.24
C ALA E 333 -18.35 -15.46 30.73
N HIS E 334 -19.59 -15.04 30.46
CA HIS E 334 -20.65 -15.94 30.05
C HIS E 334 -21.05 -15.67 28.61
N CYS E 335 -21.52 -16.71 27.94
CA CYS E 335 -22.23 -16.57 26.67
C CYS E 335 -23.48 -17.45 26.73
N ASN E 336 -24.65 -16.82 26.80
CA ASN E 336 -25.93 -17.51 26.90
C ASN E 336 -26.51 -17.66 25.51
N VAL E 337 -27.05 -18.85 25.22
CA VAL E 337 -27.73 -19.14 23.97
C VAL E 337 -29.09 -19.75 24.31
N SER E 338 -30.13 -19.31 23.61
CA SER E 338 -31.46 -19.87 23.81
C SER E 338 -31.49 -21.34 23.41
N LYS E 339 -31.71 -22.22 24.40
CA LYS E 339 -31.62 -23.64 24.15
C LYS E 339 -32.67 -24.11 23.15
N ALA E 340 -33.91 -23.64 23.30
CA ALA E 340 -34.96 -24.04 22.36
C ALA E 340 -34.61 -23.64 20.94
N THR E 341 -34.25 -22.37 20.76
CA THR E 341 -33.86 -21.90 19.44
C THR E 341 -32.65 -22.66 18.92
N TRP E 342 -31.70 -22.96 19.80
CA TRP E 342 -30.48 -23.62 19.34
C TRP E 342 -30.76 -25.03 18.84
N ASN E 343 -31.49 -25.83 19.61
CA ASN E 343 -31.74 -27.20 19.15
C ASN E 343 -32.68 -27.21 17.96
N GLU E 344 -33.59 -26.24 17.87
CA GLU E 344 -34.42 -26.14 16.66
C GLU E 344 -33.55 -25.83 15.44
N THR E 345 -32.60 -24.91 15.59
CA THR E 345 -31.71 -24.56 14.49
C THR E 345 -30.85 -25.75 14.10
N LEU E 346 -30.37 -26.49 15.09
CA LEU E 346 -29.56 -27.67 14.78
C LEU E 346 -30.39 -28.72 14.06
N GLY E 347 -31.66 -28.88 14.44
CA GLY E 347 -32.53 -29.77 13.70
C GLY E 347 -32.70 -29.34 12.26
N LYS E 348 -32.88 -28.04 12.04
CA LYS E 348 -32.98 -27.53 10.67
C LYS E 348 -31.70 -27.82 9.90
N VAL E 349 -30.55 -27.62 10.55
CA VAL E 349 -29.27 -27.86 9.88
C VAL E 349 -29.13 -29.33 9.52
N VAL E 350 -29.55 -30.22 10.42
CA VAL E 350 -29.47 -31.65 10.14
C VAL E 350 -30.37 -32.01 8.97
N LYS E 351 -31.59 -31.47 8.96
CA LYS E 351 -32.52 -31.75 7.87
C LYS E 351 -31.95 -31.29 6.54
N GLN E 352 -31.32 -30.11 6.52
CA GLN E 352 -30.70 -29.64 5.28
C GLN E 352 -29.49 -30.48 4.91
N LEU E 353 -28.69 -30.89 5.89
CA LEU E 353 -27.51 -31.69 5.60
C LEU E 353 -27.88 -33.03 4.98
N ARG E 354 -29.00 -33.62 5.42
CA ARG E 354 -29.37 -34.94 4.92
C ARG E 354 -29.58 -34.97 3.41
N LYS E 355 -29.87 -33.83 2.78
CA LYS E 355 -30.05 -33.80 1.34
C LYS E 355 -28.76 -34.06 0.56
N HIS E 356 -27.61 -33.60 1.07
CA HIS E 356 -26.34 -33.83 0.41
C HIS E 356 -25.75 -35.20 0.69
N PHE E 357 -26.13 -35.83 1.80
CA PHE E 357 -25.70 -37.16 2.19
C PHE E 357 -26.87 -38.12 2.08
N GLY E 358 -26.67 -39.36 2.53
CA GLY E 358 -27.74 -40.34 2.49
C GLY E 358 -28.93 -39.90 3.31
N ASN E 359 -30.11 -40.30 2.85
CA ASN E 359 -31.34 -39.80 3.47
C ASN E 359 -31.53 -40.33 4.89
N ASN E 360 -30.88 -41.45 5.22
CA ASN E 360 -30.99 -42.07 6.55
C ASN E 360 -29.66 -42.07 7.29
N THR E 361 -28.77 -41.13 6.96
CA THR E 361 -27.46 -41.11 7.60
C THR E 361 -27.54 -40.46 8.97
N ILE E 362 -27.09 -41.19 9.98
CA ILE E 362 -27.02 -40.64 11.33
C ILE E 362 -25.96 -39.54 11.34
N ILE E 363 -26.29 -38.39 11.91
CA ILE E 363 -25.44 -37.20 11.87
C ILE E 363 -25.06 -36.82 13.29
N ARG E 364 -23.77 -36.61 13.52
CA ARG E 364 -23.20 -36.47 14.86
C ARG E 364 -22.46 -35.16 14.96
N PHE E 365 -22.83 -34.34 15.95
CA PHE E 365 -22.14 -33.09 16.25
C PHE E 365 -21.29 -33.28 17.49
N ALA E 366 -19.97 -33.14 17.32
CA ALA E 366 -19.00 -33.23 18.40
C ALA E 366 -18.25 -31.91 18.51
N ASN E 367 -17.69 -31.66 19.69
CA ASN E 367 -16.97 -30.42 19.91
C ASN E 367 -15.68 -30.42 19.10
N SER E 368 -15.04 -29.25 19.03
CA SER E 368 -13.87 -29.09 18.17
C SER E 368 -12.71 -29.93 18.69
N SER E 369 -11.83 -30.30 17.77
CA SER E 369 -10.62 -31.03 18.11
C SER E 369 -9.64 -30.13 18.85
N GLY E 370 -8.46 -30.67 19.14
CA GLY E 370 -7.42 -29.87 19.75
C GLY E 370 -6.73 -28.97 18.76
N GLY E 371 -5.90 -28.08 19.29
CA GLY E 371 -5.13 -27.16 18.49
C GLY E 371 -5.02 -25.80 19.16
N ASP E 372 -4.79 -24.78 18.34
CA ASP E 372 -4.62 -23.43 18.85
C ASP E 372 -5.92 -22.90 19.45
N LEU E 373 -5.78 -22.04 20.47
CA LEU E 373 -6.96 -21.44 21.09
C LEU E 373 -7.75 -20.60 20.11
N GLU E 374 -7.10 -20.09 19.06
CA GLU E 374 -7.82 -19.33 18.05
C GLU E 374 -8.89 -20.18 17.35
N VAL E 375 -8.61 -21.47 17.14
CA VAL E 375 -9.50 -22.34 16.37
C VAL E 375 -10.25 -23.33 17.24
N THR E 376 -9.70 -23.74 18.38
CA THR E 376 -10.38 -24.70 19.24
C THR E 376 -11.56 -24.09 19.99
N THR E 377 -11.74 -22.78 19.95
CA THR E 377 -12.82 -22.10 20.64
C THR E 377 -13.42 -21.02 19.75
N HIS E 378 -14.50 -20.43 20.24
CA HIS E 378 -15.20 -19.36 19.55
C HIS E 378 -14.60 -18.04 19.99
N SER E 379 -13.71 -17.48 19.18
CA SER E 379 -13.10 -16.20 19.45
C SER E 379 -13.99 -15.10 18.89
N PHE E 380 -14.02 -13.95 19.56
CA PHE E 380 -14.65 -12.77 18.98
C PHE E 380 -14.29 -11.53 19.80
N ASN E 381 -14.71 -10.38 19.27
CA ASN E 381 -14.47 -9.08 19.87
C ASN E 381 -15.81 -8.48 20.28
N CYS E 382 -15.92 -8.08 21.55
CA CYS E 382 -17.14 -7.51 22.10
C CYS E 382 -16.75 -6.31 22.97
N GLY E 383 -17.27 -5.14 22.63
CA GLY E 383 -17.05 -3.96 23.44
C GLY E 383 -15.60 -3.57 23.61
N GLY E 384 -14.74 -3.93 22.66
CA GLY E 384 -13.33 -3.66 22.76
C GLY E 384 -12.53 -4.70 23.51
N GLU E 385 -13.19 -5.70 24.10
CA GLU E 385 -12.53 -6.80 24.77
C GLU E 385 -12.61 -8.04 23.88
N PHE E 386 -11.73 -9.00 24.14
CA PHE E 386 -11.64 -10.23 23.36
C PHE E 386 -12.14 -11.40 24.19
N PHE E 387 -13.07 -12.16 23.62
CA PHE E 387 -13.66 -13.33 24.25
C PHE E 387 -13.20 -14.58 23.52
N TYR E 388 -12.97 -15.66 24.27
CA TYR E 388 -12.67 -16.98 23.73
C TYR E 388 -13.58 -17.95 24.47
N CYS E 389 -14.65 -18.40 23.80
CA CYS E 389 -15.70 -19.18 24.45
C CYS E 389 -15.64 -20.64 24.04
N ASN E 390 -15.72 -21.51 25.04
CA ASN E 390 -15.67 -22.95 24.86
C ASN E 390 -17.04 -23.43 24.36
N THR E 391 -17.09 -23.84 23.10
CA THR E 391 -18.36 -24.19 22.46
C THR E 391 -18.72 -25.66 22.61
N SER E 392 -18.07 -26.38 23.52
CA SER E 392 -18.46 -27.76 23.76
C SER E 392 -19.90 -27.86 24.27
N GLY E 393 -20.40 -26.81 24.92
CA GLY E 393 -21.79 -26.78 25.32
C GLY E 393 -22.77 -26.88 24.17
N LEU E 394 -22.50 -26.21 23.07
CA LEU E 394 -23.21 -26.41 21.82
C LEU E 394 -22.75 -27.73 21.22
N PHE E 395 -23.37 -28.10 20.11
CA PHE E 395 -23.06 -29.36 19.41
C PHE E 395 -23.30 -30.49 20.40
N ASN E 396 -22.46 -31.52 20.46
CA ASN E 396 -22.56 -32.55 21.49
C ASN E 396 -23.91 -33.28 21.42
N SER E 397 -24.19 -33.86 20.27
CA SER E 397 -25.47 -34.52 20.06
C SER E 397 -25.39 -35.44 18.86
N THR E 398 -26.42 -36.27 18.71
CA THR E 398 -26.58 -37.13 17.55
C THR E 398 -28.03 -37.07 17.07
N TRP E 399 -28.21 -37.28 15.77
CA TRP E 399 -29.50 -37.15 15.12
C TRP E 399 -29.71 -38.37 14.24
N ILE E 400 -30.82 -39.07 14.48
CA ILE E 400 -31.15 -40.30 13.80
C ILE E 400 -32.48 -40.18 13.05
N SER E 401 -33.47 -39.54 13.68
CA SER E 401 -34.81 -39.39 13.14
C SER E 401 -35.26 -37.93 13.19
N ASN E 402 -34.38 -37.00 12.85
CA ASN E 402 -34.69 -35.57 12.82
C ASN E 402 -35.17 -35.09 14.18
N THR E 403 -34.52 -35.57 15.24
CA THR E 403 -34.79 -35.09 16.59
C THR E 403 -33.60 -35.44 17.46
N SER E 404 -33.27 -34.55 18.40
CA SER E 404 -32.09 -34.74 19.23
C SER E 404 -32.23 -35.98 20.08
N VAL E 405 -31.26 -36.89 19.95
CA VAL E 405 -31.31 -38.14 20.71
C VAL E 405 -31.07 -37.86 22.18
N GLN E 406 -30.19 -36.92 22.50
CA GLN E 406 -29.86 -36.63 23.89
C GLN E 406 -30.81 -35.62 24.52
N GLY E 407 -31.34 -34.69 23.73
CA GLY E 407 -32.12 -33.59 24.25
C GLY E 407 -33.52 -34.01 24.69
N SER E 408 -34.29 -33.01 25.10
CA SER E 408 -35.65 -33.20 25.58
C SER E 408 -35.69 -34.14 26.78
N ASN E 414 -37.03 -20.79 26.89
CA ASN E 414 -37.16 -20.61 28.33
C ASN E 414 -35.85 -20.95 29.02
N ASP E 415 -35.30 -22.12 28.70
CA ASP E 415 -34.00 -22.53 29.21
C ASP E 415 -32.90 -21.90 28.37
N SER E 416 -31.66 -21.99 28.85
CA SER E 416 -30.53 -21.39 28.15
C SER E 416 -29.27 -22.22 28.40
N ILE E 417 -28.46 -22.35 27.35
CA ILE E 417 -27.17 -23.01 27.41
C ILE E 417 -26.14 -21.95 27.74
N THR E 418 -25.30 -22.23 28.74
CA THR E 418 -24.25 -21.32 29.16
C THR E 418 -22.91 -21.85 28.66
N LEU E 419 -22.20 -21.02 27.90
CA LEU E 419 -20.84 -21.32 27.45
C LEU E 419 -19.86 -20.51 28.27
N PRO E 420 -18.89 -21.11 28.95
CA PRO E 420 -17.85 -20.30 29.61
C PRO E 420 -17.00 -19.60 28.57
N CYS E 421 -16.41 -18.48 28.97
CA CYS E 421 -15.51 -17.73 28.11
C CYS E 421 -14.33 -17.21 28.90
N ARG E 422 -13.13 -17.45 28.37
CA ARG E 422 -11.90 -16.87 28.87
C ARG E 422 -11.65 -15.56 28.12
N ILE E 423 -10.83 -14.70 28.71
CA ILE E 423 -10.46 -13.43 28.12
C ILE E 423 -8.95 -13.27 28.21
N LYS E 424 -8.34 -12.91 27.08
CA LYS E 424 -6.92 -12.65 27.01
C LYS E 424 -6.70 -11.29 26.37
N GLN E 425 -5.80 -10.51 26.96
CA GLN E 425 -5.52 -9.16 26.48
C GLN E 425 -4.55 -9.16 25.31
N ILE E 426 -3.52 -10.00 25.36
CA ILE E 426 -2.49 -10.04 24.34
C ILE E 426 -3.00 -10.88 23.19
N ILE E 427 -3.19 -10.25 22.04
CA ILE E 427 -3.79 -10.90 20.87
C ILE E 427 -2.73 -11.03 19.78
N ASN E 428 -2.75 -12.16 19.08
CA ASN E 428 -2.04 -12.34 17.82
C ASN E 428 -3.11 -12.57 16.76
N MET E 429 -3.64 -11.48 16.22
CA MET E 429 -4.75 -11.60 15.30
C MET E 429 -4.28 -12.14 13.95
N TRP E 430 -5.24 -12.67 13.18
CA TRP E 430 -5.04 -13.14 11.82
C TRP E 430 -4.00 -14.26 11.73
N GLN E 431 -3.67 -14.91 12.86
CA GLN E 431 -2.66 -15.97 12.90
C GLN E 431 -1.30 -15.47 12.39
N ARG E 432 -0.99 -14.21 12.68
CA ARG E 432 0.33 -13.68 12.38
C ARG E 432 1.35 -14.26 13.35
N ILE E 433 2.62 -14.24 12.94
CA ILE E 433 3.69 -14.71 13.82
C ILE E 433 4.08 -13.62 14.81
N GLY E 434 4.47 -12.45 14.28
CA GLY E 434 4.79 -11.30 15.11
C GLY E 434 3.63 -10.34 15.20
N GLN E 435 3.92 -9.07 15.48
CA GLN E 435 2.91 -8.01 15.50
C GLN E 435 1.80 -8.31 16.50
N ALA E 436 2.19 -8.81 17.68
CA ALA E 436 1.22 -9.01 18.75
C ALA E 436 0.65 -7.66 19.19
N MET E 437 -0.62 -7.68 19.59
CA MET E 437 -1.35 -6.49 20.00
C MET E 437 -1.82 -6.67 21.44
N TYR E 438 -1.70 -5.60 22.23
CA TYR E 438 -2.14 -5.59 23.62
C TYR E 438 -3.47 -4.84 23.71
N ALA E 439 -4.55 -5.56 23.91
CA ALA E 439 -5.85 -4.92 24.04
C ALA E 439 -5.93 -4.23 25.39
N PRO E 440 -6.24 -2.93 25.46
CA PRO E 440 -6.35 -2.30 26.76
C PRO E 440 -7.61 -2.78 27.49
N PRO E 441 -7.63 -2.77 28.81
CA PRO E 441 -8.86 -3.16 29.51
C PRO E 441 -9.95 -2.11 29.32
N ILE E 442 -11.19 -2.56 29.45
CA ILE E 442 -12.37 -1.70 29.35
C ILE E 442 -13.01 -1.61 30.72
N GLN E 443 -13.22 -0.38 31.19
CA GLN E 443 -13.75 -0.18 32.53
C GLN E 443 -15.23 -0.53 32.60
N GLY E 444 -15.67 -0.89 33.80
CA GLY E 444 -17.05 -1.27 34.01
C GLY E 444 -17.30 -2.74 33.74
N VAL E 445 -18.50 -3.04 33.25
CA VAL E 445 -18.89 -4.37 32.81
C VAL E 445 -19.14 -4.30 31.31
N ILE E 446 -19.23 -5.46 30.68
CA ILE E 446 -19.35 -5.56 29.22
C ILE E 446 -20.56 -6.41 28.90
N ARG E 447 -21.41 -5.91 28.00
CA ARG E 447 -22.58 -6.63 27.50
C ARG E 447 -22.52 -6.63 25.97
N CYS E 448 -23.01 -7.70 25.37
CA CYS E 448 -23.16 -7.78 23.93
C CYS E 448 -24.38 -8.62 23.57
N VAL E 449 -25.17 -8.11 22.65
CA VAL E 449 -26.30 -8.83 22.05
C VAL E 449 -25.89 -9.17 20.64
N SER E 450 -25.77 -10.46 20.34
CA SER E 450 -25.28 -10.92 19.05
C SER E 450 -26.27 -11.91 18.46
N ASN E 451 -26.20 -12.07 17.14
CA ASN E 451 -26.89 -13.13 16.43
C ASN E 451 -25.85 -14.17 16.04
N ILE E 452 -26.27 -15.17 15.28
CA ILE E 452 -25.36 -16.16 14.71
C ILE E 452 -25.28 -16.00 13.19
N THR E 453 -26.40 -16.18 12.50
CA THR E 453 -26.47 -15.96 11.06
C THR E 453 -25.46 -16.83 10.31
N GLY E 454 -25.48 -18.11 10.65
CA GLY E 454 -24.62 -19.08 10.01
C GLY E 454 -23.45 -19.47 10.91
N LEU E 455 -22.95 -20.69 10.69
CA LEU E 455 -21.84 -21.25 11.45
C LEU E 455 -20.96 -22.05 10.52
N ILE E 456 -19.72 -22.26 10.95
CA ILE E 456 -18.69 -22.92 10.15
C ILE E 456 -18.50 -24.33 10.70
N LEU E 457 -18.61 -25.32 9.82
CA LEU E 457 -18.50 -26.73 10.18
C LEU E 457 -17.50 -27.43 9.26
N THR E 458 -16.78 -28.39 9.83
CA THR E 458 -15.89 -29.28 9.08
C THR E 458 -16.32 -30.72 9.30
N ARG E 459 -16.37 -31.47 8.20
CA ARG E 459 -16.81 -32.86 8.21
C ARG E 459 -15.60 -33.75 8.46
N ASP E 460 -15.72 -34.59 9.48
CA ASP E 460 -14.64 -35.51 9.85
C ASP E 460 -14.72 -36.71 8.93
N GLY E 461 -13.63 -36.97 8.18
CA GLY E 461 -13.64 -38.06 7.22
C GLY E 461 -13.82 -39.42 7.84
N GLY E 462 -13.08 -39.71 8.91
CA GLY E 462 -13.19 -41.01 9.55
C GLY E 462 -12.77 -42.12 8.60
N SER E 463 -13.59 -43.16 8.52
CA SER E 463 -13.35 -44.31 7.68
C SER E 463 -14.14 -44.19 6.39
N THR E 464 -14.08 -45.24 5.56
CA THR E 464 -14.77 -45.26 4.28
C THR E 464 -16.22 -45.70 4.39
N ASN E 465 -16.67 -46.15 5.57
CA ASN E 465 -18.03 -46.62 5.78
C ASN E 465 -18.75 -45.65 6.71
N SER E 466 -19.92 -45.17 6.29
CA SER E 466 -20.53 -44.00 6.88
C SER E 466 -21.48 -44.33 8.03
N THR E 467 -20.93 -44.64 9.20
CA THR E 467 -21.71 -44.70 10.43
C THR E 467 -21.43 -43.44 11.23
N THR E 468 -22.47 -42.63 11.44
CA THR E 468 -22.33 -41.40 12.21
C THR E 468 -21.31 -40.46 11.58
N GLU E 469 -21.57 -39.98 10.37
CA GLU E 469 -20.68 -39.01 9.75
C GLU E 469 -20.68 -37.73 10.57
N THR E 470 -19.52 -37.37 11.10
CA THR E 470 -19.40 -36.38 12.17
C THR E 470 -19.12 -35.00 11.59
N PHE E 471 -19.69 -33.98 12.23
CA PHE E 471 -19.40 -32.58 11.92
C PHE E 471 -18.92 -31.89 13.19
N ARG E 472 -17.88 -31.07 13.04
CA ARG E 472 -17.24 -30.37 14.15
C ARG E 472 -17.18 -28.88 13.84
N PRO E 473 -17.04 -28.03 14.86
CA PRO E 473 -16.86 -26.61 14.58
C PRO E 473 -15.57 -26.37 13.80
N GLY E 474 -15.72 -25.93 12.56
CA GLY E 474 -14.58 -25.71 11.69
C GLY E 474 -13.78 -24.51 12.12
N GLY E 475 -12.47 -24.69 12.21
CA GLY E 475 -11.57 -23.59 12.48
C GLY E 475 -11.38 -22.74 11.25
N GLY E 476 -12.45 -22.06 10.84
CA GLY E 476 -12.41 -21.32 9.60
C GLY E 476 -11.46 -20.15 9.66
N ASP E 477 -10.71 -19.96 8.57
CA ASP E 477 -9.93 -18.75 8.40
C ASP E 477 -10.88 -17.57 8.18
N MET E 478 -10.36 -16.36 8.34
CA MET E 478 -11.20 -15.17 8.22
C MET E 478 -11.78 -15.02 6.83
N ARG E 479 -11.09 -15.56 5.82
CA ARG E 479 -11.64 -15.55 4.47
C ARG E 479 -13.00 -16.22 4.42
N ASP E 480 -13.21 -17.28 5.20
CA ASP E 480 -14.54 -17.86 5.32
C ASP E 480 -15.53 -16.88 5.92
N ASN E 481 -15.12 -16.14 6.95
CA ASN E 481 -16.01 -15.21 7.61
C ASN E 481 -16.54 -14.18 6.64
N TRP E 482 -15.69 -13.69 5.74
CA TRP E 482 -16.16 -12.71 4.76
C TRP E 482 -16.73 -13.35 3.50
N ARG E 483 -16.39 -14.62 3.22
CA ARG E 483 -16.94 -15.27 2.04
C ARG E 483 -18.39 -15.68 2.29
N SER E 484 -18.78 -15.79 3.56
CA SER E 484 -20.19 -15.95 3.86
C SER E 484 -21.03 -14.76 3.43
N GLU E 485 -20.42 -13.58 3.32
CA GLU E 485 -21.11 -12.35 2.92
C GLU E 485 -20.86 -11.93 1.49
N LEU E 486 -19.64 -12.12 0.98
CA LEU E 486 -19.28 -11.64 -0.34
C LEU E 486 -19.67 -12.59 -1.45
N TYR E 487 -20.31 -13.71 -1.15
CA TYR E 487 -20.92 -14.50 -2.20
C TYR E 487 -22.09 -13.71 -2.78
N LYS E 488 -22.56 -14.16 -3.94
CA LYS E 488 -23.47 -13.49 -4.87
C LYS E 488 -22.78 -12.41 -5.68
N TYR E 489 -21.55 -12.02 -5.35
CA TYR E 489 -20.93 -10.82 -5.90
C TYR E 489 -19.74 -11.20 -6.78
N LYS E 490 -19.73 -10.64 -7.99
CA LYS E 490 -18.65 -10.86 -8.95
C LYS E 490 -18.22 -9.53 -9.54
N VAL E 491 -16.91 -9.28 -9.57
CA VAL E 491 -16.35 -8.05 -10.13
C VAL E 491 -16.07 -8.28 -11.59
N VAL E 492 -16.57 -7.39 -12.46
CA VAL E 492 -16.41 -7.54 -13.90
C VAL E 492 -15.97 -6.22 -14.51
N LYS E 493 -14.96 -6.31 -15.37
CA LYS E 493 -14.49 -5.19 -16.19
C LYS E 493 -15.42 -5.03 -17.38
N ILE E 494 -15.58 -3.78 -17.81
CA ILE E 494 -16.39 -3.47 -18.99
C ILE E 494 -15.47 -3.34 -20.19
N GLU E 495 -15.81 -4.04 -21.28
CA GLU E 495 -15.06 -4.00 -22.54
C GLU E 495 -15.94 -3.29 -23.56
N PRO E 496 -16.07 -1.96 -23.48
CA PRO E 496 -17.08 -1.26 -24.29
C PRO E 496 -16.89 -1.39 -25.79
N LEU E 497 -15.69 -1.72 -26.26
CA LEU E 497 -15.39 -1.76 -27.69
C LEU E 497 -15.72 -3.14 -28.24
N GLY E 498 -16.41 -3.18 -29.37
CA GLY E 498 -16.72 -4.45 -30.01
C GLY E 498 -16.90 -4.25 -31.50
N VAL E 499 -17.00 -5.37 -32.21
CA VAL E 499 -17.19 -5.37 -33.66
C VAL E 499 -18.32 -6.33 -34.02
N ALA E 500 -18.98 -6.03 -35.13
CA ALA E 500 -20.03 -6.91 -35.63
C ALA E 500 -20.31 -6.57 -37.09
N PRO E 501 -20.81 -7.51 -37.89
CA PRO E 501 -21.11 -7.20 -39.29
C PRO E 501 -22.44 -6.49 -39.47
N THR E 502 -22.53 -5.76 -40.58
CA THR E 502 -23.73 -5.03 -40.96
C THR E 502 -23.90 -5.10 -42.48
N ARG E 503 -24.99 -4.52 -42.95
CA ARG E 503 -25.23 -4.35 -44.38
C ARG E 503 -24.58 -3.09 -44.95
N CYS E 504 -24.19 -2.15 -44.09
CA CYS E 504 -23.74 -0.83 -44.52
C CYS E 504 -22.22 -0.78 -44.70
N LYS E 505 -21.77 -0.19 -45.79
CA LYS E 505 -20.36 0.07 -46.05
C LYS E 505 -20.05 1.56 -45.82
N ARG E 506 -18.81 1.83 -45.41
CA ARG E 506 -18.36 3.21 -45.31
C ARG E 506 -18.37 3.86 -46.70
N ARG E 507 -18.65 5.17 -46.72
CA ARG E 507 -18.69 5.93 -47.95
C ARG E 507 -17.32 6.56 -48.20
N VAL E 508 -16.74 6.28 -49.36
CA VAL E 508 -15.42 6.79 -49.72
C VAL E 508 -15.46 7.33 -51.14
N LEU F 11 -31.90 0.80 -18.87
CA LEU F 11 -31.29 2.05 -18.41
C LEU F 11 -30.30 1.75 -17.29
N GLY F 12 -29.90 2.78 -16.55
CA GLY F 12 -28.88 2.61 -15.53
C GLY F 12 -27.50 2.47 -16.12
N PHE F 13 -26.61 1.88 -15.32
CA PHE F 13 -25.24 1.65 -15.79
C PHE F 13 -25.22 0.73 -16.99
N LEU F 14 -26.07 -0.29 -16.99
CA LEU F 14 -26.19 -1.26 -18.08
C LEU F 14 -27.58 -1.17 -18.66
N GLY F 15 -27.69 -0.64 -19.88
CA GLY F 15 -28.96 -0.42 -20.52
C GLY F 15 -29.52 -1.66 -21.19
N ALA F 16 -30.02 -2.58 -20.38
CA ALA F 16 -30.47 -3.89 -20.85
C ALA F 16 -29.31 -4.67 -21.46
N ALA F 17 -28.21 -4.72 -20.71
CA ALA F 17 -27.06 -5.50 -21.13
C ALA F 17 -27.43 -6.96 -21.29
N GLY F 18 -26.94 -7.57 -22.37
CA GLY F 18 -27.24 -8.95 -22.65
C GLY F 18 -28.67 -9.25 -22.99
N SER F 19 -29.51 -8.23 -23.19
CA SER F 19 -30.90 -8.47 -23.54
C SER F 19 -31.04 -8.91 -24.99
N THR F 20 -30.32 -8.25 -25.90
CA THR F 20 -30.39 -8.55 -27.32
C THR F 20 -29.30 -7.74 -28.02
N MET F 21 -28.77 -8.30 -29.11
CA MET F 21 -27.70 -7.62 -29.83
C MET F 21 -28.20 -6.36 -30.51
N GLY F 22 -29.40 -6.39 -31.08
CA GLY F 22 -29.90 -5.27 -31.85
C GLY F 22 -30.26 -4.05 -31.03
N ALA F 23 -31.28 -4.18 -30.18
CA ALA F 23 -31.80 -3.01 -29.46
C ALA F 23 -30.80 -2.46 -28.46
N ALA F 24 -29.88 -3.29 -27.96
CA ALA F 24 -28.90 -2.81 -26.99
C ALA F 24 -28.04 -1.71 -27.57
N SER F 25 -27.80 -1.75 -28.89
CA SER F 25 -27.03 -0.71 -29.55
C SER F 25 -27.74 0.63 -29.57
N MET F 26 -29.04 0.68 -29.27
CA MET F 26 -29.75 1.95 -29.21
C MET F 26 -29.48 2.73 -27.92
N THR F 27 -28.85 2.11 -26.92
CA THR F 27 -28.45 2.78 -25.68
C THR F 27 -26.97 2.52 -25.44
N LEU F 28 -26.13 3.38 -26.02
CA LEU F 28 -24.69 3.28 -25.92
C LEU F 28 -24.05 4.44 -25.17
N THR F 29 -24.73 5.59 -25.07
CA THR F 29 -24.10 6.77 -24.51
C THR F 29 -23.78 6.59 -23.03
N VAL F 30 -24.60 5.84 -22.29
CA VAL F 30 -24.34 5.69 -20.87
C VAL F 30 -23.09 4.86 -20.64
N GLN F 31 -22.89 3.79 -21.42
CA GLN F 31 -21.68 3.01 -21.31
C GLN F 31 -20.46 3.84 -21.66
N ALA F 32 -20.58 4.68 -22.70
CA ALA F 32 -19.46 5.54 -23.08
C ALA F 32 -19.15 6.54 -21.99
N ARG F 33 -20.18 7.12 -21.36
CA ARG F 33 -19.97 8.17 -20.38
C ARG F 33 -19.42 7.63 -19.07
N ASN F 34 -19.84 6.41 -18.67
CA ASN F 34 -19.48 5.89 -17.35
C ASN F 34 -17.98 5.84 -17.13
N LEU F 35 -17.20 5.59 -18.19
CA LEU F 35 -15.79 5.25 -18.05
C LEU F 35 -15.00 6.39 -17.41
N LEU F 36 -15.50 7.63 -17.51
CA LEU F 36 -14.94 8.77 -16.78
C LEU F 36 -15.93 9.41 -15.83
N SER F 37 -17.23 9.23 -16.04
CA SER F 37 -18.21 9.75 -15.09
C SER F 37 -18.02 9.13 -13.73
N GLY F 38 -17.72 7.83 -13.68
CA GLY F 38 -17.41 7.20 -12.42
C GLY F 38 -16.21 7.79 -11.72
N ILE F 39 -15.14 8.07 -12.46
CA ILE F 39 -13.94 8.65 -11.85
C ILE F 39 -14.24 10.03 -11.29
N VAL F 40 -14.89 10.86 -12.10
CA VAL F 40 -15.16 12.23 -11.69
C VAL F 40 -16.13 12.25 -10.51
N GLN F 41 -17.13 11.38 -10.52
CA GLN F 41 -18.10 11.39 -9.42
C GLN F 41 -17.50 10.79 -8.15
N GLN F 42 -16.59 9.83 -8.28
CA GLN F 42 -15.87 9.33 -7.11
C GLN F 42 -15.02 10.44 -6.50
N GLN F 43 -14.33 11.21 -7.34
CA GLN F 43 -13.57 12.33 -6.81
C GLN F 43 -14.48 13.39 -6.20
N SER F 44 -15.65 13.61 -6.80
CA SER F 44 -16.61 14.54 -6.22
C SER F 44 -17.08 14.07 -4.85
N ASN F 45 -17.34 12.76 -4.72
CA ASN F 45 -17.72 12.21 -3.43
C ASN F 45 -16.63 12.40 -2.39
N LEU F 46 -15.37 12.22 -2.79
CA LEU F 46 -14.29 12.51 -1.85
C LEU F 46 -14.25 14.00 -1.49
N LEU F 47 -14.45 14.87 -2.47
CA LEU F 47 -14.30 16.31 -2.25
C LEU F 47 -15.34 16.85 -1.28
N ARG F 48 -16.59 16.40 -1.40
CA ARG F 48 -17.66 16.88 -0.52
C ARG F 48 -17.46 16.44 0.93
N ALA F 49 -16.57 15.49 1.21
CA ALA F 49 -16.32 14.97 2.55
C ALA F 49 -14.95 15.47 2.99
N PRO F 50 -14.85 16.67 3.56
CA PRO F 50 -13.57 17.13 4.09
C PRO F 50 -13.17 16.36 5.34
N GLU F 51 -11.93 16.57 5.76
CA GLU F 51 -11.32 15.81 6.85
C GLU F 51 -11.33 14.31 6.53
N CYS F 52 -11.19 13.98 5.25
CA CYS F 52 -11.08 12.60 4.78
C CYS F 52 -9.74 12.42 4.07
N GLN F 53 -9.31 13.45 3.35
CA GLN F 53 -8.10 13.33 2.55
C GLN F 53 -6.85 13.21 3.41
N GLN F 54 -6.90 13.72 4.66
CA GLN F 54 -5.70 13.69 5.49
C GLN F 54 -5.32 12.27 5.89
N HIS F 55 -6.27 11.52 6.44
CA HIS F 55 -5.98 10.16 6.88
C HIS F 55 -5.64 9.27 5.70
N LEU F 56 -6.37 9.43 4.58
CA LEU F 56 -6.09 8.65 3.39
C LEU F 56 -4.71 8.97 2.83
N LEU F 57 -4.34 10.26 2.81
CA LEU F 57 -3.03 10.65 2.30
C LEU F 57 -1.92 10.11 3.19
N LYS F 58 -2.11 10.15 4.52
CA LYS F 58 -1.11 9.57 5.41
C LYS F 58 -0.97 8.07 5.17
N LEU F 59 -2.05 7.40 4.81
CA LEU F 59 -1.99 6.01 4.36
C LEU F 59 -1.43 6.00 2.95
N THR F 60 -0.11 5.86 2.85
CA THR F 60 0.56 5.91 1.56
C THR F 60 0.09 4.78 0.66
N VAL F 61 -0.08 3.58 1.21
CA VAL F 61 -0.44 2.43 0.41
C VAL F 61 -1.82 2.64 -0.24
N TRP F 62 -2.79 3.10 0.53
CA TRP F 62 -4.14 3.30 -0.01
C TRP F 62 -4.14 4.40 -1.06
N GLY F 63 -3.40 5.48 -0.82
CA GLY F 63 -3.30 6.54 -1.80
C GLY F 63 -2.72 6.05 -3.11
N ILE F 64 -1.64 5.27 -3.04
CA ILE F 64 -1.05 4.73 -4.26
C ILE F 64 -2.03 3.76 -4.93
N LYS F 65 -2.78 3.00 -4.14
CA LYS F 65 -3.75 2.07 -4.71
C LYS F 65 -4.80 2.81 -5.55
N GLN F 66 -5.44 3.82 -4.96
CA GLN F 66 -6.49 4.50 -5.70
C GLN F 66 -5.94 5.38 -6.81
N LEU F 67 -4.73 5.91 -6.64
CA LEU F 67 -4.10 6.64 -7.74
C LEU F 67 -3.84 5.72 -8.92
N GLN F 68 -3.37 4.50 -8.65
CA GLN F 68 -3.19 3.52 -9.71
C GLN F 68 -4.51 3.17 -10.36
N ALA F 69 -5.57 3.04 -9.55
CA ALA F 69 -6.89 2.73 -10.11
C ALA F 69 -7.34 3.81 -11.08
N ARG F 70 -7.24 5.08 -10.67
CA ARG F 70 -7.65 6.16 -11.55
C ARG F 70 -6.79 6.23 -12.81
N VAL F 71 -5.47 6.04 -12.65
CA VAL F 71 -4.58 6.11 -13.80
C VAL F 71 -4.89 4.97 -14.77
N LEU F 72 -5.18 3.78 -14.27
CA LEU F 72 -5.50 2.66 -15.15
C LEU F 72 -6.82 2.90 -15.87
N ALA F 73 -7.81 3.47 -15.18
CA ALA F 73 -9.06 3.78 -15.86
C ALA F 73 -8.82 4.78 -16.99
N VAL F 74 -8.04 5.83 -16.73
CA VAL F 74 -7.76 6.82 -17.76
C VAL F 74 -6.98 6.17 -18.89
N GLU F 75 -6.05 5.28 -18.58
CA GLU F 75 -5.25 4.64 -19.62
C GLU F 75 -6.12 3.75 -20.50
N ARG F 76 -7.05 3.00 -19.92
CA ARG F 76 -7.94 2.19 -20.75
C ARG F 76 -8.81 3.06 -21.63
N TYR F 77 -9.35 4.15 -21.09
CA TYR F 77 -10.17 5.03 -21.92
C TYR F 77 -9.35 5.63 -23.06
N LEU F 78 -8.12 6.05 -22.77
CA LEU F 78 -7.26 6.59 -23.82
C LEU F 78 -6.89 5.54 -24.85
N ARG F 79 -6.68 4.30 -24.41
CA ARG F 79 -6.42 3.22 -25.35
C ARG F 79 -7.59 3.05 -26.30
N ASP F 80 -8.81 3.04 -25.77
CA ASP F 80 -9.98 2.88 -26.63
C ASP F 80 -10.11 4.04 -27.59
N GLN F 81 -9.89 5.27 -27.10
CA GLN F 81 -10.06 6.42 -27.98
C GLN F 81 -8.99 6.47 -29.06
N GLN F 82 -7.75 6.15 -28.72
CA GLN F 82 -6.70 6.10 -29.74
C GLN F 82 -6.98 4.99 -30.74
N LEU F 83 -7.48 3.85 -30.27
CA LEU F 83 -7.75 2.73 -31.18
C LEU F 83 -8.92 3.05 -32.10
N LEU F 84 -9.85 3.89 -31.64
CA LEU F 84 -10.91 4.35 -32.53
C LEU F 84 -10.38 5.41 -33.50
N GLY F 85 -9.45 6.25 -33.04
CA GLY F 85 -8.88 7.25 -33.94
C GLY F 85 -8.06 6.64 -35.05
N ILE F 86 -7.33 5.57 -34.75
CA ILE F 86 -6.52 4.90 -35.76
C ILE F 86 -7.40 4.29 -36.83
N TRP F 87 -8.63 3.93 -36.48
CA TRP F 87 -9.58 3.36 -37.42
C TRP F 87 -10.44 4.39 -38.10
N GLY F 88 -10.13 5.68 -37.96
CA GLY F 88 -10.95 6.71 -38.57
C GLY F 88 -12.36 6.78 -38.03
N CYS F 89 -12.53 6.64 -36.71
CA CYS F 89 -13.84 6.67 -36.07
C CYS F 89 -13.86 7.57 -34.84
N SER F 90 -12.93 8.51 -34.73
CA SER F 90 -12.92 9.39 -33.57
C SER F 90 -14.17 10.25 -33.55
N GLY F 91 -14.81 10.32 -32.38
CA GLY F 91 -16.00 11.12 -32.22
C GLY F 91 -17.30 10.47 -32.65
N LYS F 92 -17.31 9.16 -32.94
CA LYS F 92 -18.50 8.44 -33.31
C LYS F 92 -18.62 7.18 -32.47
N LEU F 93 -19.80 6.97 -31.89
CA LEU F 93 -20.05 5.72 -31.18
C LEU F 93 -20.28 4.56 -32.12
N ILE F 94 -20.89 4.82 -33.28
CA ILE F 94 -21.13 3.81 -34.31
C ILE F 94 -20.48 4.32 -35.59
N CYS F 95 -19.60 3.49 -36.16
CA CYS F 95 -18.94 3.84 -37.41
C CYS F 95 -18.80 2.59 -38.26
N CYS F 96 -19.05 2.74 -39.55
CA CYS F 96 -18.84 1.67 -40.52
C CYS F 96 -17.53 1.91 -41.24
N THR F 97 -16.90 0.82 -41.66
CA THR F 97 -15.60 0.83 -42.32
C THR F 97 -15.73 0.18 -43.69
N ASN F 98 -14.59 0.04 -44.37
CA ASN F 98 -14.52 -0.57 -45.69
C ASN F 98 -13.78 -1.89 -45.69
N VAL F 99 -13.76 -2.59 -44.56
CA VAL F 99 -13.17 -3.92 -44.45
C VAL F 99 -14.29 -4.95 -44.58
N PRO F 100 -14.29 -5.81 -45.61
CA PRO F 100 -15.37 -6.79 -45.71
C PRO F 100 -15.33 -7.80 -44.59
N TRP F 101 -16.51 -8.27 -44.21
CA TRP F 101 -16.60 -9.30 -43.18
C TRP F 101 -16.19 -10.64 -43.77
N ASN F 102 -15.55 -11.46 -42.93
CA ASN F 102 -15.09 -12.78 -43.33
C ASN F 102 -16.01 -13.84 -42.75
N SER F 103 -16.44 -14.78 -43.59
CA SER F 103 -17.24 -15.89 -43.09
C SER F 103 -16.43 -16.81 -42.18
N THR F 104 -15.10 -16.74 -42.25
CA THR F 104 -14.26 -17.52 -41.35
C THR F 104 -14.51 -17.13 -39.89
N TRP F 105 -14.66 -15.84 -39.61
CA TRP F 105 -14.90 -15.41 -38.24
C TRP F 105 -16.30 -15.83 -37.78
N SER F 106 -17.32 -15.58 -38.60
CA SER F 106 -18.68 -15.97 -38.28
C SER F 106 -19.46 -16.07 -39.59
N ASN F 107 -20.29 -17.11 -39.70
CA ASN F 107 -21.02 -17.41 -40.93
C ASN F 107 -22.51 -17.07 -40.83
N ARG F 108 -22.93 -16.41 -39.75
CA ARG F 108 -24.34 -16.09 -39.57
C ARG F 108 -24.73 -14.88 -40.41
N ASN F 109 -26.02 -14.79 -40.73
CA ASN F 109 -26.57 -13.64 -41.42
C ASN F 109 -26.93 -12.56 -40.39
N LEU F 110 -27.40 -11.42 -40.89
CA LEU F 110 -27.64 -10.27 -40.02
C LEU F 110 -28.79 -10.54 -39.04
N SER F 111 -29.90 -11.09 -39.51
CA SER F 111 -31.03 -11.34 -38.63
C SER F 111 -30.68 -12.37 -37.56
N GLU F 112 -29.82 -13.33 -37.90
CA GLU F 112 -29.41 -14.34 -36.94
C GLU F 112 -28.67 -13.76 -35.74
N ILE F 113 -27.95 -12.65 -35.93
CA ILE F 113 -27.12 -12.07 -34.88
C ILE F 113 -27.74 -10.81 -34.29
N TRP F 114 -28.32 -9.94 -35.12
CA TRP F 114 -28.87 -8.69 -34.59
C TRP F 114 -30.16 -8.94 -33.83
N ASP F 115 -30.75 -10.11 -33.99
CA ASP F 115 -31.74 -10.64 -33.07
C ASP F 115 -31.42 -12.12 -32.83
N ASN F 116 -32.09 -12.71 -31.84
CA ASN F 116 -31.83 -14.08 -31.41
C ASN F 116 -30.40 -14.28 -30.94
N MET F 117 -29.78 -13.23 -30.40
CA MET F 117 -28.45 -13.35 -29.82
C MET F 117 -28.21 -12.13 -28.92
N THR F 118 -27.32 -12.31 -27.95
CA THR F 118 -26.93 -11.26 -27.02
C THR F 118 -25.51 -10.83 -27.32
N TRP F 119 -25.17 -9.62 -26.87
CA TRP F 119 -23.85 -9.07 -27.16
C TRP F 119 -22.73 -9.91 -26.56
N LEU F 120 -22.91 -10.38 -25.31
CA LEU F 120 -21.89 -11.20 -24.68
C LEU F 120 -21.66 -12.49 -25.46
N GLN F 121 -22.74 -13.14 -25.89
CA GLN F 121 -22.61 -14.36 -26.68
C GLN F 121 -21.89 -14.08 -28.00
N TRP F 122 -22.22 -12.97 -28.65
CA TRP F 122 -21.54 -12.62 -29.89
C TRP F 122 -20.06 -12.41 -29.66
N ASP F 123 -19.71 -11.70 -28.58
CA ASP F 123 -18.30 -11.46 -28.28
C ASP F 123 -17.57 -12.77 -28.04
N LYS F 124 -18.23 -13.71 -27.37
CA LYS F 124 -17.64 -15.04 -27.22
C LYS F 124 -17.49 -15.74 -28.56
N GLU F 125 -18.39 -15.46 -29.51
CA GLU F 125 -18.41 -16.20 -30.76
C GLU F 125 -17.27 -15.79 -31.70
N ILE F 126 -16.74 -14.57 -31.55
CA ILE F 126 -15.71 -14.04 -32.45
C ILE F 126 -14.47 -13.59 -31.68
N SER F 127 -14.21 -14.18 -30.51
CA SER F 127 -13.10 -13.71 -29.68
C SER F 127 -11.75 -13.97 -30.35
N ASN F 128 -11.52 -15.21 -30.78
CA ASN F 128 -10.21 -15.64 -31.27
C ASN F 128 -9.69 -14.79 -32.42
N TYR F 129 -10.57 -14.24 -33.24
CA TYR F 129 -10.18 -13.47 -34.42
C TYR F 129 -10.08 -11.98 -34.17
N THR F 130 -10.39 -11.52 -32.94
CA THR F 130 -10.57 -10.09 -32.69
C THR F 130 -9.35 -9.29 -33.12
N GLN F 131 -8.17 -9.69 -32.63
CA GLN F 131 -6.93 -9.01 -32.98
C GLN F 131 -6.77 -8.88 -34.49
N ILE F 132 -7.05 -9.96 -35.22
CA ILE F 132 -6.89 -9.95 -36.68
C ILE F 132 -7.72 -8.82 -37.27
N ILE F 133 -8.99 -8.72 -36.85
CA ILE F 133 -9.87 -7.69 -37.37
C ILE F 133 -9.26 -6.32 -37.13
N TYR F 134 -8.75 -6.10 -35.91
CA TYR F 134 -8.17 -4.82 -35.56
C TYR F 134 -7.04 -4.48 -36.52
N GLY F 135 -6.16 -5.44 -36.78
CA GLY F 135 -5.07 -5.20 -37.70
C GLY F 135 -5.55 -4.74 -39.05
N LEU F 136 -6.56 -5.44 -39.59
CA LEU F 136 -7.08 -5.09 -40.90
C LEU F 136 -7.58 -3.65 -40.90
N LEU F 137 -8.29 -3.27 -39.83
CA LEU F 137 -8.85 -1.93 -39.77
C LEU F 137 -7.75 -0.88 -39.87
N GLU F 138 -6.63 -1.12 -39.19
CA GLU F 138 -5.53 -0.15 -39.23
C GLU F 138 -5.11 0.11 -40.66
N GLU F 139 -4.88 -0.97 -41.43
CA GLU F 139 -4.43 -0.83 -42.81
C GLU F 139 -5.39 0.04 -43.59
N SER F 140 -6.70 -0.20 -43.42
CA SER F 140 -7.70 0.52 -44.17
C SER F 140 -7.53 2.01 -44.00
N GLN F 141 -7.44 2.47 -42.74
CA GLN F 141 -7.39 3.91 -42.51
C GLN F 141 -6.19 4.51 -43.19
N ASN F 142 -5.04 3.84 -43.08
CA ASN F 142 -3.83 4.38 -43.68
C ASN F 142 -4.02 4.57 -45.17
N GLN F 143 -4.56 3.55 -45.83
CA GLN F 143 -4.76 3.65 -47.28
C GLN F 143 -5.65 4.81 -47.60
N GLN F 144 -6.76 4.95 -46.85
CA GLN F 144 -7.70 6.04 -47.12
C GLN F 144 -6.99 7.37 -46.99
N GLU F 145 -6.21 7.54 -45.92
CA GLU F 145 -5.55 8.82 -45.72
C GLU F 145 -4.59 9.10 -46.85
N LYS F 146 -3.85 8.08 -47.30
CA LYS F 146 -2.95 8.28 -48.43
C LYS F 146 -3.73 8.70 -49.66
N ASN F 147 -4.86 8.02 -49.89
CA ASN F 147 -5.68 8.38 -51.04
C ASN F 147 -6.15 9.83 -50.94
N GLU F 148 -6.46 10.28 -49.72
CA GLU F 148 -6.90 11.66 -49.56
C GLU F 148 -5.83 12.62 -50.01
N GLN F 149 -4.57 12.32 -49.69
CA GLN F 149 -3.47 13.17 -50.16
C GLN F 149 -3.46 13.24 -51.67
N ASP F 150 -3.66 12.10 -52.34
CA ASP F 150 -3.72 12.11 -53.79
C ASP F 150 -4.87 12.98 -54.27
N LEU F 151 -6.02 12.89 -53.62
CA LEU F 151 -7.15 13.70 -54.04
C LEU F 151 -6.91 15.17 -53.76
N LEU F 152 -6.04 15.48 -52.80
CA LEU F 152 -5.67 16.87 -52.57
C LEU F 152 -4.60 17.32 -53.55
N ALA F 153 -3.84 16.38 -54.11
CA ALA F 153 -2.86 16.74 -55.12
C ALA F 153 -3.54 17.17 -56.41
N LEU F 154 -4.65 16.54 -56.75
CA LEU F 154 -5.40 16.86 -57.96
C LEU F 154 -5.94 18.28 -57.90
N UNK G 1 -19.03 -56.47 6.61
CA UNK G 1 -17.99 -55.51 6.12
C UNK G 1 -16.68 -55.75 6.88
N UNK G 2 -16.58 -55.23 8.09
CA UNK G 2 -15.39 -55.45 8.90
C UNK G 2 -15.34 -56.90 9.36
N UNK G 3 -14.17 -57.51 9.23
CA UNK G 3 -13.99 -58.93 9.57
C UNK G 3 -13.68 -59.06 11.06
N UNK G 4 -14.73 -58.89 11.86
CA UNK G 4 -14.60 -59.01 13.31
C UNK G 4 -14.32 -60.47 13.68
N UNK G 5 -13.43 -60.66 14.65
CA UNK G 5 -13.09 -61.98 15.14
C UNK G 5 -12.64 -61.86 16.59
N UNK G 6 -12.72 -62.98 17.32
CA UNK G 6 -12.41 -62.98 18.74
C UNK G 6 -11.94 -64.35 19.17
N UNK G 7 -11.32 -64.40 20.36
CA UNK G 7 -10.89 -65.67 20.93
C UNK G 7 -12.10 -66.55 21.21
N UNK G 8 -11.88 -67.86 21.25
CA UNK G 8 -12.95 -68.84 21.36
C UNK G 8 -12.70 -69.80 22.51
N UNK G 9 -13.79 -70.32 23.07
CA UNK G 9 -13.75 -71.40 24.06
C UNK G 9 -13.00 -70.98 25.32
N UNK G 10 -13.50 -69.93 25.97
CA UNK G 10 -12.89 -69.49 27.21
C UNK G 10 -13.15 -70.48 28.32
N UNK G 11 -12.17 -70.66 29.20
CA UNK G 11 -12.28 -71.60 30.30
C UNK G 11 -13.12 -71.01 31.42
N UNK G 12 -13.88 -71.90 32.09
CA UNK G 12 -14.73 -71.52 33.21
C UNK G 12 -13.96 -71.76 34.50
N UNK G 13 -13.62 -70.68 35.19
CA UNK G 13 -12.92 -70.77 36.47
C UNK G 13 -13.24 -69.53 37.29
N UNK G 14 -13.27 -69.70 38.61
CA UNK G 14 -13.58 -68.59 39.50
C UNK G 14 -12.42 -67.60 39.54
N UNK G 15 -12.77 -66.32 39.45
CA UNK G 15 -11.80 -65.22 39.48
C UNK G 15 -10.78 -65.30 38.34
N UNK G 16 -11.19 -65.85 37.20
CA UNK G 16 -10.33 -65.93 36.01
C UNK G 16 -10.79 -64.85 35.03
N UNK G 17 -10.08 -63.73 35.03
CA UNK G 17 -10.45 -62.58 34.21
C UNK G 17 -9.94 -62.78 32.78
N UNK G 18 -10.60 -63.69 32.07
CA UNK G 18 -10.24 -63.96 30.68
C UNK G 18 -10.43 -62.72 29.82
N UNK G 19 -9.44 -62.41 29.00
CA UNK G 19 -9.48 -61.18 28.21
C UNK G 19 -10.62 -61.21 27.20
N UNK G 20 -10.78 -62.32 26.49
CA UNK G 20 -11.77 -62.44 25.41
C UNK G 20 -11.56 -61.33 24.38
N UNK G 21 -10.33 -61.23 23.90
CA UNK G 21 -9.97 -60.17 22.98
C UNK G 21 -10.69 -60.34 21.64
N UNK G 22 -10.99 -59.21 21.00
CA UNK G 22 -11.69 -59.16 19.72
C UNK G 22 -10.80 -58.45 18.71
N UNK G 23 -10.43 -59.16 17.65
CA UNK G 23 -9.67 -58.56 16.57
C UNK G 23 -10.60 -57.81 15.62
N UNK G 24 -9.99 -57.11 14.66
CA UNK G 24 -10.76 -56.32 13.70
C UNK G 24 -9.97 -56.15 12.42
N UNK G 25 -10.70 -55.96 11.32
CA UNK G 25 -10.05 -55.68 10.04
C UNK G 25 -9.55 -54.24 9.95
N UNK G 26 -10.10 -53.34 10.75
CA UNK G 26 -9.64 -51.95 10.79
C UNK G 26 -9.77 -51.45 12.22
N UNK G 27 -9.00 -50.41 12.54
CA UNK G 27 -8.98 -49.86 13.90
C UNK G 27 -10.22 -49.00 14.09
N UNK G 28 -11.34 -49.67 14.32
CA UNK G 28 -12.61 -48.99 14.61
C UNK G 28 -12.59 -48.52 16.07
N UNK G 29 -11.76 -47.51 16.32
CA UNK G 29 -11.52 -47.06 17.69
C UNK G 29 -12.77 -46.45 18.29
N UNK G 30 -13.06 -46.83 19.54
CA UNK G 30 -14.19 -46.32 20.30
C UNK G 30 -15.52 -46.54 19.59
N UNK G 31 -15.63 -47.63 18.82
CA UNK G 31 -16.86 -48.01 18.16
C UNK G 31 -17.31 -49.42 18.53
N UNK G 32 -16.44 -50.22 19.14
CA UNK G 32 -16.81 -51.58 19.51
C UNK G 32 -17.79 -51.56 20.68
N UNK G 33 -18.55 -52.64 20.79
CA UNK G 33 -19.49 -52.81 21.89
C UNK G 33 -19.58 -54.28 22.24
N UNK G 34 -19.33 -54.60 23.51
CA UNK G 34 -19.31 -55.96 24.00
C UNK G 34 -20.60 -56.24 24.77
N UNK G 35 -21.25 -57.35 24.41
CA UNK G 35 -22.52 -57.74 24.98
C UNK G 35 -22.42 -59.18 25.48
N UNK G 36 -23.31 -59.54 26.39
CA UNK G 36 -23.36 -60.87 26.95
C UNK G 36 -24.79 -61.36 26.93
N UNK G 37 -24.96 -62.67 26.79
CA UNK G 37 -26.27 -63.29 26.77
C UNK G 37 -26.21 -64.63 27.48
N UNK G 38 -27.03 -64.79 28.52
CA UNK G 38 -27.19 -66.10 29.13
C UNK G 38 -27.87 -67.04 28.15
N UNK G 39 -27.88 -68.32 28.49
CA UNK G 39 -28.51 -69.30 27.62
C UNK G 39 -30.00 -69.01 27.50
N UNK G 40 -30.48 -68.97 26.26
CA UNK G 40 -31.90 -68.73 25.96
C UNK G 40 -32.38 -67.42 26.55
N UNK G 41 -31.79 -66.31 26.10
CA UNK G 41 -32.22 -64.99 26.52
C UNK G 41 -31.67 -63.94 25.58
N UNK G 42 -32.18 -62.72 25.71
CA UNK G 42 -31.71 -61.61 24.90
C UNK G 42 -30.42 -61.04 25.47
N UNK G 43 -29.50 -60.67 24.59
CA UNK G 43 -28.20 -60.18 25.04
C UNK G 43 -28.35 -58.81 25.70
N UNK G 44 -27.59 -58.62 26.79
CA UNK G 44 -27.55 -57.33 27.48
C UNK G 44 -26.33 -56.54 27.06
N UNK G 45 -26.39 -55.21 27.28
CA UNK G 45 -25.32 -54.30 26.87
C UNK G 45 -24.28 -54.23 27.98
N UNK G 46 -23.29 -55.12 27.88
CA UNK G 46 -22.28 -55.22 28.94
C UNK G 46 -21.37 -54.01 28.96
N UNK G 47 -20.87 -53.59 27.81
CA UNK G 47 -19.93 -52.47 27.75
C UNK G 47 -19.99 -51.84 26.38
N UNK G 48 -19.89 -50.50 26.37
CA UNK G 48 -19.91 -49.70 25.15
C UNK G 48 -18.61 -48.93 25.07
N UNK G 49 -17.94 -49.02 23.91
CA UNK G 49 -16.62 -48.41 23.69
C UNK G 49 -15.68 -48.95 24.76
N UNK G 50 -15.00 -48.11 25.53
CA UNK G 50 -14.18 -48.53 26.67
C UNK G 50 -14.85 -48.23 28.01
N UNK G 51 -16.11 -47.82 27.99
CA UNK G 51 -16.81 -47.40 29.20
C UNK G 51 -17.77 -48.48 29.67
N UNK G 52 -17.89 -48.59 30.99
CA UNK G 52 -18.85 -49.53 31.57
C UNK G 52 -20.28 -49.06 31.30
N UNK G 53 -21.23 -49.95 31.55
CA UNK G 53 -22.63 -49.64 31.29
C UNK G 53 -23.52 -50.51 32.16
N UNK G 54 -24.72 -49.99 32.44
CA UNK G 54 -25.75 -50.71 33.18
C UNK G 54 -25.25 -51.14 34.56
N UNK G 55 -25.21 -52.44 34.85
CA UNK G 55 -24.80 -52.88 36.19
C UNK G 55 -23.31 -52.70 36.39
N UNK G 56 -22.49 -53.39 35.60
CA UNK G 56 -21.03 -53.27 35.67
C UNK G 56 -20.50 -53.65 37.04
N UNK G 57 -21.21 -54.56 37.72
CA UNK G 57 -20.70 -55.09 38.99
C UNK G 57 -19.39 -55.82 38.81
N UNK G 58 -19.26 -56.59 37.73
CA UNK G 58 -18.04 -57.32 37.41
C UNK G 58 -17.82 -57.21 35.90
N UNK G 59 -16.60 -57.54 35.47
CA UNK G 59 -16.24 -57.53 34.06
C UNK G 59 -16.39 -56.13 33.47
N UNK G 60 -15.88 -55.14 34.18
CA UNK G 60 -15.92 -53.75 33.75
C UNK G 60 -14.70 -53.34 32.92
N UNK G 61 -13.81 -54.26 32.59
CA UNK G 61 -12.61 -53.92 31.87
C UNK G 61 -12.88 -53.73 30.38
N UNK G 62 -11.95 -53.09 29.70
CA UNK G 62 -12.07 -52.82 28.27
C UNK G 62 -10.73 -52.34 27.74
N UNK G 63 -10.65 -52.20 26.41
CA UNK G 63 -9.46 -51.66 25.77
C UNK G 63 -9.88 -50.96 24.48
N UNK G 64 -8.97 -50.15 23.95
CA UNK G 64 -9.29 -49.24 22.87
C UNK G 64 -8.64 -49.66 21.56
N UNK G 65 -9.10 -49.05 20.47
CA UNK G 65 -8.56 -49.21 19.11
C UNK G 65 -8.76 -50.66 18.69
N UNK G 66 -7.94 -51.21 17.80
CA UNK G 66 -8.08 -52.59 17.38
C UNK G 66 -7.58 -53.53 18.48
N UNK G 67 -7.94 -54.80 18.35
CA UNK G 67 -7.61 -55.81 19.36
C UNK G 67 -8.16 -55.42 20.73
N UNK G 68 -9.40 -54.94 20.75
CA UNK G 68 -10.04 -54.60 22.01
C UNK G 68 -10.33 -55.86 22.81
N UNK G 69 -10.26 -55.74 24.13
CA UNK G 69 -10.47 -56.85 25.03
C UNK G 69 -11.09 -56.34 26.33
N UNK G 70 -12.00 -57.14 26.89
CA UNK G 70 -12.73 -56.79 28.11
C UNK G 70 -12.57 -57.95 29.09
N UNK G 71 -11.63 -57.80 30.02
CA UNK G 71 -11.37 -58.83 31.00
C UNK G 71 -12.55 -58.98 31.95
N UNK G 72 -12.88 -60.23 32.27
CA UNK G 72 -13.98 -60.55 33.19
C UNK G 72 -13.47 -60.48 34.63
N UNK G 73 -13.16 -59.27 35.07
CA UNK G 73 -12.64 -59.05 36.41
C UNK G 73 -13.67 -59.48 37.45
N UNK G 74 -13.19 -60.16 38.48
CA UNK G 74 -14.04 -60.70 39.55
C UNK G 74 -15.08 -61.66 38.96
N UNK G 75 -14.61 -62.72 38.31
CA UNK G 75 -15.51 -63.68 37.70
C UNK G 75 -16.31 -64.42 38.77
N UNK G 76 -17.51 -64.84 38.40
CA UNK G 76 -18.38 -65.58 39.31
C UNK G 76 -19.26 -66.52 38.48
N UNK G 77 -19.88 -67.47 39.17
CA UNK G 77 -20.69 -68.47 38.47
C UNK G 77 -21.87 -67.84 37.75
N UNK G 78 -22.41 -66.74 38.28
CA UNK G 78 -23.56 -66.10 37.65
C UNK G 78 -23.22 -65.48 36.30
N UNK G 79 -21.95 -65.18 36.05
CA UNK G 79 -21.52 -64.48 34.84
C UNK G 79 -21.28 -65.42 33.65
N UNK G 80 -21.56 -66.71 33.80
CA UNK G 80 -21.25 -67.69 32.74
C UNK G 80 -22.25 -67.50 31.59
N UNK G 81 -21.95 -66.50 30.77
CA UNK G 81 -22.81 -66.09 29.66
C UNK G 81 -22.02 -66.05 28.35
N UNK G 82 -22.69 -66.45 27.28
CA UNK G 82 -22.08 -66.37 25.96
C UNK G 82 -21.85 -64.93 25.56
N UNK G 83 -20.61 -64.60 25.22
CA UNK G 83 -20.24 -63.23 24.89
C UNK G 83 -20.47 -62.96 23.40
N UNK G 84 -20.38 -61.67 23.04
CA UNK G 84 -20.51 -61.24 21.67
C UNK G 84 -19.98 -59.82 21.55
N UNK G 85 -19.65 -59.42 20.33
CA UNK G 85 -19.11 -58.09 20.07
C UNK G 85 -19.71 -57.56 18.78
N UNK G 86 -19.75 -56.22 18.67
CA UNK G 86 -20.27 -55.56 17.49
C UNK G 86 -19.43 -54.33 17.20
N UNK G 87 -19.17 -54.11 15.91
CA UNK G 87 -18.34 -53.00 15.43
C UNK G 87 -19.25 -51.97 14.78
N UNK G 88 -19.40 -50.81 15.43
CA UNK G 88 -20.36 -49.82 14.98
C UNK G 88 -19.87 -49.03 13.76
N UNK G 89 -18.55 -48.89 13.60
CA UNK G 89 -18.04 -48.08 12.49
C UNK G 89 -18.38 -48.69 11.15
N UNK G 90 -18.43 -50.01 11.06
CA UNK G 90 -18.75 -50.68 9.80
C UNK G 90 -20.18 -50.37 9.39
N UNK G 91 -20.41 -50.21 8.08
CA UNK G 91 -21.75 -49.96 7.60
C UNK G 91 -22.68 -51.14 7.87
N UNK G 92 -22.18 -52.36 7.66
CA UNK G 92 -23.00 -53.55 7.84
C UNK G 92 -23.16 -53.94 9.31
N UNK G 93 -22.35 -53.40 10.21
CA UNK G 93 -22.42 -53.71 11.63
C UNK G 93 -22.22 -55.20 11.88
N UNK G 94 -21.08 -55.71 11.43
CA UNK G 94 -20.75 -57.12 11.64
C UNK G 94 -20.54 -57.40 13.12
N UNK G 95 -21.02 -58.56 13.57
CA UNK G 95 -20.90 -58.99 14.95
C UNK G 95 -20.10 -60.29 15.00
N UNK G 96 -19.17 -60.36 15.95
CA UNK G 96 -18.23 -61.46 16.02
C UNK G 96 -18.86 -62.68 16.66
N UNK G 97 -18.23 -63.84 16.47
CA UNK G 97 -18.64 -65.10 17.09
C UNK G 97 -17.81 -65.34 18.35
N UNK G 98 -17.98 -64.46 19.32
CA UNK G 98 -17.13 -64.48 20.50
C UNK G 98 -17.33 -65.74 21.32
N UNK G 99 -16.48 -65.90 22.34
CA UNK G 99 -16.43 -67.15 23.08
C UNK G 99 -17.62 -67.27 24.04
N UNK G 100 -17.71 -68.44 24.67
CA UNK G 100 -18.65 -68.68 25.75
C UNK G 100 -17.90 -68.91 27.06
N UNK G 101 -18.18 -68.06 28.03
CA UNK G 101 -17.51 -68.13 29.33
C UNK G 101 -17.80 -69.42 30.07
N UNK G 102 -18.94 -70.05 29.82
CA UNK G 102 -19.29 -71.30 30.48
C UNK G 102 -18.31 -72.40 30.07
N UNK H 1 -37.34 -48.49 30.12
CA UNK H 1 -38.07 -48.84 28.86
C UNK H 1 -37.40 -50.01 28.16
N UNK H 2 -38.19 -51.01 27.78
CA UNK H 2 -37.69 -52.19 27.11
C UNK H 2 -38.70 -52.63 26.07
N UNK H 3 -38.19 -53.21 24.98
CA UNK H 3 -39.01 -53.65 23.86
C UNK H 3 -39.42 -55.11 24.01
N UNK H 4 -40.71 -55.36 23.83
CA UNK H 4 -41.27 -56.71 23.83
C UNK H 4 -41.52 -57.15 22.40
N UNK H 5 -41.50 -58.47 22.20
CA UNK H 5 -41.59 -59.07 20.87
C UNK H 5 -42.81 -59.98 20.80
N UNK H 6 -43.18 -60.34 19.58
CA UNK H 6 -44.34 -61.18 19.34
C UNK H 6 -44.01 -62.65 19.61
N UNK H 7 -45.05 -63.48 19.64
CA UNK H 7 -44.89 -64.88 19.97
C UNK H 7 -44.36 -65.67 18.77
N UNK H 8 -43.89 -66.89 19.05
CA UNK H 8 -43.37 -67.76 18.01
C UNK H 8 -44.49 -68.27 17.12
N UNK H 9 -44.13 -68.67 15.91
CA UNK H 9 -45.09 -69.23 14.97
C UNK H 9 -44.35 -70.11 13.97
N UNK H 10 -44.78 -71.35 13.85
CA UNK H 10 -44.15 -72.33 12.96
C UNK H 10 -44.89 -72.32 11.63
N UNK H 11 -44.33 -71.63 10.64
CA UNK H 11 -44.94 -71.56 9.33
C UNK H 11 -44.63 -72.83 8.53
N UNK H 12 -45.53 -73.16 7.61
CA UNK H 12 -45.29 -74.27 6.70
C UNK H 12 -44.19 -73.89 5.71
N UNK H 13 -43.63 -74.91 5.07
CA UNK H 13 -42.55 -74.69 4.12
C UNK H 13 -43.02 -73.81 2.97
N UNK H 14 -42.20 -72.83 2.61
CA UNK H 14 -42.46 -71.85 1.56
C UNK H 14 -43.69 -70.99 1.85
N UNK H 15 -44.11 -70.89 3.11
CA UNK H 15 -45.24 -70.05 3.49
C UNK H 15 -44.74 -68.74 4.08
N UNK H 16 -45.44 -67.66 3.76
CA UNK H 16 -45.07 -66.35 4.28
C UNK H 16 -45.28 -66.30 5.78
N UNK H 17 -44.54 -65.40 6.43
CA UNK H 17 -44.64 -65.25 7.88
C UNK H 17 -44.31 -63.82 8.26
N UNK H 18 -44.72 -63.43 9.47
CA UNK H 18 -44.49 -62.08 9.95
C UNK H 18 -44.33 -62.10 11.46
N UNK H 19 -43.62 -61.10 11.97
CA UNK H 19 -43.41 -60.93 13.40
C UNK H 19 -43.35 -59.43 13.69
N UNK H 20 -43.55 -59.08 14.96
CA UNK H 20 -43.65 -57.67 15.34
C UNK H 20 -43.14 -57.48 16.76
N UNK H 21 -42.75 -56.23 17.04
CA UNK H 21 -42.26 -55.84 18.36
C UNK H 21 -42.75 -54.43 18.67
N UNK H 22 -42.83 -54.12 19.96
CA UNK H 22 -43.29 -52.81 20.42
C UNK H 22 -42.55 -52.44 21.69
N UNK H 23 -42.31 -51.14 21.87
CA UNK H 23 -41.45 -50.65 22.93
C UNK H 23 -42.13 -49.51 23.67
N UNK H 24 -41.75 -49.35 24.94
CA UNK H 24 -42.24 -48.28 25.80
C UNK H 24 -41.33 -47.06 25.84
N UNK H 25 -40.23 -47.05 25.10
CA UNK H 25 -39.36 -45.88 25.04
C UNK H 25 -39.98 -44.84 24.11
N UNK H 26 -39.25 -43.74 23.92
CA UNK H 26 -39.66 -42.69 22.98
C UNK H 26 -39.36 -43.18 21.58
N UNK H 27 -40.31 -43.92 21.00
CA UNK H 27 -40.08 -44.60 19.74
C UNK H 27 -39.87 -43.64 18.58
N UNK H 28 -40.24 -42.37 18.72
CA UNK H 28 -39.99 -41.40 17.65
C UNK H 28 -38.50 -41.18 17.46
N UNK H 29 -37.72 -41.24 18.54
CA UNK H 29 -36.27 -41.16 18.47
C UNK H 29 -35.67 -42.56 18.46
N UNK H 30 -34.35 -42.62 18.36
CA UNK H 30 -33.60 -43.88 18.33
C UNK H 30 -34.05 -44.65 17.09
N UNK H 31 -33.80 -45.97 17.04
CA UNK H 31 -34.23 -46.78 15.92
C UNK H 31 -34.28 -48.24 16.35
N UNK H 32 -34.86 -49.07 15.49
CA UNK H 32 -35.04 -50.49 15.77
C UNK H 32 -34.16 -51.30 14.82
N UNK H 33 -33.06 -51.84 15.35
CA UNK H 33 -32.25 -52.80 14.63
C UNK H 33 -32.76 -54.21 14.88
N UNK H 34 -32.51 -55.09 13.90
CA UNK H 34 -32.98 -56.47 13.97
C UNK H 34 -31.80 -57.39 13.70
N UNK H 35 -31.79 -58.53 14.39
CA UNK H 35 -30.73 -59.52 14.24
C UNK H 35 -31.37 -60.90 14.33
N UNK H 36 -30.63 -61.90 13.84
CA UNK H 36 -31.13 -63.26 13.85
C UNK H 36 -29.97 -64.20 14.12
N UNK H 37 -30.25 -65.26 14.90
CA UNK H 37 -29.22 -66.21 15.29
C UNK H 37 -29.82 -67.60 15.34
N UNK H 38 -29.26 -68.51 14.53
CA UNK H 38 -29.64 -69.91 14.61
C UNK H 38 -29.11 -70.52 15.91
N UNK H 39 -29.58 -71.72 16.21
CA UNK H 39 -29.15 -72.41 17.41
C UNK H 39 -27.65 -72.67 17.36
N UNK H 40 -26.93 -72.15 18.35
CA UNK H 40 -25.48 -72.24 18.40
C UNK H 40 -24.85 -71.65 17.15
N UNK H 41 -25.08 -70.35 16.94
CA UNK H 41 -24.51 -69.65 15.81
C UNK H 41 -24.41 -68.17 16.14
N UNK H 42 -23.46 -67.50 15.52
CA UNK H 42 -23.28 -66.08 15.74
C UNK H 42 -24.44 -65.30 15.14
N UNK H 43 -24.85 -64.25 15.84
CA UNK H 43 -25.96 -63.43 15.35
C UNK H 43 -25.55 -62.68 14.10
N UNK H 44 -26.40 -62.78 13.07
CA UNK H 44 -26.18 -62.07 11.81
C UNK H 44 -26.90 -60.74 11.85
N UNK H 45 -26.19 -59.68 11.50
CA UNK H 45 -26.73 -58.34 11.60
C UNK H 45 -27.55 -57.99 10.36
N UNK H 46 -28.75 -57.47 10.61
CA UNK H 46 -29.57 -56.86 9.59
C UNK H 46 -29.43 -55.35 9.70
N UNK H 47 -30.26 -54.63 8.93
CA UNK H 47 -30.22 -53.18 8.91
C UNK H 47 -31.39 -52.60 9.69
N UNK H 48 -31.13 -51.52 10.41
CA UNK H 48 -32.14 -50.87 11.21
C UNK H 48 -33.14 -50.12 10.35
N UNK H 49 -34.41 -50.23 10.71
CA UNK H 49 -35.46 -49.37 10.17
C UNK H 49 -35.60 -48.17 11.08
N UNK H 50 -35.29 -46.99 10.55
CA UNK H 50 -35.30 -45.79 11.36
C UNK H 50 -36.71 -45.49 11.86
N UNK H 51 -36.78 -44.68 12.92
CA UNK H 51 -38.07 -44.18 13.35
C UNK H 51 -38.73 -43.35 12.25
N UNK H 52 -37.93 -42.66 11.44
CA UNK H 52 -38.43 -42.05 10.23
C UNK H 52 -38.87 -43.13 9.24
N UNK H 53 -39.48 -42.70 8.14
CA UNK H 53 -40.08 -43.64 7.21
C UNK H 53 -39.04 -44.54 6.55
N UNK H 54 -37.89 -43.98 6.17
CA UNK H 54 -36.91 -44.74 5.41
C UNK H 54 -36.37 -45.91 6.22
N UNK H 55 -36.25 -47.06 5.56
CA UNK H 55 -35.78 -48.29 6.19
C UNK H 55 -34.71 -48.92 5.33
N UNK H 56 -33.59 -49.27 5.95
CA UNK H 56 -32.47 -49.92 5.27
C UNK H 56 -32.64 -51.43 5.30
N UNK H 57 -31.80 -52.11 4.53
CA UNK H 57 -31.79 -53.56 4.47
C UNK H 57 -30.36 -54.03 4.27
N UNK H 58 -29.98 -55.09 4.99
CA UNK H 58 -28.65 -55.66 4.86
C UNK H 58 -28.54 -56.45 3.56
N UNK H 59 -27.35 -56.41 2.96
CA UNK H 59 -27.14 -57.10 1.68
C UNK H 59 -27.28 -58.60 1.83
N UNK H 60 -26.93 -59.13 3.01
CA UNK H 60 -27.06 -60.57 3.23
C UNK H 60 -28.52 -60.99 3.19
N UNK H 61 -29.40 -60.25 3.86
CA UNK H 61 -30.82 -60.58 3.83
C UNK H 61 -31.39 -60.43 2.42
N UNK H 62 -31.00 -59.36 1.72
CA UNK H 62 -31.35 -59.13 0.31
C UNK H 62 -32.88 -59.10 0.18
N UNK H 63 -33.46 -59.78 -0.81
CA UNK H 63 -34.90 -59.72 -1.03
C UNK H 63 -35.62 -60.74 -0.17
N UNK H 64 -36.96 -60.70 -0.23
CA UNK H 64 -37.83 -61.61 0.51
C UNK H 64 -37.64 -61.45 2.02
N UNK H 65 -37.25 -60.25 2.46
CA UNK H 65 -37.23 -59.87 3.87
C UNK H 65 -37.66 -58.41 3.97
N UNK H 66 -38.94 -58.19 4.25
CA UNK H 66 -39.49 -56.85 4.37
C UNK H 66 -39.51 -56.41 5.83
N UNK H 67 -39.34 -55.10 6.03
CA UNK H 67 -39.39 -54.51 7.36
C UNK H 67 -40.10 -53.17 7.27
N UNK H 68 -40.91 -52.86 8.29
CA UNK H 68 -41.70 -51.64 8.27
C UNK H 68 -42.02 -51.21 9.69
N UNK H 69 -41.84 -49.91 9.93
CA UNK H 69 -42.29 -49.32 11.18
C UNK H 69 -43.81 -49.21 11.20
N UNK H 70 -44.35 -48.74 12.32
CA UNK H 70 -45.78 -48.59 12.48
C UNK H 70 -46.06 -47.78 13.74
N UNK H 71 -47.11 -46.97 13.67
CA UNK H 71 -47.46 -46.05 14.75
C UNK H 71 -47.80 -46.82 16.01
N UNK H 72 -47.96 -46.07 17.10
CA UNK H 72 -48.11 -46.62 18.44
C UNK H 72 -46.86 -47.42 18.85
N UNK H 73 -45.71 -46.97 18.33
CA UNK H 73 -44.40 -47.51 18.70
C UNK H 73 -44.32 -49.02 18.44
N UNK H 74 -44.46 -49.37 17.16
CA UNK H 74 -44.39 -50.76 16.73
C UNK H 74 -43.51 -50.87 15.50
N UNK H 75 -42.91 -52.05 15.33
CA UNK H 75 -42.17 -52.38 14.13
C UNK H 75 -42.49 -53.82 13.77
N UNK H 76 -42.34 -54.15 12.50
CA UNK H 76 -42.69 -55.48 12.01
C UNK H 76 -41.74 -55.90 10.91
N UNK H 77 -41.55 -57.21 10.82
CA UNK H 77 -40.74 -57.84 9.78
C UNK H 77 -41.54 -58.98 9.19
N UNK H 78 -41.21 -59.33 7.94
CA UNK H 78 -41.95 -60.35 7.22
C UNK H 78 -41.03 -61.07 6.25
N UNK H 79 -41.23 -62.39 6.17
CA UNK H 79 -40.55 -63.25 5.21
C UNK H 79 -41.57 -63.71 4.18
N UNK H 80 -41.29 -63.42 2.91
CA UNK H 80 -42.22 -63.76 1.83
C UNK H 80 -42.39 -65.27 1.70
N UNK H 81 -41.28 -66.01 1.74
CA UNK H 81 -41.32 -67.47 1.69
C UNK H 81 -40.32 -67.99 2.70
N UNK H 82 -40.83 -68.67 3.74
CA UNK H 82 -39.97 -69.09 4.84
C UNK H 82 -38.90 -70.07 4.38
N UNK H 83 -39.28 -71.06 3.59
CA UNK H 83 -38.38 -72.11 3.10
C UNK H 83 -37.71 -72.76 4.31
N UNK H 84 -36.42 -73.10 4.25
CA UNK H 84 -35.69 -73.69 5.36
C UNK H 84 -34.67 -72.76 5.99
N UNK H 85 -34.25 -71.72 5.27
CA UNK H 85 -33.26 -70.79 5.83
C UNK H 85 -33.84 -70.03 7.03
N UNK H 86 -35.04 -69.46 6.88
CA UNK H 86 -35.67 -68.68 7.94
C UNK H 86 -36.24 -69.63 8.98
N UNK H 87 -35.34 -70.27 9.71
CA UNK H 87 -35.68 -71.22 10.76
C UNK H 87 -34.85 -70.94 12.00
N UNK H 88 -34.73 -69.66 12.36
CA UNK H 88 -33.87 -69.22 13.44
C UNK H 88 -34.54 -68.11 14.22
N UNK H 89 -34.15 -67.99 15.48
CA UNK H 89 -34.68 -66.94 16.33
C UNK H 89 -34.26 -65.57 15.81
N UNK H 90 -35.19 -64.60 15.90
CA UNK H 90 -34.95 -63.24 15.48
C UNK H 90 -35.35 -62.30 16.61
N UNK H 91 -34.49 -61.30 16.86
CA UNK H 91 -34.65 -60.40 17.99
C UNK H 91 -34.42 -58.96 17.55
N UNK H 92 -35.15 -58.05 18.19
CA UNK H 92 -35.01 -56.62 17.95
C UNK H 92 -34.26 -55.95 19.10
N UNK H 93 -33.60 -54.84 18.77
CA UNK H 93 -32.84 -54.07 19.75
C UNK H 93 -32.89 -52.60 19.36
N UNK H 94 -32.67 -51.73 20.34
CA UNK H 94 -32.73 -50.30 20.10
C UNK H 94 -31.36 -49.78 19.70
N UNK H 95 -31.25 -49.30 18.47
CA UNK H 95 -30.06 -48.62 17.98
C UNK H 95 -30.14 -47.18 18.46
N UNK H 96 -29.18 -46.79 19.29
CA UNK H 96 -29.20 -45.48 19.94
C UNK H 96 -27.79 -45.05 20.26
N UNK H 97 -27.65 -43.76 20.58
CA UNK H 97 -26.34 -43.24 20.95
C UNK H 97 -25.91 -43.82 22.28
N UNK H 98 -24.60 -43.97 22.44
CA UNK H 98 -24.05 -44.50 23.69
C UNK H 98 -22.65 -43.95 23.89
N UNK H 99 -22.21 -43.98 25.14
CA UNK H 99 -20.85 -43.62 25.56
C UNK H 99 -20.58 -42.18 25.12
N UNK H 100 -19.54 -41.91 24.32
CA UNK H 100 -19.25 -40.57 23.83
C UNK H 100 -19.97 -40.34 22.50
N UNK H 101 -21.27 -40.57 22.51
CA UNK H 101 -22.14 -40.30 21.36
C UNK H 101 -21.71 -41.09 20.13
N UNK H 102 -21.85 -42.41 20.21
CA UNK H 102 -21.65 -43.29 19.07
C UNK H 102 -22.86 -44.21 18.92
N UNK H 103 -23.27 -44.45 17.68
CA UNK H 103 -24.44 -45.30 17.46
C UNK H 103 -24.10 -46.75 17.79
N UNK H 104 -24.93 -47.37 18.62
CA UNK H 104 -24.72 -48.75 19.03
C UNK H 104 -26.04 -49.39 19.40
N UNK H 105 -26.08 -50.72 19.36
CA UNK H 105 -27.26 -51.45 19.77
C UNK H 105 -27.31 -51.56 21.28
N UNK H 106 -28.53 -51.59 21.82
CA UNK H 106 -28.72 -51.74 23.26
C UNK H 106 -30.11 -52.30 23.53
N UNK H 107 -30.26 -52.85 24.74
CA UNK H 107 -31.55 -53.31 25.26
C UNK H 107 -32.25 -54.26 24.28
N UNK H 108 -31.54 -55.34 23.93
CA UNK H 108 -32.09 -56.30 22.98
C UNK H 108 -33.32 -56.98 23.57
N UNK H 109 -34.33 -57.18 22.72
CA UNK H 109 -35.60 -57.75 23.16
C UNK H 109 -35.57 -59.28 23.05
N UNK H 110 -36.55 -59.91 23.70
CA UNK H 110 -36.69 -61.35 23.60
C UNK H 110 -36.99 -61.74 22.16
N UNK H 111 -36.35 -62.82 21.72
CA UNK H 111 -36.46 -63.23 20.33
C UNK H 111 -37.81 -63.88 20.06
N UNK H 112 -38.15 -63.96 18.76
CA UNK H 112 -39.41 -64.57 18.34
C UNK H 112 -39.35 -66.08 18.24
N UNK H 113 -38.18 -66.66 18.00
CA UNK H 113 -38.02 -68.10 17.88
C UNK H 113 -38.90 -68.66 16.76
N UNK H 114 -38.79 -68.05 15.58
CA UNK H 114 -39.52 -68.54 14.42
C UNK H 114 -38.98 -69.90 13.98
N UNK H 115 -39.86 -70.69 13.38
CA UNK H 115 -39.49 -72.01 12.88
C UNK H 115 -40.25 -72.27 11.58
N UNK H 116 -39.72 -73.20 10.79
CA UNK H 116 -40.30 -73.54 9.49
C UNK H 116 -40.40 -75.05 9.38
N UNK H 117 -41.43 -75.50 8.67
CA UNK H 117 -41.67 -76.92 8.47
C UNK H 117 -42.10 -77.20 7.04
#